data_5UEV
# 
_entry.id   5UEV 
# 
_audit_conform.dict_name       mmcif_pdbx.dic 
_audit_conform.dict_version    5.389 
_audit_conform.dict_location   http://mmcif.pdb.org/dictionaries/ascii/mmcif_pdbx.dic 
# 
loop_
_database_2.database_id 
_database_2.database_code 
_database_2.pdbx_database_accession 
_database_2.pdbx_DOI 
PDB   5UEV         pdb_00005uev 10.2210/pdb5uev/pdb 
WWPDB D_1000224263 ?            ?                   
# 
loop_
_pdbx_audit_revision_history.ordinal 
_pdbx_audit_revision_history.data_content_type 
_pdbx_audit_revision_history.major_revision 
_pdbx_audit_revision_history.minor_revision 
_pdbx_audit_revision_history.revision_date 
1 'Structure model' 1 0 2017-06-14 
2 'Structure model' 1 1 2024-03-06 
3 'Structure model' 1 2 2024-04-03 
# 
_pdbx_audit_revision_details.ordinal             1 
_pdbx_audit_revision_details.revision_ordinal    1 
_pdbx_audit_revision_details.data_content_type   'Structure model' 
_pdbx_audit_revision_details.provider            repository 
_pdbx_audit_revision_details.type                'Initial release' 
_pdbx_audit_revision_details.description         ? 
_pdbx_audit_revision_details.details             ? 
# 
loop_
_pdbx_audit_revision_group.ordinal 
_pdbx_audit_revision_group.revision_ordinal 
_pdbx_audit_revision_group.data_content_type 
_pdbx_audit_revision_group.group 
1 2 'Structure model' 'Data collection'        
2 2 'Structure model' 'Database references'    
3 3 'Structure model' 'Refinement description' 
# 
loop_
_pdbx_audit_revision_category.ordinal 
_pdbx_audit_revision_category.revision_ordinal 
_pdbx_audit_revision_category.data_content_type 
_pdbx_audit_revision_category.category 
1 2 'Structure model' chem_comp_atom                
2 2 'Structure model' chem_comp_bond                
3 2 'Structure model' database_2                    
4 3 'Structure model' pdbx_initial_refinement_model 
# 
loop_
_pdbx_audit_revision_item.ordinal 
_pdbx_audit_revision_item.revision_ordinal 
_pdbx_audit_revision_item.data_content_type 
_pdbx_audit_revision_item.item 
1 2 'Structure model' '_database_2.pdbx_DOI'                
2 2 'Structure model' '_database_2.pdbx_database_accession' 
# 
_pdbx_database_status.status_code                     REL 
_pdbx_database_status.status_code_sf                  REL 
_pdbx_database_status.status_code_mr                  ? 
_pdbx_database_status.entry_id                        5UEV 
_pdbx_database_status.recvd_initial_deposition_date   2017-01-03 
_pdbx_database_status.SG_entry                        N 
_pdbx_database_status.deposit_site                    RCSB 
_pdbx_database_status.process_site                    RCSB 
_pdbx_database_status.status_code_cs                  ? 
_pdbx_database_status.methods_development_category    ? 
_pdbx_database_status.pdb_format_compatible           Y 
_pdbx_database_status.status_code_nmr_data            ? 
# 
loop_
_pdbx_database_related.content_type 
_pdbx_database_related.db_id 
_pdbx_database_related.db_name 
_pdbx_database_related.details 
unspecified 5UF0 PDB . 
unspecified 5UEZ PDB . 
unspecified 5UEY PDB . 
unspecified 5UEX PDB . 
unspecified 5UEP PDB . 
unspecified 5UET PDB . 
unspecified 5UES PDB . 
unspecified 5UER PDB . 
unspecified 5UEQ PDB . 
unspecified 5UEU PDB . 
unspecified 5UEO PDB . 
unspecified 5UEW PDB . 
# 
_audit_author.name               'Park, C.H.' 
_audit_author.pdbx_ordinal       1 
_audit_author.identifier_ORCID   ? 
# 
_citation.abstract                  ? 
_citation.abstract_id_CAS           ? 
_citation.book_id_ISBN              ? 
_citation.book_publisher            ? 
_citation.book_publisher_city       ? 
_citation.book_title                ? 
_citation.coordinate_linkage        ? 
_citation.country                   ? 
_citation.database_id_Medline       ? 
_citation.details                   ? 
_citation.id                        primary 
_citation.journal_abbrev            'To Be Published' 
_citation.journal_id_ASTM           ? 
_citation.journal_id_CSD            0353 
_citation.journal_id_ISSN           ? 
_citation.journal_full              ? 
_citation.journal_issue             ? 
_citation.journal_volume            ? 
_citation.language                  ? 
_citation.page_first                ? 
_citation.page_last                 ? 
_citation.title                     'Complex structure of BRD4_BD2_A-556343' 
_citation.year                      ? 
_citation.database_id_CSD           ? 
_citation.pdbx_database_id_DOI      ? 
_citation.pdbx_database_id_PubMed   ? 
_citation.unpublished_flag          ? 
# 
_citation_author.citation_id        primary 
_citation_author.name               'Park, C.H.' 
_citation_author.ordinal            1 
_citation_author.identifier_ORCID   ? 
# 
loop_
_entity.id 
_entity.type 
_entity.src_method 
_entity.pdbx_description 
_entity.formula_weight 
_entity.pdbx_number_of_molecules 
_entity.pdbx_ec 
_entity.pdbx_mutation 
_entity.pdbx_fragment 
_entity.details 
1 polymer     man 'Bromodomain-containing protein 4'                         12806.933 1   ? ? 'residues 352-457' ? 
2 non-polymer syn '1-[5-(2-aminophenyl)-2-methyl-1H-pyrrol-3-yl]ethan-1-one' 214.263   1   ? ? ?                  ? 
3 water       nat water                                                      18.015    103 ? ? ?                  ? 
# 
_entity_name_com.entity_id   1 
_entity_name_com.name        'Protein HUNK1' 
# 
_entity_poly.entity_id                      1 
_entity_poly.type                           'polypeptide(L)' 
_entity_poly.nstd_linkage                   no 
_entity_poly.nstd_monomer                   no 
_entity_poly.pdbx_seq_one_letter_code       
;SHMEQLKCCSGILKEMFAKKHAAYAWPFYKPVDVEALGLHDYCDIIKHPMDMSTIKSKLEAREYRDAQEFGADVRLMFSN
CYKYNPPDHEVVAMARKLQDVFEMRFAKM
;
_entity_poly.pdbx_seq_one_letter_code_can   
;SHMEQLKCCSGILKEMFAKKHAAYAWPFYKPVDVEALGLHDYCDIIKHPMDMSTIKSKLEAREYRDAQEFGADVRLMFSN
CYKYNPPDHEVVAMARKLQDVFEMRFAKM
;
_entity_poly.pdbx_strand_id                 A 
_entity_poly.pdbx_target_identifier         ? 
# 
loop_
_pdbx_entity_nonpoly.entity_id 
_pdbx_entity_nonpoly.name 
_pdbx_entity_nonpoly.comp_id 
2 '1-[5-(2-aminophenyl)-2-methyl-1H-pyrrol-3-yl]ethan-1-one' 88Y 
3 water                                                      HOH 
# 
loop_
_entity_poly_seq.entity_id 
_entity_poly_seq.num 
_entity_poly_seq.mon_id 
_entity_poly_seq.hetero 
1 1   SER n 
1 2   HIS n 
1 3   MET n 
1 4   GLU n 
1 5   GLN n 
1 6   LEU n 
1 7   LYS n 
1 8   CYS n 
1 9   CYS n 
1 10  SER n 
1 11  GLY n 
1 12  ILE n 
1 13  LEU n 
1 14  LYS n 
1 15  GLU n 
1 16  MET n 
1 17  PHE n 
1 18  ALA n 
1 19  LYS n 
1 20  LYS n 
1 21  HIS n 
1 22  ALA n 
1 23  ALA n 
1 24  TYR n 
1 25  ALA n 
1 26  TRP n 
1 27  PRO n 
1 28  PHE n 
1 29  TYR n 
1 30  LYS n 
1 31  PRO n 
1 32  VAL n 
1 33  ASP n 
1 34  VAL n 
1 35  GLU n 
1 36  ALA n 
1 37  LEU n 
1 38  GLY n 
1 39  LEU n 
1 40  HIS n 
1 41  ASP n 
1 42  TYR n 
1 43  CYS n 
1 44  ASP n 
1 45  ILE n 
1 46  ILE n 
1 47  LYS n 
1 48  HIS n 
1 49  PRO n 
1 50  MET n 
1 51  ASP n 
1 52  MET n 
1 53  SER n 
1 54  THR n 
1 55  ILE n 
1 56  LYS n 
1 57  SER n 
1 58  LYS n 
1 59  LEU n 
1 60  GLU n 
1 61  ALA n 
1 62  ARG n 
1 63  GLU n 
1 64  TYR n 
1 65  ARG n 
1 66  ASP n 
1 67  ALA n 
1 68  GLN n 
1 69  GLU n 
1 70  PHE n 
1 71  GLY n 
1 72  ALA n 
1 73  ASP n 
1 74  VAL n 
1 75  ARG n 
1 76  LEU n 
1 77  MET n 
1 78  PHE n 
1 79  SER n 
1 80  ASN n 
1 81  CYS n 
1 82  TYR n 
1 83  LYS n 
1 84  TYR n 
1 85  ASN n 
1 86  PRO n 
1 87  PRO n 
1 88  ASP n 
1 89  HIS n 
1 90  GLU n 
1 91  VAL n 
1 92  VAL n 
1 93  ALA n 
1 94  MET n 
1 95  ALA n 
1 96  ARG n 
1 97  LYS n 
1 98  LEU n 
1 99  GLN n 
1 100 ASP n 
1 101 VAL n 
1 102 PHE n 
1 103 GLU n 
1 104 MET n 
1 105 ARG n 
1 106 PHE n 
1 107 ALA n 
1 108 LYS n 
1 109 MET n 
# 
_entity_src_gen.entity_id                          1 
_entity_src_gen.pdbx_src_id                        1 
_entity_src_gen.pdbx_alt_source_flag               sample 
_entity_src_gen.pdbx_seq_type                      'Biological sequence' 
_entity_src_gen.pdbx_beg_seq_num                   1 
_entity_src_gen.pdbx_end_seq_num                   109 
_entity_src_gen.gene_src_common_name               Human 
_entity_src_gen.gene_src_genus                     ? 
_entity_src_gen.pdbx_gene_src_gene                 'BRD4, HUNK1' 
_entity_src_gen.gene_src_species                   ? 
_entity_src_gen.gene_src_strain                    ? 
_entity_src_gen.gene_src_tissue                    ? 
_entity_src_gen.gene_src_tissue_fraction           ? 
_entity_src_gen.gene_src_details                   ? 
_entity_src_gen.pdbx_gene_src_fragment             ? 
_entity_src_gen.pdbx_gene_src_scientific_name      'Homo sapiens' 
_entity_src_gen.pdbx_gene_src_ncbi_taxonomy_id     9606 
_entity_src_gen.pdbx_gene_src_variant              ? 
_entity_src_gen.pdbx_gene_src_cell_line            ? 
_entity_src_gen.pdbx_gene_src_atcc                 ? 
_entity_src_gen.pdbx_gene_src_organ                ? 
_entity_src_gen.pdbx_gene_src_organelle            ? 
_entity_src_gen.pdbx_gene_src_cell                 ? 
_entity_src_gen.pdbx_gene_src_cellular_location    ? 
_entity_src_gen.host_org_common_name               ? 
_entity_src_gen.pdbx_host_org_scientific_name      'Enterobacteria phage L1' 
_entity_src_gen.pdbx_host_org_ncbi_taxonomy_id     268588 
_entity_src_gen.host_org_genus                     ? 
_entity_src_gen.pdbx_host_org_gene                 ? 
_entity_src_gen.pdbx_host_org_organ                ? 
_entity_src_gen.host_org_species                   ? 
_entity_src_gen.pdbx_host_org_tissue               ? 
_entity_src_gen.pdbx_host_org_tissue_fraction      ? 
_entity_src_gen.pdbx_host_org_strain               ? 
_entity_src_gen.pdbx_host_org_variant              ? 
_entity_src_gen.pdbx_host_org_cell_line            ? 
_entity_src_gen.pdbx_host_org_atcc                 ? 
_entity_src_gen.pdbx_host_org_culture_collection   ? 
_entity_src_gen.pdbx_host_org_cell                 ? 
_entity_src_gen.pdbx_host_org_organelle            ? 
_entity_src_gen.pdbx_host_org_cellular_location    ? 
_entity_src_gen.pdbx_host_org_vector_type          ? 
_entity_src_gen.pdbx_host_org_vector               ? 
_entity_src_gen.host_org_details                   ? 
_entity_src_gen.expression_system_id               ? 
_entity_src_gen.plasmid_name                       ? 
_entity_src_gen.plasmid_details                    ? 
_entity_src_gen.pdbx_description                   ? 
# 
loop_
_chem_comp.id 
_chem_comp.type 
_chem_comp.mon_nstd_flag 
_chem_comp.name 
_chem_comp.pdbx_synonyms 
_chem_comp.formula 
_chem_comp.formula_weight 
88Y non-polymer         . '1-[5-(2-aminophenyl)-2-methyl-1H-pyrrol-3-yl]ethan-1-one' ? 'C13 H14 N2 O'   214.263 
ALA 'L-peptide linking' y ALANINE                                                    ? 'C3 H7 N O2'     89.093  
ARG 'L-peptide linking' y ARGININE                                                   ? 'C6 H15 N4 O2 1' 175.209 
ASN 'L-peptide linking' y ASPARAGINE                                                 ? 'C4 H8 N2 O3'    132.118 
ASP 'L-peptide linking' y 'ASPARTIC ACID'                                            ? 'C4 H7 N O4'     133.103 
CYS 'L-peptide linking' y CYSTEINE                                                   ? 'C3 H7 N O2 S'   121.158 
GLN 'L-peptide linking' y GLUTAMINE                                                  ? 'C5 H10 N2 O3'   146.144 
GLU 'L-peptide linking' y 'GLUTAMIC ACID'                                            ? 'C5 H9 N O4'     147.129 
GLY 'peptide linking'   y GLYCINE                                                    ? 'C2 H5 N O2'     75.067  
HIS 'L-peptide linking' y HISTIDINE                                                  ? 'C6 H10 N3 O2 1' 156.162 
HOH non-polymer         . WATER                                                      ? 'H2 O'           18.015  
ILE 'L-peptide linking' y ISOLEUCINE                                                 ? 'C6 H13 N O2'    131.173 
LEU 'L-peptide linking' y LEUCINE                                                    ? 'C6 H13 N O2'    131.173 
LYS 'L-peptide linking' y LYSINE                                                     ? 'C6 H15 N2 O2 1' 147.195 
MET 'L-peptide linking' y METHIONINE                                                 ? 'C5 H11 N O2 S'  149.211 
PHE 'L-peptide linking' y PHENYLALANINE                                              ? 'C9 H11 N O2'    165.189 
PRO 'L-peptide linking' y PROLINE                                                    ? 'C5 H9 N O2'     115.130 
SER 'L-peptide linking' y SERINE                                                     ? 'C3 H7 N O3'     105.093 
THR 'L-peptide linking' y THREONINE                                                  ? 'C4 H9 N O3'     119.119 
TRP 'L-peptide linking' y TRYPTOPHAN                                                 ? 'C11 H12 N2 O2'  204.225 
TYR 'L-peptide linking' y TYROSINE                                                   ? 'C9 H11 N O3'    181.189 
VAL 'L-peptide linking' y VALINE                                                     ? 'C5 H11 N O2'    117.146 
# 
loop_
_pdbx_poly_seq_scheme.asym_id 
_pdbx_poly_seq_scheme.entity_id 
_pdbx_poly_seq_scheme.seq_id 
_pdbx_poly_seq_scheme.mon_id 
_pdbx_poly_seq_scheme.ndb_seq_num 
_pdbx_poly_seq_scheme.pdb_seq_num 
_pdbx_poly_seq_scheme.auth_seq_num 
_pdbx_poly_seq_scheme.pdb_mon_id 
_pdbx_poly_seq_scheme.auth_mon_id 
_pdbx_poly_seq_scheme.pdb_strand_id 
_pdbx_poly_seq_scheme.pdb_ins_code 
_pdbx_poly_seq_scheme.hetero 
A 1 1   SER 1   349 ?   ?   ?   A . n 
A 1 2   HIS 2   350 350 HIS HIS A . n 
A 1 3   MET 3   351 351 MET MET A . n 
A 1 4   GLU 4   352 352 GLU GLU A . n 
A 1 5   GLN 5   353 353 GLN GLN A . n 
A 1 6   LEU 6   354 354 LEU LEU A . n 
A 1 7   LYS 7   355 355 LYS LYS A . n 
A 1 8   CYS 8   356 356 CYS CYS A . n 
A 1 9   CYS 9   357 357 CYS CYS A . n 
A 1 10  SER 10  358 358 SER SER A . n 
A 1 11  GLY 11  359 359 GLY GLY A . n 
A 1 12  ILE 12  360 360 ILE ILE A . n 
A 1 13  LEU 13  361 361 LEU LEU A . n 
A 1 14  LYS 14  362 362 LYS LYS A . n 
A 1 15  GLU 15  363 363 GLU GLU A . n 
A 1 16  MET 16  364 364 MET MET A . n 
A 1 17  PHE 17  365 365 PHE PHE A . n 
A 1 18  ALA 18  366 366 ALA ALA A . n 
A 1 19  LYS 19  367 367 LYS LYS A . n 
A 1 20  LYS 20  368 368 LYS LYS A . n 
A 1 21  HIS 21  369 369 HIS HIS A . n 
A 1 22  ALA 22  370 370 ALA ALA A . n 
A 1 23  ALA 23  371 371 ALA ALA A . n 
A 1 24  TYR 24  372 372 TYR TYR A . n 
A 1 25  ALA 25  373 373 ALA ALA A . n 
A 1 26  TRP 26  374 374 TRP TRP A . n 
A 1 27  PRO 27  375 375 PRO PRO A . n 
A 1 28  PHE 28  376 376 PHE PHE A . n 
A 1 29  TYR 29  377 377 TYR TYR A . n 
A 1 30  LYS 30  378 378 LYS LYS A . n 
A 1 31  PRO 31  379 379 PRO PRO A . n 
A 1 32  VAL 32  380 380 VAL VAL A . n 
A 1 33  ASP 33  381 381 ASP ASP A . n 
A 1 34  VAL 34  382 382 VAL VAL A . n 
A 1 35  GLU 35  383 383 GLU GLU A . n 
A 1 36  ALA 36  384 384 ALA ALA A . n 
A 1 37  LEU 37  385 385 LEU LEU A . n 
A 1 38  GLY 38  386 386 GLY GLY A . n 
A 1 39  LEU 39  387 387 LEU LEU A . n 
A 1 40  HIS 40  388 388 HIS HIS A . n 
A 1 41  ASP 41  389 389 ASP ASP A . n 
A 1 42  TYR 42  390 390 TYR TYR A . n 
A 1 43  CYS 43  391 391 CYS CYS A . n 
A 1 44  ASP 44  392 392 ASP ASP A . n 
A 1 45  ILE 45  393 393 ILE ILE A . n 
A 1 46  ILE 46  394 394 ILE ILE A . n 
A 1 47  LYS 47  395 395 LYS LYS A . n 
A 1 48  HIS 48  396 396 HIS HIS A . n 
A 1 49  PRO 49  397 397 PRO PRO A . n 
A 1 50  MET 50  398 398 MET MET A . n 
A 1 51  ASP 51  399 399 ASP ASP A . n 
A 1 52  MET 52  400 400 MET MET A . n 
A 1 53  SER 53  401 401 SER SER A . n 
A 1 54  THR 54  402 402 THR THR A . n 
A 1 55  ILE 55  403 403 ILE ILE A . n 
A 1 56  LYS 56  404 404 LYS LYS A . n 
A 1 57  SER 57  405 405 SER SER A . n 
A 1 58  LYS 58  406 406 LYS LYS A . n 
A 1 59  LEU 59  407 407 LEU LEU A . n 
A 1 60  GLU 60  408 408 GLU GLU A . n 
A 1 61  ALA 61  409 409 ALA ALA A . n 
A 1 62  ARG 62  410 410 ARG ARG A . n 
A 1 63  GLU 63  411 411 GLU GLU A . n 
A 1 64  TYR 64  412 412 TYR TYR A . n 
A 1 65  ARG 65  413 413 ARG ARG A . n 
A 1 66  ASP 66  414 414 ASP ASP A . n 
A 1 67  ALA 67  415 415 ALA ALA A . n 
A 1 68  GLN 68  416 416 GLN GLN A . n 
A 1 69  GLU 69  417 417 GLU GLU A . n 
A 1 70  PHE 70  418 418 PHE PHE A . n 
A 1 71  GLY 71  419 419 GLY GLY A . n 
A 1 72  ALA 72  420 420 ALA ALA A . n 
A 1 73  ASP 73  421 421 ASP ASP A . n 
A 1 74  VAL 74  422 422 VAL VAL A . n 
A 1 75  ARG 75  423 423 ARG ARG A . n 
A 1 76  LEU 76  424 424 LEU LEU A . n 
A 1 77  MET 77  425 425 MET MET A . n 
A 1 78  PHE 78  426 426 PHE PHE A . n 
A 1 79  SER 79  427 427 SER SER A . n 
A 1 80  ASN 80  428 428 ASN ASN A . n 
A 1 81  CYS 81  429 429 CYS CYS A . n 
A 1 82  TYR 82  430 430 TYR TYR A . n 
A 1 83  LYS 83  431 431 LYS LYS A . n 
A 1 84  TYR 84  432 432 TYR TYR A . n 
A 1 85  ASN 85  433 433 ASN ASN A . n 
A 1 86  PRO 86  434 434 PRO PRO A . n 
A 1 87  PRO 87  435 435 PRO PRO A . n 
A 1 88  ASP 88  436 436 ASP ASP A . n 
A 1 89  HIS 89  437 437 HIS HIS A . n 
A 1 90  GLU 90  438 438 GLU GLU A . n 
A 1 91  VAL 91  439 439 VAL VAL A . n 
A 1 92  VAL 92  440 440 VAL VAL A . n 
A 1 93  ALA 93  441 441 ALA ALA A . n 
A 1 94  MET 94  442 442 MET MET A . n 
A 1 95  ALA 95  443 443 ALA ALA A . n 
A 1 96  ARG 96  444 444 ARG ARG A . n 
A 1 97  LYS 97  445 445 LYS LYS A . n 
A 1 98  LEU 98  446 446 LEU LEU A . n 
A 1 99  GLN 99  447 447 GLN GLN A . n 
A 1 100 ASP 100 448 448 ASP ASP A . n 
A 1 101 VAL 101 449 449 VAL VAL A . n 
A 1 102 PHE 102 450 450 PHE PHE A . n 
A 1 103 GLU 103 451 451 GLU GLU A . n 
A 1 104 MET 104 452 452 MET MET A . n 
A 1 105 ARG 105 453 453 ARG ARG A . n 
A 1 106 PHE 106 454 454 PHE PHE A . n 
A 1 107 ALA 107 455 455 ALA ALA A . n 
A 1 108 LYS 108 456 456 LYS LYS A . n 
A 1 109 MET 109 457 457 MET MET A . n 
# 
loop_
_pdbx_nonpoly_scheme.asym_id 
_pdbx_nonpoly_scheme.entity_id 
_pdbx_nonpoly_scheme.mon_id 
_pdbx_nonpoly_scheme.ndb_seq_num 
_pdbx_nonpoly_scheme.pdb_seq_num 
_pdbx_nonpoly_scheme.auth_seq_num 
_pdbx_nonpoly_scheme.pdb_mon_id 
_pdbx_nonpoly_scheme.auth_mon_id 
_pdbx_nonpoly_scheme.pdb_strand_id 
_pdbx_nonpoly_scheme.pdb_ins_code 
B 2 88Y 1   501 1   88Y LIG A . 
C 3 HOH 1   601 83  HOH HOH A . 
C 3 HOH 2   602 1   HOH HOH A . 
C 3 HOH 3   603 90  HOH HOH A . 
C 3 HOH 4   604 2   HOH HOH A . 
C 3 HOH 5   605 84  HOH HOH A . 
C 3 HOH 6   606 9   HOH HOH A . 
C 3 HOH 7   607 64  HOH HOH A . 
C 3 HOH 8   608 88  HOH HOH A . 
C 3 HOH 9   609 11  HOH HOH A . 
C 3 HOH 10  610 15  HOH HOH A . 
C 3 HOH 11  611 3   HOH HOH A . 
C 3 HOH 12  612 23  HOH HOH A . 
C 3 HOH 13  613 22  HOH HOH A . 
C 3 HOH 14  614 72  HOH HOH A . 
C 3 HOH 15  615 48  HOH HOH A . 
C 3 HOH 16  616 80  HOH HOH A . 
C 3 HOH 17  617 70  HOH HOH A . 
C 3 HOH 18  618 100 HOH HOH A . 
C 3 HOH 19  619 36  HOH HOH A . 
C 3 HOH 20  620 14  HOH HOH A . 
C 3 HOH 21  621 50  HOH HOH A . 
C 3 HOH 22  622 68  HOH HOH A . 
C 3 HOH 23  623 102 HOH HOH A . 
C 3 HOH 24  624 49  HOH HOH A . 
C 3 HOH 25  625 52  HOH HOH A . 
C 3 HOH 26  626 43  HOH HOH A . 
C 3 HOH 27  627 79  HOH HOH A . 
C 3 HOH 28  628 74  HOH HOH A . 
C 3 HOH 29  629 47  HOH HOH A . 
C 3 HOH 30  630 6   HOH HOH A . 
C 3 HOH 31  631 30  HOH HOH A . 
C 3 HOH 32  632 8   HOH HOH A . 
C 3 HOH 33  633 27  HOH HOH A . 
C 3 HOH 34  634 25  HOH HOH A . 
C 3 HOH 35  635 77  HOH HOH A . 
C 3 HOH 36  636 59  HOH HOH A . 
C 3 HOH 37  637 69  HOH HOH A . 
C 3 HOH 38  638 16  HOH HOH A . 
C 3 HOH 39  639 5   HOH HOH A . 
C 3 HOH 40  640 98  HOH HOH A . 
C 3 HOH 41  641 94  HOH HOH A . 
C 3 HOH 42  642 55  HOH HOH A . 
C 3 HOH 43  643 10  HOH HOH A . 
C 3 HOH 44  644 13  HOH HOH A . 
C 3 HOH 45  645 18  HOH HOH A . 
C 3 HOH 46  646 33  HOH HOH A . 
C 3 HOH 47  647 66  HOH HOH A . 
C 3 HOH 48  648 31  HOH HOH A . 
C 3 HOH 49  649 7   HOH HOH A . 
C 3 HOH 50  650 39  HOH HOH A . 
C 3 HOH 51  651 17  HOH HOH A . 
C 3 HOH 52  652 21  HOH HOH A . 
C 3 HOH 53  653 37  HOH HOH A . 
C 3 HOH 54  654 28  HOH HOH A . 
C 3 HOH 55  655 71  HOH HOH A . 
C 3 HOH 56  656 65  HOH HOH A . 
C 3 HOH 57  657 32  HOH HOH A . 
C 3 HOH 58  658 40  HOH HOH A . 
C 3 HOH 59  659 12  HOH HOH A . 
C 3 HOH 60  660 86  HOH HOH A . 
C 3 HOH 61  661 96  HOH HOH A . 
C 3 HOH 62  662 82  HOH HOH A . 
C 3 HOH 63  663 101 HOH HOH A . 
C 3 HOH 64  664 34  HOH HOH A . 
C 3 HOH 65  665 44  HOH HOH A . 
C 3 HOH 66  666 54  HOH HOH A . 
C 3 HOH 67  667 42  HOH HOH A . 
C 3 HOH 68  668 62  HOH HOH A . 
C 3 HOH 69  669 4   HOH HOH A . 
C 3 HOH 70  670 81  HOH HOH A . 
C 3 HOH 71  671 97  HOH HOH A . 
C 3 HOH 72  672 78  HOH HOH A . 
C 3 HOH 73  673 99  HOH HOH A . 
C 3 HOH 74  674 63  HOH HOH A . 
C 3 HOH 75  675 53  HOH HOH A . 
C 3 HOH 76  676 19  HOH HOH A . 
C 3 HOH 77  677 95  HOH HOH A . 
C 3 HOH 78  678 57  HOH HOH A . 
C 3 HOH 79  679 51  HOH HOH A . 
C 3 HOH 80  680 92  HOH HOH A . 
C 3 HOH 81  681 58  HOH HOH A . 
C 3 HOH 82  682 60  HOH HOH A . 
C 3 HOH 83  683 38  HOH HOH A . 
C 3 HOH 84  684 20  HOH HOH A . 
C 3 HOH 85  685 41  HOH HOH A . 
C 3 HOH 86  686 93  HOH HOH A . 
C 3 HOH 87  687 24  HOH HOH A . 
C 3 HOH 88  688 61  HOH HOH A . 
C 3 HOH 89  689 87  HOH HOH A . 
C 3 HOH 90  690 56  HOH HOH A . 
C 3 HOH 91  691 89  HOH HOH A . 
C 3 HOH 92  692 103 HOH HOH A . 
C 3 HOH 93  693 35  HOH HOH A . 
C 3 HOH 94  694 45  HOH HOH A . 
C 3 HOH 95  695 46  HOH HOH A . 
C 3 HOH 96  696 67  HOH HOH A . 
C 3 HOH 97  697 85  HOH HOH A . 
C 3 HOH 98  698 75  HOH HOH A . 
C 3 HOH 99  699 29  HOH HOH A . 
C 3 HOH 100 700 76  HOH HOH A . 
C 3 HOH 101 701 91  HOH HOH A . 
C 3 HOH 102 702 26  HOH HOH A . 
C 3 HOH 103 703 73  HOH HOH A . 
# 
loop_
_software.citation_id 
_software.classification 
_software.compiler_name 
_software.compiler_version 
_software.contact_author 
_software.contact_author_email 
_software.date 
_software.description 
_software.dependencies 
_software.hardware 
_software.language 
_software.location 
_software.mods 
_software.name 
_software.os 
_software.os_version 
_software.type 
_software.version 
_software.pdbx_ordinal 
? 'data reduction' ? ? ? ? ? ? ? ? ? ? ? XDS    ? ? ? 2.11.7 1 
? 'data scaling'   ? ? ? ? ? ? ? ? ? ? ? SCALA  ? ? ? .      2 
? 'model building' ? ? ? ? ? ? ? ? ? ? ? Coot   ? ? ? .      3 
? refinement       ? ? ? ? ? ? ? ? ? ? ? BUSTER ? ? ? 2.11.7 4 
# 
_cell.angle_alpha                  90.00 
_cell.angle_alpha_esd              ? 
_cell.angle_beta                   90.00 
_cell.angle_beta_esd               ? 
_cell.angle_gamma                  90.00 
_cell.angle_gamma_esd              ? 
_cell.entry_id                     5UEV 
_cell.details                      ? 
_cell.formula_units_Z              ? 
_cell.length_a                     56.426 
_cell.length_a_esd                 ? 
_cell.length_b                     73.514 
_cell.length_b_esd                 ? 
_cell.length_c                     33.681 
_cell.length_c_esd                 ? 
_cell.volume                       ? 
_cell.volume_esd                   ? 
_cell.Z_PDB                        4 
_cell.reciprocal_angle_alpha       ? 
_cell.reciprocal_angle_beta        ? 
_cell.reciprocal_angle_gamma       ? 
_cell.reciprocal_angle_alpha_esd   ? 
_cell.reciprocal_angle_beta_esd    ? 
_cell.reciprocal_angle_gamma_esd   ? 
_cell.reciprocal_length_a          ? 
_cell.reciprocal_length_b          ? 
_cell.reciprocal_length_c          ? 
_cell.reciprocal_length_a_esd      ? 
_cell.reciprocal_length_b_esd      ? 
_cell.reciprocal_length_c_esd      ? 
_cell.pdbx_unique_axis             ? 
# 
_symmetry.entry_id                         5UEV 
_symmetry.cell_setting                     ? 
_symmetry.Int_Tables_number                18 
_symmetry.space_group_name_Hall            ? 
_symmetry.space_group_name_H-M             'P 21 21 2' 
_symmetry.pdbx_full_space_group_name_H-M   ? 
# 
_exptl.absorpt_coefficient_mu     ? 
_exptl.absorpt_correction_T_max   ? 
_exptl.absorpt_correction_T_min   ? 
_exptl.absorpt_correction_type    ? 
_exptl.absorpt_process_details    ? 
_exptl.entry_id                   5UEV 
_exptl.crystals_number            1 
_exptl.details                    ? 
_exptl.method                     'X-RAY DIFFRACTION' 
_exptl.method_details             ? 
# 
_exptl_crystal.colour                      ? 
_exptl_crystal.density_diffrn              ? 
_exptl_crystal.density_Matthews            2.75 
_exptl_crystal.density_method              ? 
_exptl_crystal.density_percent_sol         55.21 
_exptl_crystal.description                 ? 
_exptl_crystal.F_000                       ? 
_exptl_crystal.id                          1 
_exptl_crystal.preparation                 ? 
_exptl_crystal.size_max                    ? 
_exptl_crystal.size_mid                    ? 
_exptl_crystal.size_min                    ? 
_exptl_crystal.size_rad                    ? 
_exptl_crystal.colour_lustre               ? 
_exptl_crystal.colour_modifier             ? 
_exptl_crystal.colour_primary              ? 
_exptl_crystal.density_meas                ? 
_exptl_crystal.density_meas_esd            ? 
_exptl_crystal.density_meas_gt             ? 
_exptl_crystal.density_meas_lt             ? 
_exptl_crystal.density_meas_temp           ? 
_exptl_crystal.density_meas_temp_esd       ? 
_exptl_crystal.density_meas_temp_gt        ? 
_exptl_crystal.density_meas_temp_lt        ? 
_exptl_crystal.pdbx_crystal_image_url      ? 
_exptl_crystal.pdbx_crystal_image_format   ? 
_exptl_crystal.pdbx_mosaicity              ? 
_exptl_crystal.pdbx_mosaicity_esd          ? 
# 
_exptl_crystal_grow.apparatus       ? 
_exptl_crystal_grow.atmosphere      ? 
_exptl_crystal_grow.crystal_id      1 
_exptl_crystal_grow.details         ? 
_exptl_crystal_grow.method          'VAPOR DIFFUSION' 
_exptl_crystal_grow.method_ref      ? 
_exptl_crystal_grow.pH              ? 
_exptl_crystal_grow.pressure        ? 
_exptl_crystal_grow.pressure_esd    ? 
_exptl_crystal_grow.seeding         ? 
_exptl_crystal_grow.seeding_ref     ? 
_exptl_crystal_grow.temp            277 
_exptl_crystal_grow.temp_details    ? 
_exptl_crystal_grow.temp_esd        ? 
_exptl_crystal_grow.time            ? 
_exptl_crystal_grow.pdbx_details    
;Protein Buffer :
10 mM HEPES PH 7.5
100 mM NaCl   5 mM DTT
Crystallization :
15 % (v/v) Ethanol   Tris PH 7.0
;
_exptl_crystal_grow.pdbx_pH_range   ? 
# 
_diffrn.ambient_environment    ? 
_diffrn.ambient_temp           100 
_diffrn.ambient_temp_details   ? 
_diffrn.ambient_temp_esd       ? 
_diffrn.crystal_id             1 
_diffrn.crystal_support        ? 
_diffrn.crystal_treatment      ? 
_diffrn.details                ? 
_diffrn.id                     1 
_diffrn.ambient_pressure       ? 
_diffrn.ambient_pressure_esd   ? 
_diffrn.ambient_pressure_gt    ? 
_diffrn.ambient_pressure_lt    ? 
_diffrn.ambient_temp_gt        ? 
_diffrn.ambient_temp_lt        ? 
# 
_diffrn_detector.details                      ? 
_diffrn_detector.detector                     PIXEL 
_diffrn_detector.diffrn_id                    1 
_diffrn_detector.type                         'DECTRIS PILATUS3 S 6M' 
_diffrn_detector.area_resol_mean              ? 
_diffrn_detector.dtime                        ? 
_diffrn_detector.pdbx_frames_total            ? 
_diffrn_detector.pdbx_collection_time_total   ? 
_diffrn_detector.pdbx_collection_date         2010-08-09 
# 
_diffrn_radiation.collimation                      ? 
_diffrn_radiation.diffrn_id                        1 
_diffrn_radiation.filter_edge                      ? 
_diffrn_radiation.inhomogeneity                    ? 
_diffrn_radiation.monochromator                    ? 
_diffrn_radiation.polarisn_norm                    ? 
_diffrn_radiation.polarisn_ratio                   ? 
_diffrn_radiation.probe                            ? 
_diffrn_radiation.type                             ? 
_diffrn_radiation.xray_symbol                      ? 
_diffrn_radiation.wavelength_id                    1 
_diffrn_radiation.pdbx_monochromatic_or_laue_m_l   M 
_diffrn_radiation.pdbx_wavelength_list             ? 
_diffrn_radiation.pdbx_wavelength                  ? 
_diffrn_radiation.pdbx_diffrn_protocol             'SINGLE WAVELENGTH' 
_diffrn_radiation.pdbx_analyzer                    ? 
_diffrn_radiation.pdbx_scattering_type             x-ray 
# 
_diffrn_radiation_wavelength.id           1 
_diffrn_radiation_wavelength.wavelength   1.0 
_diffrn_radiation_wavelength.wt           1.0 
# 
_diffrn_source.current                     ? 
_diffrn_source.details                     ? 
_diffrn_source.diffrn_id                   1 
_diffrn_source.power                       ? 
_diffrn_source.size                        ? 
_diffrn_source.source                      SYNCHROTRON 
_diffrn_source.target                      ? 
_diffrn_source.type                        'APS BEAMLINE 17-ID' 
_diffrn_source.voltage                     ? 
_diffrn_source.take-off_angle              ? 
_diffrn_source.pdbx_wavelength_list        1.0 
_diffrn_source.pdbx_wavelength             ? 
_diffrn_source.pdbx_synchrotron_beamline   17-ID 
_diffrn_source.pdbx_synchrotron_site       APS 
# 
_reflns.B_iso_Wilson_estimate            32.27 
_reflns.entry_id                         5UEV 
_reflns.data_reduction_details           ? 
_reflns.data_reduction_method            ? 
_reflns.d_resolution_high                1.93 
_reflns.d_resolution_low                 73.5 
_reflns.details                          ? 
_reflns.limit_h_max                      ? 
_reflns.limit_h_min                      ? 
_reflns.limit_k_max                      ? 
_reflns.limit_k_min                      ? 
_reflns.limit_l_max                      ? 
_reflns.limit_l_min                      ? 
_reflns.number_all                       ? 
_reflns.number_obs                       10978 
_reflns.observed_criterion               ? 
_reflns.observed_criterion_F_max         ? 
_reflns.observed_criterion_F_min         ? 
_reflns.observed_criterion_I_max         ? 
_reflns.observed_criterion_I_min         ? 
_reflns.observed_criterion_sigma_F       ? 
_reflns.observed_criterion_sigma_I       ? 
_reflns.percent_possible_obs             99.8 
_reflns.R_free_details                   ? 
_reflns.Rmerge_F_all                     ? 
_reflns.Rmerge_F_obs                     ? 
_reflns.Friedel_coverage                 ? 
_reflns.number_gt                        ? 
_reflns.threshold_expression             ? 
_reflns.pdbx_redundancy                  5.9 
_reflns.pdbx_Rmerge_I_obs                ? 
_reflns.pdbx_Rmerge_I_all                ? 
_reflns.pdbx_Rsym_value                  ? 
_reflns.pdbx_netI_over_av_sigmaI         ? 
_reflns.pdbx_netI_over_sigmaI            9.5 
_reflns.pdbx_res_netI_over_av_sigmaI_2   ? 
_reflns.pdbx_res_netI_over_sigmaI_2      ? 
_reflns.pdbx_chi_squared                 ? 
_reflns.pdbx_scaling_rejects             ? 
_reflns.pdbx_d_res_high_opt              ? 
_reflns.pdbx_d_res_low_opt               ? 
_reflns.pdbx_d_res_opt_method            ? 
_reflns.phase_calculation_details        ? 
_reflns.pdbx_Rrim_I_all                  ? 
_reflns.pdbx_Rpim_I_all                  ? 
_reflns.pdbx_d_opt                       ? 
_reflns.pdbx_number_measured_all         ? 
_reflns.pdbx_diffrn_id                   1 
_reflns.pdbx_ordinal                     1 
_reflns.pdbx_CC_half                     ? 
_reflns.pdbx_R_split                     ? 
# 
_reflns_shell.d_res_high                  . 
_reflns_shell.d_res_low                   ? 
_reflns_shell.meanI_over_sigI_all         ? 
_reflns_shell.meanI_over_sigI_obs         ? 
_reflns_shell.number_measured_all         ? 
_reflns_shell.number_measured_obs         ? 
_reflns_shell.number_possible             ? 
_reflns_shell.number_unique_all           ? 
_reflns_shell.number_unique_obs           ? 
_reflns_shell.percent_possible_all        ? 
_reflns_shell.percent_possible_obs        ? 
_reflns_shell.Rmerge_F_all                ? 
_reflns_shell.Rmerge_F_obs                ? 
_reflns_shell.Rmerge_I_all                ? 
_reflns_shell.Rmerge_I_obs                ? 
_reflns_shell.meanI_over_sigI_gt          ? 
_reflns_shell.meanI_over_uI_all           ? 
_reflns_shell.meanI_over_uI_gt            ? 
_reflns_shell.number_measured_gt          ? 
_reflns_shell.number_unique_gt            ? 
_reflns_shell.percent_possible_gt         ? 
_reflns_shell.Rmerge_F_gt                 ? 
_reflns_shell.Rmerge_I_gt                 ? 
_reflns_shell.pdbx_redundancy             ? 
_reflns_shell.pdbx_Rsym_value             ? 
_reflns_shell.pdbx_chi_squared            ? 
_reflns_shell.pdbx_netI_over_sigmaI_all   ? 
_reflns_shell.pdbx_netI_over_sigmaI_obs   ? 
_reflns_shell.pdbx_Rrim_I_all             ? 
_reflns_shell.pdbx_Rpim_I_all             ? 
_reflns_shell.pdbx_rejects                ? 
_reflns_shell.pdbx_ordinal                1 
_reflns_shell.pdbx_diffrn_id              1 
_reflns_shell.pdbx_CC_half                ? 
_reflns_shell.pdbx_R_split                ? 
# 
_refine.aniso_B[1][1]                            -9.44500 
_refine.aniso_B[1][2]                            0.00000 
_refine.aniso_B[1][3]                            0.00000 
_refine.aniso_B[2][2]                            10.10280 
_refine.aniso_B[2][3]                            0.00000 
_refine.aniso_B[3][3]                            -0.65780 
_refine.B_iso_max                                ? 
_refine.B_iso_mean                               37.98 
_refine.B_iso_min                                ? 
_refine.correlation_coeff_Fo_to_Fc               0.933 
_refine.correlation_coeff_Fo_to_Fc_free          0.890 
_refine.details                                  ? 
_refine.diff_density_max                         ? 
_refine.diff_density_max_esd                     ? 
_refine.diff_density_min                         ? 
_refine.diff_density_min_esd                     ? 
_refine.diff_density_rms                         ? 
_refine.diff_density_rms_esd                     ? 
_refine.entry_id                                 5UEV 
_refine.pdbx_refine_id                           'X-RAY DIFFRACTION' 
_refine.ls_abs_structure_details                 ? 
_refine.ls_abs_structure_Flack                   ? 
_refine.ls_abs_structure_Flack_esd               ? 
_refine.ls_abs_structure_Rogers                  ? 
_refine.ls_abs_structure_Rogers_esd              ? 
_refine.ls_d_res_high                            1.94 
_refine.ls_d_res_low                             36.76 
_refine.ls_extinction_coef                       ? 
_refine.ls_extinction_coef_esd                   ? 
_refine.ls_extinction_expression                 ? 
_refine.ls_extinction_method                     ? 
_refine.ls_goodness_of_fit_all                   ? 
_refine.ls_goodness_of_fit_all_esd               ? 
_refine.ls_goodness_of_fit_obs                   ? 
_refine.ls_goodness_of_fit_obs_esd               ? 
_refine.ls_hydrogen_treatment                    ? 
_refine.ls_matrix_type                           ? 
_refine.ls_number_constraints                    ? 
_refine.ls_number_parameters                     ? 
_refine.ls_number_reflns_all                     ? 
_refine.ls_number_reflns_obs                     10842 
_refine.ls_number_reflns_R_free                  516 
_refine.ls_number_reflns_R_work                  ? 
_refine.ls_number_restraints                     ? 
_refine.ls_percent_reflns_obs                    99.5 
_refine.ls_percent_reflns_R_free                 4.760 
_refine.ls_R_factor_all                          ? 
_refine.ls_R_factor_obs                          0.201 
_refine.ls_R_factor_R_free                       0.237 
_refine.ls_R_factor_R_free_error                 0.02 
_refine.ls_R_factor_R_free_error_details         ? 
_refine.ls_R_factor_R_work                       0.200 
_refine.ls_R_Fsqd_factor_obs                     ? 
_refine.ls_R_I_factor_obs                        ? 
_refine.ls_redundancy_reflns_all                 ? 
_refine.ls_redundancy_reflns_obs                 ? 
_refine.ls_restrained_S_all                      ? 
_refine.ls_restrained_S_obs                      ? 
_refine.ls_shift_over_esd_max                    ? 
_refine.ls_shift_over_esd_mean                   ? 
_refine.ls_structure_factor_coef                 ? 
_refine.ls_weighting_details                     ? 
_refine.ls_weighting_scheme                      ? 
_refine.ls_wR_factor_all                         ? 
_refine.ls_wR_factor_obs                         ? 
_refine.ls_wR_factor_R_free                      ? 
_refine.ls_wR_factor_R_work                      ? 
_refine.occupancy_max                            ? 
_refine.occupancy_min                            ? 
_refine.solvent_model_details                    ? 
_refine.solvent_model_param_bsol                 ? 
_refine.solvent_model_param_ksol                 ? 
_refine.ls_R_factor_gt                           ? 
_refine.ls_goodness_of_fit_gt                    ? 
_refine.ls_goodness_of_fit_ref                   ? 
_refine.ls_shift_over_su_max                     ? 
_refine.ls_shift_over_su_max_lt                  ? 
_refine.ls_shift_over_su_mean                    ? 
_refine.ls_shift_over_su_mean_lt                 ? 
_refine.pdbx_ls_sigma_I                          ? 
_refine.pdbx_ls_sigma_F                          0.000 
_refine.pdbx_ls_sigma_Fsqd                       ? 
_refine.pdbx_data_cutoff_high_absF               ? 
_refine.pdbx_data_cutoff_high_rms_absF           ? 
_refine.pdbx_data_cutoff_low_absF                ? 
_refine.pdbx_isotropic_thermal_model             ? 
_refine.pdbx_ls_cross_valid_method               THROUGHOUT 
_refine.pdbx_method_to_determine_struct          'MOLECULAR REPLACEMENT' 
_refine.pdbx_starting_model                      'Apo BRD4_BD2' 
_refine.pdbx_stereochemistry_target_values       ? 
_refine.pdbx_R_Free_selection_details            RANDOM 
_refine.pdbx_stereochem_target_val_spec_case     ? 
_refine.pdbx_overall_ESU_R                       ? 
_refine.pdbx_overall_ESU_R_Free                  ? 
_refine.pdbx_solvent_vdw_probe_radii             ? 
_refine.pdbx_solvent_ion_probe_radii             ? 
_refine.pdbx_solvent_shrinkage_radii             ? 
_refine.pdbx_real_space_R                        ? 
_refine.pdbx_density_correlation                 ? 
_refine.pdbx_pd_number_of_powder_patterns        ? 
_refine.pdbx_pd_number_of_points                 ? 
_refine.pdbx_pd_meas_number_of_points            ? 
_refine.pdbx_pd_proc_ls_prof_R_factor            ? 
_refine.pdbx_pd_proc_ls_prof_wR_factor           ? 
_refine.pdbx_pd_Marquardt_correlation_coeff      ? 
_refine.pdbx_pd_Fsqrd_R_factor                   ? 
_refine.pdbx_pd_ls_matrix_band_width             ? 
_refine.pdbx_overall_phase_error                 ? 
_refine.pdbx_overall_SU_R_free_Cruickshank_DPI   0.140 
_refine.pdbx_overall_SU_R_free_Blow_DPI          0.149 
_refine.pdbx_overall_SU_R_Blow_DPI               0.167 
_refine.pdbx_TLS_residual_ADP_flag               ? 
_refine.pdbx_diffrn_id                           1 
_refine.overall_SU_B                             ? 
_refine.overall_SU_ML                            ? 
_refine.overall_SU_R_Cruickshank_DPI             0.149 
_refine.overall_SU_R_free                        ? 
_refine.overall_FOM_free_R_set                   ? 
_refine.overall_FOM_work_R_set                   ? 
_refine.pdbx_average_fsc_overall                 ? 
_refine.pdbx_average_fsc_work                    ? 
_refine.pdbx_average_fsc_free                    ? 
# 
_refine_analyze.entry_id                        5UEV 
_refine_analyze.pdbx_refine_id                  'X-RAY DIFFRACTION' 
_refine_analyze.Luzzati_coordinate_error_free   ? 
_refine_analyze.Luzzati_coordinate_error_obs    0.29 
_refine_analyze.Luzzati_d_res_low_free          ? 
_refine_analyze.Luzzati_d_res_low_obs           ? 
_refine_analyze.Luzzati_sigma_a_free            ? 
_refine_analyze.Luzzati_sigma_a_free_details    ? 
_refine_analyze.Luzzati_sigma_a_obs             ? 
_refine_analyze.Luzzati_sigma_a_obs_details     ? 
_refine_analyze.number_disordered_residues      ? 
_refine_analyze.occupancy_sum_hydrogen          ? 
_refine_analyze.occupancy_sum_non_hydrogen      ? 
_refine_analyze.RG_d_res_high                   ? 
_refine_analyze.RG_d_res_low                    ? 
_refine_analyze.RG_free                         ? 
_refine_analyze.RG_work                         ? 
_refine_analyze.RG_free_work_ratio              ? 
_refine_analyze.pdbx_Luzzati_d_res_high_obs     ? 
# 
_refine_hist.pdbx_refine_id                   'X-RAY DIFFRACTION' 
_refine_hist.cycle_id                         1 
_refine_hist.pdbx_number_atoms_protein        886 
_refine_hist.pdbx_number_atoms_nucleic_acid   0 
_refine_hist.pdbx_number_atoms_ligand         16 
_refine_hist.number_atoms_solvent             103 
_refine_hist.number_atoms_total               1005 
_refine_hist.d_res_high                       1.94 
_refine_hist.d_res_low                        36.76 
# 
loop_
_refine_ls_restr.pdbx_refine_id 
_refine_ls_restr.criterion 
_refine_ls_restr.dev_ideal 
_refine_ls_restr.dev_ideal_target 
_refine_ls_restr.number 
_refine_ls_restr.rejects 
_refine_ls_restr.type 
_refine_ls_restr.weight 
_refine_ls_restr.pdbx_restraint_function 
'X-RAY DIFFRACTION' ? 0.010 ? 930  ? t_bond_d                  2.00  HARMONIC     
'X-RAY DIFFRACTION' ? 0.92  ? 1247 ? t_angle_deg               2.00  HARMONIC     
'X-RAY DIFFRACTION' ? ?     ? 332  ? t_dihedral_angle_d        2.00  SINUSOIDAL   
'X-RAY DIFFRACTION' ? ?     ? ?    ? t_incorr_chiral_ct        ?     ?            
'X-RAY DIFFRACTION' ? ?     ? ?    ? t_pseud_angle             ?     ?            
'X-RAY DIFFRACTION' ? ?     ? 21   ? t_trig_c_planes           2.00  HARMONIC     
'X-RAY DIFFRACTION' ? ?     ? 138  ? t_gen_planes              5.00  HARMONIC     
'X-RAY DIFFRACTION' ? ?     ? 930  ? t_it                      20.00 HARMONIC     
'X-RAY DIFFRACTION' ? ?     ? ?    ? t_nbd                     ?     ?            
'X-RAY DIFFRACTION' ? 2.85  ? ?    ? t_omega_torsion           ?     ?            
'X-RAY DIFFRACTION' ? 17.44 ? ?    ? t_other_torsion           ?     ?            
'X-RAY DIFFRACTION' ? ?     ? ?    ? t_improper_torsion        ?     ?            
'X-RAY DIFFRACTION' ? ?     ? 110  ? t_chiral_improper_torsion 5.00  SEMIHARMONIC 
'X-RAY DIFFRACTION' ? ?     ? ?    ? t_sum_occupancies         ?     ?            
'X-RAY DIFFRACTION' ? ?     ? ?    ? t_utility_distance        ?     ?            
'X-RAY DIFFRACTION' ? ?     ? ?    ? t_utility_angle           ?     ?            
'X-RAY DIFFRACTION' ? ?     ? ?    ? t_utility_torsion         ?     ?            
'X-RAY DIFFRACTION' ? ?     ? 1147 ? t_ideal_dist_contact      4.00  SEMIHARMONIC 
# 
_refine_ls_shell.pdbx_refine_id                   'X-RAY DIFFRACTION' 
_refine_ls_shell.d_res_high                       1.94 
_refine_ls_shell.d_res_low                        2.17 
_refine_ls_shell.number_reflns_all                3008 
_refine_ls_shell.number_reflns_obs                ? 
_refine_ls_shell.number_reflns_R_free             148 
_refine_ls_shell.number_reflns_R_work             2860 
_refine_ls_shell.percent_reflns_obs               99.73 
_refine_ls_shell.percent_reflns_R_free            4.92 
_refine_ls_shell.R_factor_all                     0.227 
_refine_ls_shell.R_factor_obs                     ? 
_refine_ls_shell.R_factor_R_free                  0.254 
_refine_ls_shell.R_factor_R_free_error            0.000 
_refine_ls_shell.R_factor_R_work                  0.225 
_refine_ls_shell.redundancy_reflns_all            ? 
_refine_ls_shell.redundancy_reflns_obs            ? 
_refine_ls_shell.wR_factor_all                    ? 
_refine_ls_shell.wR_factor_obs                    ? 
_refine_ls_shell.wR_factor_R_free                 ? 
_refine_ls_shell.wR_factor_R_work                 ? 
_refine_ls_shell.pdbx_total_number_of_bins_used   5 
_refine_ls_shell.pdbx_phase_error                 ? 
_refine_ls_shell.pdbx_fsc_work                    ? 
_refine_ls_shell.pdbx_fsc_free                    ? 
# 
_struct.entry_id                     5UEV 
_struct.title                        BRD4_BD2_A-556343 
_struct.pdbx_model_details           ? 
_struct.pdbx_formula_weight          ? 
_struct.pdbx_formula_weight_method   ? 
_struct.pdbx_model_type_details      ? 
_struct.pdbx_CASP_flag               N 
# 
_struct_keywords.entry_id        5UEV 
_struct_keywords.text            'SIGNALING PROTEIN-INHIBITOR complex' 
_struct_keywords.pdbx_keywords   'SIGNALING PROTEIN/INHIBITOR' 
# 
loop_
_struct_asym.id 
_struct_asym.pdbx_blank_PDB_chainid_flag 
_struct_asym.pdbx_modified 
_struct_asym.entity_id 
_struct_asym.details 
A N N 1 ? 
B N N 2 ? 
C N N 3 ? 
# 
_struct_ref.id                         1 
_struct_ref.db_name                    UNP 
_struct_ref.db_code                    BRD4_HUMAN 
_struct_ref.pdbx_db_accession          O60885 
_struct_ref.pdbx_db_isoform            ? 
_struct_ref.entity_id                  1 
_struct_ref.pdbx_seq_one_letter_code   
;EQLKCCSGILKEMFAKKHAAYAWPFYKPVDVEALGLHDYCDIIKHPMDMSTIKSKLEAREYRDAQEFGADVRLMFSNCYK
YNPPDHEVVAMARKLQDVFEMRFAKM
;
_struct_ref.pdbx_align_begin           352 
# 
_struct_ref_seq.align_id                      1 
_struct_ref_seq.ref_id                        1 
_struct_ref_seq.pdbx_PDB_id_code              5UEV 
_struct_ref_seq.pdbx_strand_id                A 
_struct_ref_seq.seq_align_beg                 4 
_struct_ref_seq.pdbx_seq_align_beg_ins_code   ? 
_struct_ref_seq.seq_align_end                 109 
_struct_ref_seq.pdbx_seq_align_end_ins_code   ? 
_struct_ref_seq.pdbx_db_accession             O60885 
_struct_ref_seq.db_align_beg                  352 
_struct_ref_seq.pdbx_db_align_beg_ins_code    ? 
_struct_ref_seq.db_align_end                  457 
_struct_ref_seq.pdbx_db_align_end_ins_code    ? 
_struct_ref_seq.pdbx_auth_seq_align_beg       352 
_struct_ref_seq.pdbx_auth_seq_align_end       457 
# 
loop_
_struct_ref_seq_dif.align_id 
_struct_ref_seq_dif.pdbx_pdb_id_code 
_struct_ref_seq_dif.mon_id 
_struct_ref_seq_dif.pdbx_pdb_strand_id 
_struct_ref_seq_dif.seq_num 
_struct_ref_seq_dif.pdbx_pdb_ins_code 
_struct_ref_seq_dif.pdbx_seq_db_name 
_struct_ref_seq_dif.pdbx_seq_db_accession_code 
_struct_ref_seq_dif.db_mon_id 
_struct_ref_seq_dif.pdbx_seq_db_seq_num 
_struct_ref_seq_dif.details 
_struct_ref_seq_dif.pdbx_auth_seq_num 
_struct_ref_seq_dif.pdbx_ordinal 
1 5UEV SER A 1 ? UNP O60885 ? ? 'expression tag' 349 1 
1 5UEV HIS A 2 ? UNP O60885 ? ? 'expression tag' 350 2 
1 5UEV MET A 3 ? UNP O60885 ? ? 'expression tag' 351 3 
# 
_pdbx_struct_assembly.id                   1 
_pdbx_struct_assembly.details              author_and_software_defined_assembly 
_pdbx_struct_assembly.method_details       PISA 
_pdbx_struct_assembly.oligomeric_details   monomeric 
_pdbx_struct_assembly.oligomeric_count     1 
# 
loop_
_pdbx_struct_assembly_prop.biol_id 
_pdbx_struct_assembly_prop.type 
_pdbx_struct_assembly_prop.value 
_pdbx_struct_assembly_prop.details 
1 'ABSA (A^2)' 0    ? 
1 MORE         0    ? 
1 'SSA (A^2)'  7000 ? 
# 
_pdbx_struct_assembly_gen.assembly_id       1 
_pdbx_struct_assembly_gen.oper_expression   1 
_pdbx_struct_assembly_gen.asym_id_list      A,B,C 
# 
_pdbx_struct_oper_list.id                   1 
_pdbx_struct_oper_list.type                 'identity operation' 
_pdbx_struct_oper_list.name                 1_555 
_pdbx_struct_oper_list.symmetry_operation   x,y,z 
_pdbx_struct_oper_list.matrix[1][1]         1.0000000000 
_pdbx_struct_oper_list.matrix[1][2]         0.0000000000 
_pdbx_struct_oper_list.matrix[1][3]         0.0000000000 
_pdbx_struct_oper_list.vector[1]            0.0000000000 
_pdbx_struct_oper_list.matrix[2][1]         0.0000000000 
_pdbx_struct_oper_list.matrix[2][2]         1.0000000000 
_pdbx_struct_oper_list.matrix[2][3]         0.0000000000 
_pdbx_struct_oper_list.vector[2]            0.0000000000 
_pdbx_struct_oper_list.matrix[3][1]         0.0000000000 
_pdbx_struct_oper_list.matrix[3][2]         0.0000000000 
_pdbx_struct_oper_list.matrix[3][3]         1.0000000000 
_pdbx_struct_oper_list.vector[3]            0.0000000000 
# 
loop_
_struct_conf.conf_type_id 
_struct_conf.id 
_struct_conf.pdbx_PDB_helix_id 
_struct_conf.beg_label_comp_id 
_struct_conf.beg_label_asym_id 
_struct_conf.beg_label_seq_id 
_struct_conf.pdbx_beg_PDB_ins_code 
_struct_conf.end_label_comp_id 
_struct_conf.end_label_asym_id 
_struct_conf.end_label_seq_id 
_struct_conf.pdbx_end_PDB_ins_code 
_struct_conf.beg_auth_comp_id 
_struct_conf.beg_auth_asym_id 
_struct_conf.beg_auth_seq_id 
_struct_conf.end_auth_comp_id 
_struct_conf.end_auth_asym_id 
_struct_conf.end_auth_seq_id 
_struct_conf.pdbx_PDB_helix_class 
_struct_conf.details 
_struct_conf.pdbx_PDB_helix_length 
HELX_P HELX_P1 AA1 HIS A 2  ? PHE A 17  ? HIS A 350 PHE A 365 1 ? 16 
HELX_P HELX_P2 AA2 ALA A 18 ? LYS A 20  ? ALA A 366 LYS A 368 5 ? 3  
HELX_P HELX_P3 AA3 HIS A 21 ? TRP A 26  ? HIS A 369 TRP A 374 1 ? 6  
HELX_P HELX_P4 AA4 PRO A 27 ? TYR A 29  ? PRO A 375 TYR A 377 5 ? 3  
HELX_P HELX_P5 AA5 ASP A 41 ? ILE A 46  ? ASP A 389 ILE A 394 1 ? 6  
HELX_P HELX_P6 AA6 ASP A 51 ? ALA A 61  ? ASP A 399 ALA A 409 1 ? 11 
HELX_P HELX_P7 AA7 ASP A 66 ? ASN A 85  ? ASP A 414 ASN A 433 1 ? 20 
HELX_P HELX_P8 AA8 HIS A 89 ? LYS A 108 ? HIS A 437 LYS A 456 1 ? 20 
# 
_struct_conf_type.id          HELX_P 
_struct_conf_type.criteria    ? 
_struct_conf_type.reference   ? 
# 
_struct_site.id                   AC1 
_struct_site.pdbx_evidence_code   Software 
_struct_site.pdbx_auth_asym_id    A 
_struct_site.pdbx_auth_comp_id    88Y 
_struct_site.pdbx_auth_seq_id     501 
_struct_site.pdbx_auth_ins_code   ? 
_struct_site.pdbx_num_residues    7 
_struct_site.details              'binding site for residue 88Y A 501' 
# 
loop_
_struct_site_gen.id 
_struct_site_gen.site_id 
_struct_site_gen.pdbx_num_res 
_struct_site_gen.label_comp_id 
_struct_site_gen.label_asym_id 
_struct_site_gen.label_seq_id 
_struct_site_gen.pdbx_auth_ins_code 
_struct_site_gen.auth_comp_id 
_struct_site_gen.auth_asym_id 
_struct_site_gen.auth_seq_id 
_struct_site_gen.label_atom_id 
_struct_site_gen.label_alt_id 
_struct_site_gen.symmetry 
_struct_site_gen.details 
1 AC1 7 PRO A 27 ? PRO A 375 . ? 1_555 ? 
2 AC1 7 PHE A 28 ? PHE A 376 . ? 1_555 ? 
3 AC1 7 LYS A 30 ? LYS A 378 . ? 1_555 ? 
4 AC1 7 VAL A 32 ? VAL A 380 . ? 1_555 ? 
5 AC1 7 ASN A 85 ? ASN A 433 . ? 1_555 ? 
6 AC1 7 HOH C .  ? HOH A 607 . ? 1_555 ? 
7 AC1 7 HOH C .  ? HOH A 624 . ? 1_555 ? 
# 
loop_
_pdbx_distant_solvent_atoms.id 
_pdbx_distant_solvent_atoms.PDB_model_num 
_pdbx_distant_solvent_atoms.auth_atom_id 
_pdbx_distant_solvent_atoms.label_alt_id 
_pdbx_distant_solvent_atoms.auth_asym_id 
_pdbx_distant_solvent_atoms.auth_comp_id 
_pdbx_distant_solvent_atoms.auth_seq_id 
_pdbx_distant_solvent_atoms.PDB_ins_code 
_pdbx_distant_solvent_atoms.neighbor_macromolecule_distance 
_pdbx_distant_solvent_atoms.neighbor_ligand_distance 
1 1 O ? A HOH 701 ? 6.01 . 
2 1 O ? A HOH 702 ? 7.42 . 
3 1 O ? A HOH 703 ? 7.44 . 
# 
_pdbx_unobs_or_zero_occ_residues.id               1 
_pdbx_unobs_or_zero_occ_residues.PDB_model_num    1 
_pdbx_unobs_or_zero_occ_residues.polymer_flag     Y 
_pdbx_unobs_or_zero_occ_residues.occupancy_flag   1 
_pdbx_unobs_or_zero_occ_residues.auth_asym_id     A 
_pdbx_unobs_or_zero_occ_residues.auth_comp_id     SER 
_pdbx_unobs_or_zero_occ_residues.auth_seq_id      349 
_pdbx_unobs_or_zero_occ_residues.PDB_ins_code     ? 
_pdbx_unobs_or_zero_occ_residues.label_asym_id    A 
_pdbx_unobs_or_zero_occ_residues.label_comp_id    SER 
_pdbx_unobs_or_zero_occ_residues.label_seq_id     1 
# 
loop_
_chem_comp_atom.comp_id 
_chem_comp_atom.atom_id 
_chem_comp_atom.type_symbol 
_chem_comp_atom.pdbx_aromatic_flag 
_chem_comp_atom.pdbx_stereo_config 
_chem_comp_atom.pdbx_ordinal 
88Y C4   C Y N 1   
88Y C5   C Y N 2   
88Y C6   C Y N 3   
88Y C7   C Y N 4   
88Y C8   C Y N 5   
88Y C10  C Y N 6   
88Y C13  C N N 7   
88Y C1   C Y N 8   
88Y C2   C Y N 9   
88Y C3   C Y N 10  
88Y C9   C Y N 11  
88Y C11  C N N 12  
88Y C12  C N N 13  
88Y N14  N Y N 14  
88Y N15  N N N 15  
88Y O16  O N N 16  
88Y H1   H N N 17  
88Y H2   H N N 18  
88Y H3   H N N 19  
88Y H4   H N N 20  
88Y H5   H N N 21  
88Y H6   H N N 22  
88Y H7   H N N 23  
88Y H8   H N N 24  
88Y H9   H N N 25  
88Y H10  H N N 26  
88Y H11  H N N 27  
88Y H12  H N N 28  
88Y H13  H N N 29  
88Y H14  H N N 30  
ALA N    N N N 31  
ALA CA   C N S 32  
ALA C    C N N 33  
ALA O    O N N 34  
ALA CB   C N N 35  
ALA OXT  O N N 36  
ALA H    H N N 37  
ALA H2   H N N 38  
ALA HA   H N N 39  
ALA HB1  H N N 40  
ALA HB2  H N N 41  
ALA HB3  H N N 42  
ALA HXT  H N N 43  
ARG N    N N N 44  
ARG CA   C N S 45  
ARG C    C N N 46  
ARG O    O N N 47  
ARG CB   C N N 48  
ARG CG   C N N 49  
ARG CD   C N N 50  
ARG NE   N N N 51  
ARG CZ   C N N 52  
ARG NH1  N N N 53  
ARG NH2  N N N 54  
ARG OXT  O N N 55  
ARG H    H N N 56  
ARG H2   H N N 57  
ARG HA   H N N 58  
ARG HB2  H N N 59  
ARG HB3  H N N 60  
ARG HG2  H N N 61  
ARG HG3  H N N 62  
ARG HD2  H N N 63  
ARG HD3  H N N 64  
ARG HE   H N N 65  
ARG HH11 H N N 66  
ARG HH12 H N N 67  
ARG HH21 H N N 68  
ARG HH22 H N N 69  
ARG HXT  H N N 70  
ASN N    N N N 71  
ASN CA   C N S 72  
ASN C    C N N 73  
ASN O    O N N 74  
ASN CB   C N N 75  
ASN CG   C N N 76  
ASN OD1  O N N 77  
ASN ND2  N N N 78  
ASN OXT  O N N 79  
ASN H    H N N 80  
ASN H2   H N N 81  
ASN HA   H N N 82  
ASN HB2  H N N 83  
ASN HB3  H N N 84  
ASN HD21 H N N 85  
ASN HD22 H N N 86  
ASN HXT  H N N 87  
ASP N    N N N 88  
ASP CA   C N S 89  
ASP C    C N N 90  
ASP O    O N N 91  
ASP CB   C N N 92  
ASP CG   C N N 93  
ASP OD1  O N N 94  
ASP OD2  O N N 95  
ASP OXT  O N N 96  
ASP H    H N N 97  
ASP H2   H N N 98  
ASP HA   H N N 99  
ASP HB2  H N N 100 
ASP HB3  H N N 101 
ASP HD2  H N N 102 
ASP HXT  H N N 103 
CYS N    N N N 104 
CYS CA   C N R 105 
CYS C    C N N 106 
CYS O    O N N 107 
CYS CB   C N N 108 
CYS SG   S N N 109 
CYS OXT  O N N 110 
CYS H    H N N 111 
CYS H2   H N N 112 
CYS HA   H N N 113 
CYS HB2  H N N 114 
CYS HB3  H N N 115 
CYS HG   H N N 116 
CYS HXT  H N N 117 
GLN N    N N N 118 
GLN CA   C N S 119 
GLN C    C N N 120 
GLN O    O N N 121 
GLN CB   C N N 122 
GLN CG   C N N 123 
GLN CD   C N N 124 
GLN OE1  O N N 125 
GLN NE2  N N N 126 
GLN OXT  O N N 127 
GLN H    H N N 128 
GLN H2   H N N 129 
GLN HA   H N N 130 
GLN HB2  H N N 131 
GLN HB3  H N N 132 
GLN HG2  H N N 133 
GLN HG3  H N N 134 
GLN HE21 H N N 135 
GLN HE22 H N N 136 
GLN HXT  H N N 137 
GLU N    N N N 138 
GLU CA   C N S 139 
GLU C    C N N 140 
GLU O    O N N 141 
GLU CB   C N N 142 
GLU CG   C N N 143 
GLU CD   C N N 144 
GLU OE1  O N N 145 
GLU OE2  O N N 146 
GLU OXT  O N N 147 
GLU H    H N N 148 
GLU H2   H N N 149 
GLU HA   H N N 150 
GLU HB2  H N N 151 
GLU HB3  H N N 152 
GLU HG2  H N N 153 
GLU HG3  H N N 154 
GLU HE2  H N N 155 
GLU HXT  H N N 156 
GLY N    N N N 157 
GLY CA   C N N 158 
GLY C    C N N 159 
GLY O    O N N 160 
GLY OXT  O N N 161 
GLY H    H N N 162 
GLY H2   H N N 163 
GLY HA2  H N N 164 
GLY HA3  H N N 165 
GLY HXT  H N N 166 
HIS N    N N N 167 
HIS CA   C N S 168 
HIS C    C N N 169 
HIS O    O N N 170 
HIS CB   C N N 171 
HIS CG   C Y N 172 
HIS ND1  N Y N 173 
HIS CD2  C Y N 174 
HIS CE1  C Y N 175 
HIS NE2  N Y N 176 
HIS OXT  O N N 177 
HIS H    H N N 178 
HIS H2   H N N 179 
HIS HA   H N N 180 
HIS HB2  H N N 181 
HIS HB3  H N N 182 
HIS HD1  H N N 183 
HIS HD2  H N N 184 
HIS HE1  H N N 185 
HIS HE2  H N N 186 
HIS HXT  H N N 187 
HOH O    O N N 188 
HOH H1   H N N 189 
HOH H2   H N N 190 
ILE N    N N N 191 
ILE CA   C N S 192 
ILE C    C N N 193 
ILE O    O N N 194 
ILE CB   C N S 195 
ILE CG1  C N N 196 
ILE CG2  C N N 197 
ILE CD1  C N N 198 
ILE OXT  O N N 199 
ILE H    H N N 200 
ILE H2   H N N 201 
ILE HA   H N N 202 
ILE HB   H N N 203 
ILE HG12 H N N 204 
ILE HG13 H N N 205 
ILE HG21 H N N 206 
ILE HG22 H N N 207 
ILE HG23 H N N 208 
ILE HD11 H N N 209 
ILE HD12 H N N 210 
ILE HD13 H N N 211 
ILE HXT  H N N 212 
LEU N    N N N 213 
LEU CA   C N S 214 
LEU C    C N N 215 
LEU O    O N N 216 
LEU CB   C N N 217 
LEU CG   C N N 218 
LEU CD1  C N N 219 
LEU CD2  C N N 220 
LEU OXT  O N N 221 
LEU H    H N N 222 
LEU H2   H N N 223 
LEU HA   H N N 224 
LEU HB2  H N N 225 
LEU HB3  H N N 226 
LEU HG   H N N 227 
LEU HD11 H N N 228 
LEU HD12 H N N 229 
LEU HD13 H N N 230 
LEU HD21 H N N 231 
LEU HD22 H N N 232 
LEU HD23 H N N 233 
LEU HXT  H N N 234 
LYS N    N N N 235 
LYS CA   C N S 236 
LYS C    C N N 237 
LYS O    O N N 238 
LYS CB   C N N 239 
LYS CG   C N N 240 
LYS CD   C N N 241 
LYS CE   C N N 242 
LYS NZ   N N N 243 
LYS OXT  O N N 244 
LYS H    H N N 245 
LYS H2   H N N 246 
LYS HA   H N N 247 
LYS HB2  H N N 248 
LYS HB3  H N N 249 
LYS HG2  H N N 250 
LYS HG3  H N N 251 
LYS HD2  H N N 252 
LYS HD3  H N N 253 
LYS HE2  H N N 254 
LYS HE3  H N N 255 
LYS HZ1  H N N 256 
LYS HZ2  H N N 257 
LYS HZ3  H N N 258 
LYS HXT  H N N 259 
MET N    N N N 260 
MET CA   C N S 261 
MET C    C N N 262 
MET O    O N N 263 
MET CB   C N N 264 
MET CG   C N N 265 
MET SD   S N N 266 
MET CE   C N N 267 
MET OXT  O N N 268 
MET H    H N N 269 
MET H2   H N N 270 
MET HA   H N N 271 
MET HB2  H N N 272 
MET HB3  H N N 273 
MET HG2  H N N 274 
MET HG3  H N N 275 
MET HE1  H N N 276 
MET HE2  H N N 277 
MET HE3  H N N 278 
MET HXT  H N N 279 
PHE N    N N N 280 
PHE CA   C N S 281 
PHE C    C N N 282 
PHE O    O N N 283 
PHE CB   C N N 284 
PHE CG   C Y N 285 
PHE CD1  C Y N 286 
PHE CD2  C Y N 287 
PHE CE1  C Y N 288 
PHE CE2  C Y N 289 
PHE CZ   C Y N 290 
PHE OXT  O N N 291 
PHE H    H N N 292 
PHE H2   H N N 293 
PHE HA   H N N 294 
PHE HB2  H N N 295 
PHE HB3  H N N 296 
PHE HD1  H N N 297 
PHE HD2  H N N 298 
PHE HE1  H N N 299 
PHE HE2  H N N 300 
PHE HZ   H N N 301 
PHE HXT  H N N 302 
PRO N    N N N 303 
PRO CA   C N S 304 
PRO C    C N N 305 
PRO O    O N N 306 
PRO CB   C N N 307 
PRO CG   C N N 308 
PRO CD   C N N 309 
PRO OXT  O N N 310 
PRO H    H N N 311 
PRO HA   H N N 312 
PRO HB2  H N N 313 
PRO HB3  H N N 314 
PRO HG2  H N N 315 
PRO HG3  H N N 316 
PRO HD2  H N N 317 
PRO HD3  H N N 318 
PRO HXT  H N N 319 
SER N    N N N 320 
SER CA   C N S 321 
SER C    C N N 322 
SER O    O N N 323 
SER CB   C N N 324 
SER OG   O N N 325 
SER OXT  O N N 326 
SER H    H N N 327 
SER H2   H N N 328 
SER HA   H N N 329 
SER HB2  H N N 330 
SER HB3  H N N 331 
SER HG   H N N 332 
SER HXT  H N N 333 
THR N    N N N 334 
THR CA   C N S 335 
THR C    C N N 336 
THR O    O N N 337 
THR CB   C N R 338 
THR OG1  O N N 339 
THR CG2  C N N 340 
THR OXT  O N N 341 
THR H    H N N 342 
THR H2   H N N 343 
THR HA   H N N 344 
THR HB   H N N 345 
THR HG1  H N N 346 
THR HG21 H N N 347 
THR HG22 H N N 348 
THR HG23 H N N 349 
THR HXT  H N N 350 
TRP N    N N N 351 
TRP CA   C N S 352 
TRP C    C N N 353 
TRP O    O N N 354 
TRP CB   C N N 355 
TRP CG   C Y N 356 
TRP CD1  C Y N 357 
TRP CD2  C Y N 358 
TRP NE1  N Y N 359 
TRP CE2  C Y N 360 
TRP CE3  C Y N 361 
TRP CZ2  C Y N 362 
TRP CZ3  C Y N 363 
TRP CH2  C Y N 364 
TRP OXT  O N N 365 
TRP H    H N N 366 
TRP H2   H N N 367 
TRP HA   H N N 368 
TRP HB2  H N N 369 
TRP HB3  H N N 370 
TRP HD1  H N N 371 
TRP HE1  H N N 372 
TRP HE3  H N N 373 
TRP HZ2  H N N 374 
TRP HZ3  H N N 375 
TRP HH2  H N N 376 
TRP HXT  H N N 377 
TYR N    N N N 378 
TYR CA   C N S 379 
TYR C    C N N 380 
TYR O    O N N 381 
TYR CB   C N N 382 
TYR CG   C Y N 383 
TYR CD1  C Y N 384 
TYR CD2  C Y N 385 
TYR CE1  C Y N 386 
TYR CE2  C Y N 387 
TYR CZ   C Y N 388 
TYR OH   O N N 389 
TYR OXT  O N N 390 
TYR H    H N N 391 
TYR H2   H N N 392 
TYR HA   H N N 393 
TYR HB2  H N N 394 
TYR HB3  H N N 395 
TYR HD1  H N N 396 
TYR HD2  H N N 397 
TYR HE1  H N N 398 
TYR HE2  H N N 399 
TYR HH   H N N 400 
TYR HXT  H N N 401 
VAL N    N N N 402 
VAL CA   C N S 403 
VAL C    C N N 404 
VAL O    O N N 405 
VAL CB   C N N 406 
VAL CG1  C N N 407 
VAL CG2  C N N 408 
VAL OXT  O N N 409 
VAL H    H N N 410 
VAL H2   H N N 411 
VAL HA   H N N 412 
VAL HB   H N N 413 
VAL HG11 H N N 414 
VAL HG12 H N N 415 
VAL HG13 H N N 416 
VAL HG21 H N N 417 
VAL HG22 H N N 418 
VAL HG23 H N N 419 
VAL HXT  H N N 420 
# 
loop_
_chem_comp_bond.comp_id 
_chem_comp_bond.atom_id_1 
_chem_comp_bond.atom_id_2 
_chem_comp_bond.value_order 
_chem_comp_bond.pdbx_aromatic_flag 
_chem_comp_bond.pdbx_stereo_config 
_chem_comp_bond.pdbx_ordinal 
88Y N15 C8   sing N N 1   
88Y C12 C10  sing N N 2   
88Y O16 C11  doub N N 3   
88Y C10 C7   doub Y N 4   
88Y C10 N14  sing Y N 5   
88Y C11 C13  sing N N 6   
88Y C11 C7   sing N N 7   
88Y C7  C5   sing Y N 8   
88Y N14 C9   sing Y N 9   
88Y C8  C6   doub Y N 10  
88Y C8  C4   sing Y N 11  
88Y C5  C9   doub Y N 12  
88Y C9  C6   sing N N 13  
88Y C6  C3   sing Y N 14  
88Y C4  C2   doub Y N 15  
88Y C3  C1   doub Y N 16  
88Y C2  C1   sing Y N 17  
88Y C4  H1   sing N N 18  
88Y C5  H2   sing N N 19  
88Y C13 H3   sing N N 20  
88Y C13 H4   sing N N 21  
88Y C13 H5   sing N N 22  
88Y C1  H6   sing N N 23  
88Y C2  H7   sing N N 24  
88Y C3  H8   sing N N 25  
88Y C12 H9   sing N N 26  
88Y C12 H10  sing N N 27  
88Y C12 H11  sing N N 28  
88Y N14 H12  sing N N 29  
88Y N15 H13  sing N N 30  
88Y N15 H14  sing N N 31  
ALA N   CA   sing N N 32  
ALA N   H    sing N N 33  
ALA N   H2   sing N N 34  
ALA CA  C    sing N N 35  
ALA CA  CB   sing N N 36  
ALA CA  HA   sing N N 37  
ALA C   O    doub N N 38  
ALA C   OXT  sing N N 39  
ALA CB  HB1  sing N N 40  
ALA CB  HB2  sing N N 41  
ALA CB  HB3  sing N N 42  
ALA OXT HXT  sing N N 43  
ARG N   CA   sing N N 44  
ARG N   H    sing N N 45  
ARG N   H2   sing N N 46  
ARG CA  C    sing N N 47  
ARG CA  CB   sing N N 48  
ARG CA  HA   sing N N 49  
ARG C   O    doub N N 50  
ARG C   OXT  sing N N 51  
ARG CB  CG   sing N N 52  
ARG CB  HB2  sing N N 53  
ARG CB  HB3  sing N N 54  
ARG CG  CD   sing N N 55  
ARG CG  HG2  sing N N 56  
ARG CG  HG3  sing N N 57  
ARG CD  NE   sing N N 58  
ARG CD  HD2  sing N N 59  
ARG CD  HD3  sing N N 60  
ARG NE  CZ   sing N N 61  
ARG NE  HE   sing N N 62  
ARG CZ  NH1  sing N N 63  
ARG CZ  NH2  doub N N 64  
ARG NH1 HH11 sing N N 65  
ARG NH1 HH12 sing N N 66  
ARG NH2 HH21 sing N N 67  
ARG NH2 HH22 sing N N 68  
ARG OXT HXT  sing N N 69  
ASN N   CA   sing N N 70  
ASN N   H    sing N N 71  
ASN N   H2   sing N N 72  
ASN CA  C    sing N N 73  
ASN CA  CB   sing N N 74  
ASN CA  HA   sing N N 75  
ASN C   O    doub N N 76  
ASN C   OXT  sing N N 77  
ASN CB  CG   sing N N 78  
ASN CB  HB2  sing N N 79  
ASN CB  HB3  sing N N 80  
ASN CG  OD1  doub N N 81  
ASN CG  ND2  sing N N 82  
ASN ND2 HD21 sing N N 83  
ASN ND2 HD22 sing N N 84  
ASN OXT HXT  sing N N 85  
ASP N   CA   sing N N 86  
ASP N   H    sing N N 87  
ASP N   H2   sing N N 88  
ASP CA  C    sing N N 89  
ASP CA  CB   sing N N 90  
ASP CA  HA   sing N N 91  
ASP C   O    doub N N 92  
ASP C   OXT  sing N N 93  
ASP CB  CG   sing N N 94  
ASP CB  HB2  sing N N 95  
ASP CB  HB3  sing N N 96  
ASP CG  OD1  doub N N 97  
ASP CG  OD2  sing N N 98  
ASP OD2 HD2  sing N N 99  
ASP OXT HXT  sing N N 100 
CYS N   CA   sing N N 101 
CYS N   H    sing N N 102 
CYS N   H2   sing N N 103 
CYS CA  C    sing N N 104 
CYS CA  CB   sing N N 105 
CYS CA  HA   sing N N 106 
CYS C   O    doub N N 107 
CYS C   OXT  sing N N 108 
CYS CB  SG   sing N N 109 
CYS CB  HB2  sing N N 110 
CYS CB  HB3  sing N N 111 
CYS SG  HG   sing N N 112 
CYS OXT HXT  sing N N 113 
GLN N   CA   sing N N 114 
GLN N   H    sing N N 115 
GLN N   H2   sing N N 116 
GLN CA  C    sing N N 117 
GLN CA  CB   sing N N 118 
GLN CA  HA   sing N N 119 
GLN C   O    doub N N 120 
GLN C   OXT  sing N N 121 
GLN CB  CG   sing N N 122 
GLN CB  HB2  sing N N 123 
GLN CB  HB3  sing N N 124 
GLN CG  CD   sing N N 125 
GLN CG  HG2  sing N N 126 
GLN CG  HG3  sing N N 127 
GLN CD  OE1  doub N N 128 
GLN CD  NE2  sing N N 129 
GLN NE2 HE21 sing N N 130 
GLN NE2 HE22 sing N N 131 
GLN OXT HXT  sing N N 132 
GLU N   CA   sing N N 133 
GLU N   H    sing N N 134 
GLU N   H2   sing N N 135 
GLU CA  C    sing N N 136 
GLU CA  CB   sing N N 137 
GLU CA  HA   sing N N 138 
GLU C   O    doub N N 139 
GLU C   OXT  sing N N 140 
GLU CB  CG   sing N N 141 
GLU CB  HB2  sing N N 142 
GLU CB  HB3  sing N N 143 
GLU CG  CD   sing N N 144 
GLU CG  HG2  sing N N 145 
GLU CG  HG3  sing N N 146 
GLU CD  OE1  doub N N 147 
GLU CD  OE2  sing N N 148 
GLU OE2 HE2  sing N N 149 
GLU OXT HXT  sing N N 150 
GLY N   CA   sing N N 151 
GLY N   H    sing N N 152 
GLY N   H2   sing N N 153 
GLY CA  C    sing N N 154 
GLY CA  HA2  sing N N 155 
GLY CA  HA3  sing N N 156 
GLY C   O    doub N N 157 
GLY C   OXT  sing N N 158 
GLY OXT HXT  sing N N 159 
HIS N   CA   sing N N 160 
HIS N   H    sing N N 161 
HIS N   H2   sing N N 162 
HIS CA  C    sing N N 163 
HIS CA  CB   sing N N 164 
HIS CA  HA   sing N N 165 
HIS C   O    doub N N 166 
HIS C   OXT  sing N N 167 
HIS CB  CG   sing N N 168 
HIS CB  HB2  sing N N 169 
HIS CB  HB3  sing N N 170 
HIS CG  ND1  sing Y N 171 
HIS CG  CD2  doub Y N 172 
HIS ND1 CE1  doub Y N 173 
HIS ND1 HD1  sing N N 174 
HIS CD2 NE2  sing Y N 175 
HIS CD2 HD2  sing N N 176 
HIS CE1 NE2  sing Y N 177 
HIS CE1 HE1  sing N N 178 
HIS NE2 HE2  sing N N 179 
HIS OXT HXT  sing N N 180 
HOH O   H1   sing N N 181 
HOH O   H2   sing N N 182 
ILE N   CA   sing N N 183 
ILE N   H    sing N N 184 
ILE N   H2   sing N N 185 
ILE CA  C    sing N N 186 
ILE CA  CB   sing N N 187 
ILE CA  HA   sing N N 188 
ILE C   O    doub N N 189 
ILE C   OXT  sing N N 190 
ILE CB  CG1  sing N N 191 
ILE CB  CG2  sing N N 192 
ILE CB  HB   sing N N 193 
ILE CG1 CD1  sing N N 194 
ILE CG1 HG12 sing N N 195 
ILE CG1 HG13 sing N N 196 
ILE CG2 HG21 sing N N 197 
ILE CG2 HG22 sing N N 198 
ILE CG2 HG23 sing N N 199 
ILE CD1 HD11 sing N N 200 
ILE CD1 HD12 sing N N 201 
ILE CD1 HD13 sing N N 202 
ILE OXT HXT  sing N N 203 
LEU N   CA   sing N N 204 
LEU N   H    sing N N 205 
LEU N   H2   sing N N 206 
LEU CA  C    sing N N 207 
LEU CA  CB   sing N N 208 
LEU CA  HA   sing N N 209 
LEU C   O    doub N N 210 
LEU C   OXT  sing N N 211 
LEU CB  CG   sing N N 212 
LEU CB  HB2  sing N N 213 
LEU CB  HB3  sing N N 214 
LEU CG  CD1  sing N N 215 
LEU CG  CD2  sing N N 216 
LEU CG  HG   sing N N 217 
LEU CD1 HD11 sing N N 218 
LEU CD1 HD12 sing N N 219 
LEU CD1 HD13 sing N N 220 
LEU CD2 HD21 sing N N 221 
LEU CD2 HD22 sing N N 222 
LEU CD2 HD23 sing N N 223 
LEU OXT HXT  sing N N 224 
LYS N   CA   sing N N 225 
LYS N   H    sing N N 226 
LYS N   H2   sing N N 227 
LYS CA  C    sing N N 228 
LYS CA  CB   sing N N 229 
LYS CA  HA   sing N N 230 
LYS C   O    doub N N 231 
LYS C   OXT  sing N N 232 
LYS CB  CG   sing N N 233 
LYS CB  HB2  sing N N 234 
LYS CB  HB3  sing N N 235 
LYS CG  CD   sing N N 236 
LYS CG  HG2  sing N N 237 
LYS CG  HG3  sing N N 238 
LYS CD  CE   sing N N 239 
LYS CD  HD2  sing N N 240 
LYS CD  HD3  sing N N 241 
LYS CE  NZ   sing N N 242 
LYS CE  HE2  sing N N 243 
LYS CE  HE3  sing N N 244 
LYS NZ  HZ1  sing N N 245 
LYS NZ  HZ2  sing N N 246 
LYS NZ  HZ3  sing N N 247 
LYS OXT HXT  sing N N 248 
MET N   CA   sing N N 249 
MET N   H    sing N N 250 
MET N   H2   sing N N 251 
MET CA  C    sing N N 252 
MET CA  CB   sing N N 253 
MET CA  HA   sing N N 254 
MET C   O    doub N N 255 
MET C   OXT  sing N N 256 
MET CB  CG   sing N N 257 
MET CB  HB2  sing N N 258 
MET CB  HB3  sing N N 259 
MET CG  SD   sing N N 260 
MET CG  HG2  sing N N 261 
MET CG  HG3  sing N N 262 
MET SD  CE   sing N N 263 
MET CE  HE1  sing N N 264 
MET CE  HE2  sing N N 265 
MET CE  HE3  sing N N 266 
MET OXT HXT  sing N N 267 
PHE N   CA   sing N N 268 
PHE N   H    sing N N 269 
PHE N   H2   sing N N 270 
PHE CA  C    sing N N 271 
PHE CA  CB   sing N N 272 
PHE CA  HA   sing N N 273 
PHE C   O    doub N N 274 
PHE C   OXT  sing N N 275 
PHE CB  CG   sing N N 276 
PHE CB  HB2  sing N N 277 
PHE CB  HB3  sing N N 278 
PHE CG  CD1  doub Y N 279 
PHE CG  CD2  sing Y N 280 
PHE CD1 CE1  sing Y N 281 
PHE CD1 HD1  sing N N 282 
PHE CD2 CE2  doub Y N 283 
PHE CD2 HD2  sing N N 284 
PHE CE1 CZ   doub Y N 285 
PHE CE1 HE1  sing N N 286 
PHE CE2 CZ   sing Y N 287 
PHE CE2 HE2  sing N N 288 
PHE CZ  HZ   sing N N 289 
PHE OXT HXT  sing N N 290 
PRO N   CA   sing N N 291 
PRO N   CD   sing N N 292 
PRO N   H    sing N N 293 
PRO CA  C    sing N N 294 
PRO CA  CB   sing N N 295 
PRO CA  HA   sing N N 296 
PRO C   O    doub N N 297 
PRO C   OXT  sing N N 298 
PRO CB  CG   sing N N 299 
PRO CB  HB2  sing N N 300 
PRO CB  HB3  sing N N 301 
PRO CG  CD   sing N N 302 
PRO CG  HG2  sing N N 303 
PRO CG  HG3  sing N N 304 
PRO CD  HD2  sing N N 305 
PRO CD  HD3  sing N N 306 
PRO OXT HXT  sing N N 307 
SER N   CA   sing N N 308 
SER N   H    sing N N 309 
SER N   H2   sing N N 310 
SER CA  C    sing N N 311 
SER CA  CB   sing N N 312 
SER CA  HA   sing N N 313 
SER C   O    doub N N 314 
SER C   OXT  sing N N 315 
SER CB  OG   sing N N 316 
SER CB  HB2  sing N N 317 
SER CB  HB3  sing N N 318 
SER OG  HG   sing N N 319 
SER OXT HXT  sing N N 320 
THR N   CA   sing N N 321 
THR N   H    sing N N 322 
THR N   H2   sing N N 323 
THR CA  C    sing N N 324 
THR CA  CB   sing N N 325 
THR CA  HA   sing N N 326 
THR C   O    doub N N 327 
THR C   OXT  sing N N 328 
THR CB  OG1  sing N N 329 
THR CB  CG2  sing N N 330 
THR CB  HB   sing N N 331 
THR OG1 HG1  sing N N 332 
THR CG2 HG21 sing N N 333 
THR CG2 HG22 sing N N 334 
THR CG2 HG23 sing N N 335 
THR OXT HXT  sing N N 336 
TRP N   CA   sing N N 337 
TRP N   H    sing N N 338 
TRP N   H2   sing N N 339 
TRP CA  C    sing N N 340 
TRP CA  CB   sing N N 341 
TRP CA  HA   sing N N 342 
TRP C   O    doub N N 343 
TRP C   OXT  sing N N 344 
TRP CB  CG   sing N N 345 
TRP CB  HB2  sing N N 346 
TRP CB  HB3  sing N N 347 
TRP CG  CD1  doub Y N 348 
TRP CG  CD2  sing Y N 349 
TRP CD1 NE1  sing Y N 350 
TRP CD1 HD1  sing N N 351 
TRP CD2 CE2  doub Y N 352 
TRP CD2 CE3  sing Y N 353 
TRP NE1 CE2  sing Y N 354 
TRP NE1 HE1  sing N N 355 
TRP CE2 CZ2  sing Y N 356 
TRP CE3 CZ3  doub Y N 357 
TRP CE3 HE3  sing N N 358 
TRP CZ2 CH2  doub Y N 359 
TRP CZ2 HZ2  sing N N 360 
TRP CZ3 CH2  sing Y N 361 
TRP CZ3 HZ3  sing N N 362 
TRP CH2 HH2  sing N N 363 
TRP OXT HXT  sing N N 364 
TYR N   CA   sing N N 365 
TYR N   H    sing N N 366 
TYR N   H2   sing N N 367 
TYR CA  C    sing N N 368 
TYR CA  CB   sing N N 369 
TYR CA  HA   sing N N 370 
TYR C   O    doub N N 371 
TYR C   OXT  sing N N 372 
TYR CB  CG   sing N N 373 
TYR CB  HB2  sing N N 374 
TYR CB  HB3  sing N N 375 
TYR CG  CD1  doub Y N 376 
TYR CG  CD2  sing Y N 377 
TYR CD1 CE1  sing Y N 378 
TYR CD1 HD1  sing N N 379 
TYR CD2 CE2  doub Y N 380 
TYR CD2 HD2  sing N N 381 
TYR CE1 CZ   doub Y N 382 
TYR CE1 HE1  sing N N 383 
TYR CE2 CZ   sing Y N 384 
TYR CE2 HE2  sing N N 385 
TYR CZ  OH   sing N N 386 
TYR OH  HH   sing N N 387 
TYR OXT HXT  sing N N 388 
VAL N   CA   sing N N 389 
VAL N   H    sing N N 390 
VAL N   H2   sing N N 391 
VAL CA  C    sing N N 392 
VAL CA  CB   sing N N 393 
VAL CA  HA   sing N N 394 
VAL C   O    doub N N 395 
VAL C   OXT  sing N N 396 
VAL CB  CG1  sing N N 397 
VAL CB  CG2  sing N N 398 
VAL CB  HB   sing N N 399 
VAL CG1 HG11 sing N N 400 
VAL CG1 HG12 sing N N 401 
VAL CG1 HG13 sing N N 402 
VAL CG2 HG21 sing N N 403 
VAL CG2 HG22 sing N N 404 
VAL CG2 HG23 sing N N 405 
VAL OXT HXT  sing N N 406 
# 
_pdbx_initial_refinement_model.accession_code   ? 
_pdbx_initial_refinement_model.id               1 
_pdbx_initial_refinement_model.entity_id_list   ? 
_pdbx_initial_refinement_model.type             other 
_pdbx_initial_refinement_model.source_name      ? 
_pdbx_initial_refinement_model.details          'Apo BRD4_BD2' 
# 
_atom_sites.entry_id                    5UEV 
_atom_sites.fract_transf_matrix[1][1]   0.01523855 
_atom_sites.fract_transf_matrix[1][2]   0.00886324 
_atom_sites.fract_transf_matrix[1][3]   0.00181628 
_atom_sites.fract_transf_matrix[2][1]   -0.00584618 
_atom_sites.fract_transf_matrix[2][2]   0.01112018 
_atom_sites.fract_transf_matrix[2][3]   -0.00521587 
_atom_sites.fract_transf_matrix[3][1]   -0.00818101 
_atom_sites.fract_transf_matrix[3][2]   0.00848116 
_atom_sites.fract_transf_matrix[3][3]   0.02725137 
_atom_sites.fract_transf_vector[1]      0.188781 
_atom_sites.fract_transf_vector[2]      -0.031486 
_atom_sites.fract_transf_vector[3]      -0.160924 
# 
loop_
_atom_type.symbol 
C 
N 
O 
S 
# 
loop_
_atom_site.group_PDB 
_atom_site.id 
_atom_site.type_symbol 
_atom_site.label_atom_id 
_atom_site.label_alt_id 
_atom_site.label_comp_id 
_atom_site.label_asym_id 
_atom_site.label_entity_id 
_atom_site.label_seq_id 
_atom_site.pdbx_PDB_ins_code 
_atom_site.Cartn_x 
_atom_site.Cartn_y 
_atom_site.Cartn_z 
_atom_site.occupancy 
_atom_site.B_iso_or_equiv 
_atom_site.pdbx_formal_charge 
_atom_site.auth_seq_id 
_atom_site.auth_comp_id 
_atom_site.auth_asym_id 
_atom_site.auth_atom_id 
_atom_site.pdbx_PDB_model_num 
ATOM   1    N N   . HIS A 1 2   ? -4.710  5.923   -19.325 1.00 77.87  ? 350 HIS A N   1 
ATOM   2    C CA  . HIS A 1 2   ? -4.596  7.360   -19.580 1.00 77.23  ? 350 HIS A CA  1 
ATOM   3    C C   . HIS A 1 2   ? -3.533  8.028   -18.692 1.00 77.04  ? 350 HIS A C   1 
ATOM   4    O O   . HIS A 1 2   ? -3.283  7.579   -17.572 1.00 75.68  ? 350 HIS A O   1 
ATOM   5    C CB  . HIS A 1 2   ? -5.959  8.053   -19.395 1.00 78.65  ? 350 HIS A CB  1 
ATOM   6    C CG  . HIS A 1 2   ? -6.103  9.337   -20.160 1.00 82.50  ? 350 HIS A CG  1 
ATOM   7    N ND1 . HIS A 1 2   ? -5.347  10.457  -19.849 1.00 84.39  ? 350 HIS A ND1 1 
ATOM   8    C CD2 . HIS A 1 2   ? -6.939  9.645   -21.179 1.00 84.47  ? 350 HIS A CD2 1 
ATOM   9    C CE1 . HIS A 1 2   ? -5.728  11.397  -20.700 1.00 84.00  ? 350 HIS A CE1 1 
ATOM   10   N NE2 . HIS A 1 2   ? -6.690  10.957  -21.514 1.00 84.37  ? 350 HIS A NE2 1 
ATOM   11   N N   . MET A 1 3   ? -2.920  9.110   -19.209 1.00 71.48  ? 351 MET A N   1 
ATOM   12   C CA  . MET A 1 3   ? -1.902  9.917   -18.534 1.00 70.04  ? 351 MET A CA  1 
ATOM   13   C C   . MET A 1 3   ? -2.514  10.726  -17.382 1.00 69.30  ? 351 MET A C   1 
ATOM   14   O O   . MET A 1 3   ? -1.859  10.915  -16.351 1.00 68.61  ? 351 MET A O   1 
ATOM   15   C CB  . MET A 1 3   ? -1.235  10.872  -19.538 1.00 72.75  ? 351 MET A CB  1 
ATOM   16   C CG  . MET A 1 3   ? 0.113   11.373  -19.078 1.00 77.14  ? 351 MET A CG  1 
ATOM   17   S SD  . MET A 1 3   ? 0.617   12.929  -19.852 1.00 82.06  ? 351 MET A SD  1 
ATOM   18   C CE  . MET A 1 3   ? 2.393   12.715  -19.841 1.00 78.73  ? 351 MET A CE  1 
ATOM   19   N N   . GLU A 1 4   ? -3.753  11.229  -17.581 1.00 61.72  ? 352 GLU A N   1 
ATOM   20   C CA  . GLU A 1 4   ? -4.501  12.041  -16.619 1.00 59.55  ? 352 GLU A CA  1 
ATOM   21   C C   . GLU A 1 4   ? -4.874  11.206  -15.385 1.00 57.42  ? 352 GLU A C   1 
ATOM   22   O O   . GLU A 1 4   ? -4.749  11.688  -14.250 1.00 54.16  ? 352 GLU A O   1 
ATOM   23   C CB  . GLU A 1 4   ? -5.757  12.621  -17.291 1.00 61.24  ? 352 GLU A CB  1 
ATOM   24   C CG  . GLU A 1 4   ? -6.318  13.877  -16.636 1.00 77.44  ? 352 GLU A CG  1 
ATOM   25   C CD  . GLU A 1 4   ? -7.689  14.338  -17.113 1.00 111.07 ? 352 GLU A CD  1 
ATOM   26   O OE1 . GLU A 1 4   ? -8.291  13.662  -17.981 1.00 109.40 ? 352 GLU A OE1 1 
ATOM   27   O OE2 . GLU A 1 4   ? -8.168  15.376  -16.601 1.00 108.17 ? 352 GLU A OE2 1 
ATOM   28   N N   . GLN A 1 5   ? -5.308  9.938   -15.613 1.00 51.25  ? 353 GLN A N   1 
ATOM   29   C CA  . GLN A 1 5   ? -5.684  9.057   -14.516 1.00 49.36  ? 353 GLN A CA  1 
ATOM   30   C C   . GLN A 1 5   ? -4.455  8.611   -13.680 1.00 49.11  ? 353 GLN A C   1 
ATOM   31   O O   . GLN A 1 5   ? -4.618  8.328   -12.496 1.00 48.74  ? 353 GLN A O   1 
ATOM   32   C CB  . GLN A 1 5   ? -6.572  7.883   -14.976 1.00 50.88  ? 353 GLN A CB  1 
ATOM   33   C CG  . GLN A 1 5   ? -5.936  6.800   -15.840 1.00 64.80  ? 353 GLN A CG  1 
ATOM   34   C CD  . GLN A 1 5   ? -6.912  5.688   -16.181 1.00 84.75  ? 353 GLN A CD  1 
ATOM   35   O OE1 . GLN A 1 5   ? -8.094  5.912   -16.482 1.00 82.14  ? 353 GLN A OE1 1 
ATOM   36   N NE2 . GLN A 1 5   ? -6.426  4.458   -16.195 1.00 70.69  ? 353 GLN A NE2 1 
ATOM   37   N N   . LEU A 1 6   ? -3.240  8.639   -14.256 1.00 44.10  ? 354 LEU A N   1 
ATOM   38   C CA  . LEU A 1 6   ? -2.015  8.292   -13.523 1.00 44.26  ? 354 LEU A CA  1 
ATOM   39   C C   . LEU A 1 6   ? -1.547  9.453   -12.634 1.00 47.06  ? 354 LEU A C   1 
ATOM   40   O O   . LEU A 1 6   ? -0.960  9.212   -11.572 1.00 47.03  ? 354 LEU A O   1 
ATOM   41   C CB  . LEU A 1 6   ? -0.901  7.751   -14.441 1.00 44.61  ? 354 LEU A CB  1 
ATOM   42   C CG  . LEU A 1 6   ? -1.183  6.368   -15.088 1.00 49.71  ? 354 LEU A CG  1 
ATOM   43   C CD1 . LEU A 1 6   ? -0.265  6.116   -16.263 1.00 50.33  ? 354 LEU A CD1 1 
ATOM   44   C CD2 . LEU A 1 6   ? -1.055  5.233   -14.081 1.00 51.00  ? 354 LEU A CD2 1 
ATOM   45   N N   . LYS A 1 7   ? -1.881  10.706  -13.021 1.00 41.74  ? 355 LYS A N   1 
ATOM   46   C CA  . LYS A 1 7   ? -1.580  11.899  -12.217 1.00 41.12  ? 355 LYS A CA  1 
ATOM   47   C C   . LYS A 1 7   ? -2.485  11.867  -10.973 1.00 44.33  ? 355 LYS A C   1 
ATOM   48   O O   . LYS A 1 7   ? -2.098  12.341  -9.901  1.00 43.54  ? 355 LYS A O   1 
ATOM   49   C CB  . LYS A 1 7   ? -1.860  13.195  -13.003 1.00 43.87  ? 355 LYS A CB  1 
ATOM   50   C CG  . LYS A 1 7   ? -1.024  13.382  -14.269 1.00 68.59  ? 355 LYS A CG  1 
ATOM   51   C CD  . LYS A 1 7   ? -1.482  14.618  -15.048 1.00 84.20  ? 355 LYS A CD  1 
ATOM   52   C CE  . LYS A 1 7   ? -0.879  14.712  -16.431 1.00 95.78  ? 355 LYS A CE  1 
ATOM   53   N NZ  . LYS A 1 7   ? -1.651  13.926  -17.433 1.00 102.08 ? 355 LYS A NZ  1 
ATOM   54   N N   . CYS A 1 8   ? -3.719  11.357  -11.147 1.00 39.86  ? 356 CYS A N   1 
ATOM   55   C CA  . CYS A 1 8   ? -4.698  11.222  -10.079 1.00 39.30  ? 356 CYS A CA  1 
ATOM   56   C C   . CYS A 1 8   ? -4.235  10.119  -9.116  1.00 37.88  ? 356 CYS A C   1 
ATOM   57   O O   . CYS A 1 8   ? -4.429  10.253  -7.911  1.00 35.55  ? 356 CYS A O   1 
ATOM   58   C CB  . CYS A 1 8   ? -6.080  10.933  -10.657 1.00 40.74  ? 356 CYS A CB  1 
ATOM   59   S SG  A CYS A 1 8   ? -6.880  12.377  -11.404 0.50 44.40  ? 356 CYS A SG  1 
ATOM   60   S SG  B CYS A 1 8   ? -7.330  10.515  -9.417  0.50 45.13  ? 356 CYS A SG  1 
ATOM   61   N N   . CYS A 1 9   ? -3.592  9.062   -9.654  1.00 33.35  ? 357 CYS A N   1 
ATOM   62   C CA  . CYS A 1 9   ? -3.021  7.955   -8.870  1.00 31.99  ? 357 CYS A CA  1 
ATOM   63   C C   . CYS A 1 9   ? -1.891  8.475   -8.038  1.00 33.55  ? 357 CYS A C   1 
ATOM   64   O O   . CYS A 1 9   ? -1.724  8.029   -6.904  1.00 32.39  ? 357 CYS A O   1 
ATOM   65   C CB  . CYS A 1 9   ? -2.546  6.837   -9.778  1.00 32.62  ? 357 CYS A CB  1 
ATOM   66   S SG  . CYS A 1 9   ? -3.875  5.834   -10.460 1.00 36.99  ? 357 CYS A SG  1 
ATOM   67   N N   . SER A 1 10  ? -1.086  9.420   -8.605  1.00 28.25  ? 358 SER A N   1 
ATOM   68   C CA  . SER A 1 10  ? 0.030   10.018  -7.894  0.50 26.67  ? 358 SER A CA  1 
ATOM   69   C C   . SER A 1 10  ? -0.515  10.846  -6.775  1.00 31.03  ? 358 SER A C   1 
ATOM   70   O O   . SER A 1 10  ? 0.084   10.856  -5.707  1.00 33.67  ? 358 SER A O   1 
ATOM   71   C CB  . SER A 1 10  ? 0.896   10.860  -8.824  0.50 28.74  ? 358 SER A CB  1 
ATOM   72   O OG  . SER A 1 10  ? 1.532   10.014  -9.766  0.50 34.81  ? 358 SER A OG  1 
ATOM   73   N N   . GLY A 1 11  ? -1.645  11.526  -7.010  1.00 27.52  ? 359 GLY A N   1 
ATOM   74   C CA  . GLY A 1 11  ? -2.345  12.356  -6.029  1.00 26.81  ? 359 GLY A CA  1 
ATOM   75   C C   . GLY A 1 11  ? -2.958  11.531  -4.906  1.00 28.28  ? 359 GLY A C   1 
ATOM   76   O O   . GLY A 1 11  ? -2.899  11.925  -3.738  1.00 26.42  ? 359 GLY A O   1 
ATOM   77   N N   . ILE A 1 12  ? -3.509  10.350  -5.229  1.00 25.86  ? 360 ILE A N   1 
ATOM   78   C CA  . ILE A 1 12  ? -4.050  9.478   -4.164  1.00 25.30  ? 360 ILE A CA  1 
ATOM   79   C C   . ILE A 1 12  ? -2.870  9.034   -3.281  1.00 30.32  ? 360 ILE A C   1 
ATOM   80   O O   . ILE A 1 12  ? -2.914  9.159   -2.050  1.00 30.70  ? 360 ILE A O   1 
ATOM   81   C CB  . ILE A 1 12  ? -4.814  8.269   -4.766  1.00 27.40  ? 360 ILE A CB  1 
ATOM   82   C CG1 . ILE A 1 12  ? -6.091  8.742   -5.502  1.00 26.25  ? 360 ILE A CG1 1 
ATOM   83   C CG2 . ILE A 1 12  ? -5.185  7.266   -3.655  1.00 27.29  ? 360 ILE A CG2 1 
ATOM   84   C CD1 . ILE A 1 12  ? -6.663  7.669   -6.481  1.00 28.90  ? 360 ILE A CD1 1 
ATOM   85   N N   . LEU A 1 13  ? -1.786  8.563   -3.923  1.00 27.85  ? 361 LEU A N   1 
ATOM   86   C CA  . LEU A 1 13  ? -0.615  8.139   -3.162  1.00 27.34  ? 361 LEU A CA  1 
ATOM   87   C C   . LEU A 1 13  ? -0.047  9.235   -2.313  1.00 29.37  ? 361 LEU A C   1 
ATOM   88   O O   . LEU A 1 13  ? 0.321   8.973   -1.173  1.00 27.02  ? 361 LEU A O   1 
ATOM   89   C CB  . LEU A 1 13  ? 0.447   7.512   -4.046  1.00 28.09  ? 361 LEU A CB  1 
ATOM   90   C CG  . LEU A 1 13  ? 1.470   6.640   -3.328  1.00 33.72  ? 361 LEU A CG  1 
ATOM   91   C CD1 . LEU A 1 13  ? 0.820   5.354   -2.774  1.00 33.18  ? 361 LEU A CD1 1 
ATOM   92   C CD2 . LEU A 1 13  ? 2.593   6.303   -4.273  1.00 38.04  ? 361 LEU A CD2 1 
ATOM   93   N N   . LYS A 1 14  ? -0.052  10.498  -2.815  1.00 28.95  ? 362 LYS A N   1 
ATOM   94   C CA  . LYS A 1 14  ? 0.444   11.643  -2.036  1.00 27.77  ? 362 LYS A CA  1 
ATOM   95   C C   . LYS A 1 14  ? -0.369  11.847  -0.766  1.00 30.79  ? 362 LYS A C   1 
ATOM   96   O O   . LYS A 1 14  ? 0.209   12.132  0.288   1.00 32.46  ? 362 LYS A O   1 
ATOM   97   C CB  . LYS A 1 14  ? 0.479   12.938  -2.892  1.00 29.82  ? 362 LYS A CB  1 
ATOM   98   C CG  . LYS A 1 14  ? 1.220   14.094  -2.231  1.00 41.10  ? 362 LYS A CG  1 
ATOM   99   C CD  . LYS A 1 14  ? 1.240   15.325  -3.136  1.00 52.33  ? 362 LYS A CD  1 
ATOM   100  C CE  . LYS A 1 14  ? 2.294   16.337  -2.739  1.00 62.67  ? 362 LYS A CE  1 
ATOM   101  N NZ  . LYS A 1 14  ? 1.763   17.350  -1.790  1.00 77.24  ? 362 LYS A NZ  1 
ATOM   102  N N   . GLU A 1 15  ? -1.698  11.700  -0.846  1.00 27.21  ? 363 GLU A N   1 
ATOM   103  C CA  . GLU A 1 15  ? -2.562  11.837  0.336   1.00 26.30  ? 363 GLU A CA  1 
ATOM   104  C C   . GLU A 1 15  ? -2.271  10.710  1.358   1.00 29.78  ? 363 GLU A C   1 
ATOM   105  O O   . GLU A 1 15  ? -2.252  10.951  2.575   1.00 31.46  ? 363 GLU A O   1 
ATOM   106  C CB  . GLU A 1 15  ? -4.058  11.818  -0.052  1.00 27.84  ? 363 GLU A CB  1 
ATOM   107  C CG  . GLU A 1 15  ? -4.913  11.884  1.206   1.00 32.00  ? 363 GLU A CG  1 
ATOM   108  C CD  . GLU A 1 15  ? -6.399  12.154  1.120   1.00 45.58  ? 363 GLU A CD  1 
ATOM   109  O OE1 . GLU A 1 15  ? -6.897  12.398  0.001   1.00 41.51  ? 363 GLU A OE1 1 
ATOM   110  O OE2 . GLU A 1 15  ? -7.070  12.112  2.179   1.00 29.37  ? 363 GLU A OE2 1 
ATOM   111  N N   . MET A 1 16  ? -2.031  9.496   0.863   1.00 24.86  ? 364 MET A N   1 
ATOM   112  C CA  . MET A 1 16  ? -1.714  8.355   1.734   1.00 24.07  ? 364 MET A CA  1 
ATOM   113  C C   . MET A 1 16  ? -0.425  8.589   2.543   1.00 30.74  ? 364 MET A C   1 
ATOM   114  O O   . MET A 1 16  ? -0.348  8.175   3.699   1.00 29.77  ? 364 MET A O   1 
ATOM   115  C CB  . MET A 1 16  ? -1.701  7.064   0.931   1.00 25.37  ? 364 MET A CB  1 
ATOM   116  C CG  . MET A 1 16  ? -3.097  6.652   0.457   1.00 26.59  ? 364 MET A CG  1 
ATOM   117  S SD  . MET A 1 16  ? -3.008  5.379   -0.794  1.00 29.75  ? 364 MET A SD  1 
ATOM   118  C CE  . MET A 1 16  ? -2.276  3.991   0.207   1.00 27.01  ? 364 MET A CE  1 
ATOM   119  N N   . PHE A 1 17  ? 0.551   9.314   1.956   1.00 29.05  ? 365 PHE A N   1 
ATOM   120  C CA  . PHE A 1 17  ? 1.823   9.722   2.569   1.00 28.48  ? 365 PHE A CA  1 
ATOM   121  C C   . PHE A 1 17  ? 1.685   10.968  3.446   1.00 37.32  ? 365 PHE A C   1 
ATOM   122  O O   . PHE A 1 17  ? 2.627   11.294  4.181   1.00 38.90  ? 365 PHE A O   1 
ATOM   123  C CB  . PHE A 1 17  ? 2.883   10.009  1.477   1.00 28.92  ? 365 PHE A CB  1 
ATOM   124  C CG  . PHE A 1 17  ? 3.739   8.824   1.098   1.00 29.29  ? 365 PHE A CG  1 
ATOM   125  C CD1 . PHE A 1 17  ? 4.607   8.248   2.022   1.00 31.69  ? 365 PHE A CD1 1 
ATOM   126  C CD2 . PHE A 1 17  ? 3.710   8.310   -0.194  1.00 29.38  ? 365 PHE A CD2 1 
ATOM   127  C CE1 . PHE A 1 17  ? 5.400   7.167   1.670   1.00 31.21  ? 365 PHE A CE1 1 
ATOM   128  C CE2 . PHE A 1 17  ? 4.526   7.239   -0.550  1.00 32.70  ? 365 PHE A CE2 1 
ATOM   129  C CZ  . PHE A 1 17  ? 5.389   6.697   0.376   1.00 29.92  ? 365 PHE A CZ  1 
ATOM   130  N N   . ALA A 1 18  ? 0.527   11.667  3.384   1.00 35.18  ? 366 ALA A N   1 
ATOM   131  C CA  . ALA A 1 18  ? 0.289   12.912  4.127   1.00 35.07  ? 366 ALA A CA  1 
ATOM   132  C C   . ALA A 1 18  ? 0.181   12.758  5.634   1.00 37.50  ? 366 ALA A C   1 
ATOM   133  O O   . ALA A 1 18  ? -0.269  11.732  6.114   1.00 34.97  ? 366 ALA A O   1 
ATOM   134  C CB  . ALA A 1 18  ? -0.945  13.620  3.592   1.00 35.93  ? 366 ALA A CB  1 
ATOM   135  N N   . LYS A 1 19  ? 0.567   13.815  6.375   1.00 36.35  ? 367 LYS A N   1 
ATOM   136  C CA  . LYS A 1 19  ? 0.535   13.899  7.846   1.00 37.39  ? 367 LYS A CA  1 
ATOM   137  C C   . LYS A 1 19  ? -0.826  13.587  8.454   1.00 39.91  ? 367 LYS A C   1 
ATOM   138  O O   . LYS A 1 19  ? -0.897  13.084  9.582   1.00 39.54  ? 367 LYS A O   1 
ATOM   139  C CB  . LYS A 1 19  ? 1.032   15.273  8.310   1.00 42.09  ? 367 LYS A CB  1 
ATOM   140  C CG  . LYS A 1 19  ? 2.553   15.329  8.451   1.00 63.20  ? 367 LYS A CG  1 
ATOM   141  C CD  . LYS A 1 19  ? 3.153   16.552  7.759   1.00 79.13  ? 367 LYS A CD  1 
ATOM   142  C CE  . LYS A 1 19  ? 4.196   16.193  6.716   1.00 90.36  ? 367 LYS A CE  1 
ATOM   143  N NZ  . LYS A 1 19  ? 3.583   15.714  5.444   1.00 97.56  ? 367 LYS A NZ  1 
ATOM   144  N N   . LYS A 1 20  ? -1.915  13.874  7.693   1.00 35.21  ? 368 LYS A N   1 
ATOM   145  C CA  . LYS A 1 20  ? -3.292  13.624  8.100   1.00 33.41  ? 368 LYS A CA  1 
ATOM   146  C C   . LYS A 1 20  ? -3.453  12.151  8.450   1.00 36.30  ? 368 LYS A C   1 
ATOM   147  O O   . LYS A 1 20  ? -4.118  11.844  9.430   1.00 36.70  ? 368 LYS A O   1 
ATOM   148  C CB  . LYS A 1 20  ? -4.258  14.004  6.950   1.00 35.72  ? 368 LYS A CB  1 
ATOM   149  C CG  . LYS A 1 20  ? -5.728  13.872  7.317   1.00 48.91  ? 368 LYS A CG  1 
ATOM   150  C CD  . LYS A 1 20  ? -6.658  14.237  6.186   1.00 53.97  ? 368 LYS A CD  1 
ATOM   151  C CE  . LYS A 1 20  ? -8.075  14.358  6.690   1.00 67.21  ? 368 LYS A CE  1 
ATOM   152  N NZ  . LYS A 1 20  ? -8.974  14.956  5.665   1.00 84.95  ? 368 LYS A NZ  1 
ATOM   153  N N   . HIS A 1 21  ? -2.820  11.240  7.676   1.00 30.68  ? 369 HIS A N   1 
ATOM   154  C CA  . HIS A 1 21  ? -2.991  9.794   7.865   1.00 29.57  ? 369 HIS A CA  1 
ATOM   155  C C   . HIS A 1 21  ? -1.777  9.072   8.438   1.00 32.75  ? 369 HIS A C   1 
ATOM   156  O O   . HIS A 1 21  ? -1.827  7.853   8.563   1.00 31.86  ? 369 HIS A O   1 
ATOM   157  C CB  . HIS A 1 21  ? -3.427  9.134   6.523   1.00 29.98  ? 369 HIS A CB  1 
ATOM   158  C CG  . HIS A 1 21  ? -4.513  9.880   5.803   1.00 33.32  ? 369 HIS A CG  1 
ATOM   159  N ND1 . HIS A 1 21  ? -5.810  9.927   6.297   1.00 35.73  ? 369 HIS A ND1 1 
ATOM   160  C CD2 . HIS A 1 21  ? -4.456  10.613  4.666   1.00 34.47  ? 369 HIS A CD2 1 
ATOM   161  C CE1 . HIS A 1 21  ? -6.496  10.678  5.446   1.00 34.72  ? 369 HIS A CE1 1 
ATOM   162  N NE2 . HIS A 1 21  ? -5.727  11.100  4.440   1.00 34.66  ? 369 HIS A NE2 1 
ATOM   163  N N   . ALA A 1 22  ? -0.739  9.812   8.883   1.00 31.01  ? 370 ALA A N   1 
ATOM   164  C CA  . ALA A 1 22  ? 0.531   9.248   9.361   1.00 32.23  ? 370 ALA A CA  1 
ATOM   165  C C   . ALA A 1 22  ? 0.446   8.320   10.563  1.00 36.89  ? 370 ALA A C   1 
ATOM   166  O O   . ALA A 1 22  ? 1.273   7.414   10.662  1.00 35.54  ? 370 ALA A O   1 
ATOM   167  C CB  . ALA A 1 22  ? 1.545   10.356  9.629   1.00 33.31  ? 370 ALA A CB  1 
ATOM   168  N N   . ALA A 1 23  ? -0.547  8.508   11.453  1.00 34.83  ? 371 ALA A N   1 
ATOM   169  C CA  . ALA A 1 23  ? -0.722  7.673   12.652  1.00 35.00  ? 371 ALA A CA  1 
ATOM   170  C C   . ALA A 1 23  ? -1.004  6.212   12.329  1.00 36.09  ? 371 ALA A C   1 
ATOM   171  O O   . ALA A 1 23  ? -0.627  5.339   13.103  1.00 36.74  ? 371 ALA A O   1 
ATOM   172  C CB  . ALA A 1 23  ? -1.835  8.233   13.539  1.00 36.27  ? 371 ALA A CB  1 
ATOM   173  N N   . TYR A 1 24  ? -1.657  5.943   11.190  1.00 29.20  ? 372 TYR A N   1 
ATOM   174  C CA  . TYR A 1 24  ? -1.966  4.594   10.765  1.00 26.90  ? 372 TYR A CA  1 
ATOM   175  C C   . TYR A 1 24  ? -1.335  4.214   9.412   1.00 28.26  ? 372 TYR A C   1 
ATOM   176  O O   . TYR A 1 24  ? -1.304  3.041   9.088   1.00 29.10  ? 372 TYR A O   1 
ATOM   177  C CB  . TYR A 1 24  ? -3.471  4.340   10.772  1.00 27.62  ? 372 TYR A CB  1 
ATOM   178  C CG  . TYR A 1 24  ? -4.290  5.397   10.060  1.00 27.85  ? 372 TYR A CG  1 
ATOM   179  C CD1 . TYR A 1 24  ? -4.623  5.260   8.713   1.00 28.60  ? 372 TYR A CD1 1 
ATOM   180  C CD2 . TYR A 1 24  ? -4.782  6.507   10.746  1.00 26.71  ? 372 TYR A CD2 1 
ATOM   181  C CE1 . TYR A 1 24  ? -5.428  6.199   8.067   1.00 27.95  ? 372 TYR A CE1 1 
ATOM   182  C CE2 . TYR A 1 24  ? -5.574  7.461   10.107  1.00 26.15  ? 372 TYR A CE2 1 
ATOM   183  C CZ  . TYR A 1 24  ? -5.904  7.294   8.771   1.00 32.62  ? 372 TYR A CZ  1 
ATOM   184  O OH  . TYR A 1 24  ? -6.711  8.207   8.143   1.00 32.20  ? 372 TYR A OH  1 
ATOM   185  N N   . ALA A 1 25  ? -0.839  5.175   8.632   1.00 24.11  ? 373 ALA A N   1 
ATOM   186  C CA  . ALA A 1 25  ? -0.246  4.827   7.337   1.00 24.19  ? 373 ALA A CA  1 
ATOM   187  C C   . ALA A 1 25  ? 1.232   4.436   7.429   1.00 26.82  ? 373 ALA A C   1 
ATOM   188  O O   . ALA A 1 25  ? 1.738   3.811   6.504   1.00 27.03  ? 373 ALA A O   1 
ATOM   189  C CB  . ALA A 1 25  ? -0.415  5.973   6.367   1.00 25.14  ? 373 ALA A CB  1 
ATOM   190  N N   . TRP A 1 26  ? 1.938   4.837   8.508   1.00 25.79  ? 374 TRP A N   1 
ATOM   191  C CA  . TRP A 1 26  ? 3.396   4.622   8.624   1.00 26.71  ? 374 TRP A CA  1 
ATOM   192  C C   . TRP A 1 26  ? 3.855   3.158   8.414   1.00 28.43  ? 374 TRP A C   1 
ATOM   193  O O   . TRP A 1 26  ? 4.897   2.988   7.780   1.00 28.09  ? 374 TRP A O   1 
ATOM   194  C CB  . TRP A 1 26  ? 4.004   5.217   9.921   1.00 27.07  ? 374 TRP A CB  1 
ATOM   195  C CG  . TRP A 1 26  ? 3.581   4.561   11.194  1.00 29.84  ? 374 TRP A CG  1 
ATOM   196  C CD1 . TRP A 1 26  ? 2.567   4.950   12.014  1.00 32.95  ? 374 TRP A CD1 1 
ATOM   197  C CD2 . TRP A 1 26  ? 4.143   3.386   11.779  1.00 30.72  ? 374 TRP A CD2 1 
ATOM   198  N NE1 . TRP A 1 26  ? 2.424   4.056   13.045  1.00 32.85  ? 374 TRP A NE1 1 
ATOM   199  C CE2 . TRP A 1 26  ? 3.398   3.102   12.943  1.00 34.86  ? 374 TRP A CE2 1 
ATOM   200  C CE3 . TRP A 1 26  ? 5.188   2.520   11.418  1.00 32.99  ? 374 TRP A CE3 1 
ATOM   201  C CZ2 . TRP A 1 26  ? 3.694   2.019   13.776  1.00 34.47  ? 374 TRP A CZ2 1 
ATOM   202  C CZ3 . TRP A 1 26  ? 5.448   1.420   12.218  1.00 35.12  ? 374 TRP A CZ3 1 
ATOM   203  C CH2 . TRP A 1 26  ? 4.724   1.192   13.391  1.00 35.76  ? 374 TRP A CH2 1 
ATOM   204  N N   . PRO A 1 27  ? 3.134   2.085   8.843   1.00 23.17  ? 375 PRO A N   1 
ATOM   205  C CA  . PRO A 1 27  ? 3.650   0.733   8.583   1.00 22.54  ? 375 PRO A CA  1 
ATOM   206  C C   . PRO A 1 27  ? 3.731   0.378   7.101   1.00 24.92  ? 375 PRO A C   1 
ATOM   207  O O   . PRO A 1 27  ? 4.403   -0.581  6.754   1.00 24.06  ? 375 PRO A O   1 
ATOM   208  C CB  . PRO A 1 27  ? 2.627   -0.165  9.283   1.00 25.01  ? 375 PRO A CB  1 
ATOM   209  C CG  . PRO A 1 27  ? 1.996   0.700   10.307  1.00 26.77  ? 375 PRO A CG  1 
ATOM   210  C CD  . PRO A 1 27  ? 1.878   2.013   9.628   1.00 22.04  ? 375 PRO A CD  1 
ATOM   211  N N   . PHE A 1 28  ? 3.087   1.176   6.233   1.00 23.89  ? 376 PHE A N   1 
ATOM   212  C CA  . PHE A 1 28  ? 3.006   0.921   4.777   1.00 23.14  ? 376 PHE A CA  1 
ATOM   213  C C   . PHE A 1 28  ? 3.951   1.768   3.964   1.00 26.03  ? 376 PHE A C   1 
ATOM   214  O O   . PHE A 1 28  ? 4.018   1.596   2.751   1.00 25.18  ? 376 PHE A O   1 
ATOM   215  C CB  . PHE A 1 28  ? 1.549   1.144   4.317   1.00 24.42  ? 376 PHE A CB  1 
ATOM   216  C CG  . PHE A 1 28  ? 0.660   0.281   5.168   1.00 24.63  ? 376 PHE A CG  1 
ATOM   217  C CD1 . PHE A 1 28  ? 0.582   -1.091  4.948   1.00 26.16  ? 376 PHE A CD1 1 
ATOM   218  C CD2 . PHE A 1 28  ? 0.001   0.816   6.269   1.00 25.77  ? 376 PHE A CD2 1 
ATOM   219  C CE1 . PHE A 1 28  ? -0.168  -1.901  5.791   1.00 26.48  ? 376 PHE A CE1 1 
ATOM   220  C CE2 . PHE A 1 28  ? -0.712  -0.005  7.130   1.00 26.53  ? 376 PHE A CE2 1 
ATOM   221  C CZ  . PHE A 1 28  ? -0.790  -1.357  6.882   1.00 23.59  ? 376 PHE A CZ  1 
ATOM   222  N N   . TYR A 1 29  ? 4.686   2.670   4.621   1.00 24.07  ? 377 TYR A N   1 
ATOM   223  C CA  . TYR A 1 29  ? 5.576   3.593   3.920   1.00 24.95  ? 377 TYR A CA  1 
ATOM   224  C C   . TYR A 1 29  ? 6.704   2.920   3.182   1.00 30.76  ? 377 TYR A C   1 
ATOM   225  O O   . TYR A 1 29  ? 7.016   3.315   2.069   1.00 31.07  ? 377 TYR A O   1 
ATOM   226  C CB  . TYR A 1 29  ? 6.204   4.584   4.899   1.00 26.31  ? 377 TYR A CB  1 
ATOM   227  C CG  . TYR A 1 29  ? 5.313   5.677   5.437   1.00 27.28  ? 377 TYR A CG  1 
ATOM   228  C CD1 . TYR A 1 29  ? 4.073   5.947   4.859   1.00 28.19  ? 377 TYR A CD1 1 
ATOM   229  C CD2 . TYR A 1 29  ? 5.714   6.455   6.514   1.00 28.95  ? 377 TYR A CD2 1 
ATOM   230  C CE1 . TYR A 1 29  ? 3.259   6.969   5.341   1.00 27.00  ? 377 TYR A CE1 1 
ATOM   231  C CE2 . TYR A 1 29  ? 4.921   7.496   6.988   1.00 30.34  ? 377 TYR A CE2 1 
ATOM   232  C CZ  . TYR A 1 29  ? 3.695   7.751   6.397   1.00 31.64  ? 377 TYR A CZ  1 
ATOM   233  O OH  . TYR A 1 29  ? 2.906   8.753   6.890   1.00 31.82  ? 377 TYR A OH  1 
ATOM   234  N N   . LYS A 1 30  ? 7.378   1.966   3.835   1.00 27.81  ? 378 LYS A N   1 
ATOM   235  C CA  . LYS A 1 30  ? 8.590   1.368   3.304   1.00 28.11  ? 378 LYS A CA  1 
ATOM   236  C C   . LYS A 1 30  ? 8.489   -0.125  3.285   1.00 31.01  ? 378 LYS A C   1 
ATOM   237  O O   . LYS A 1 30  ? 7.627   -0.639  3.989   1.00 28.65  ? 378 LYS A O   1 
ATOM   238  C CB  . LYS A 1 30  ? 9.794   1.820   4.155   1.00 31.59  ? 378 LYS A CB  1 
ATOM   239  C CG  . LYS A 1 30  ? 10.108  3.307   4.022   1.00 42.72  ? 378 LYS A CG  1 
ATOM   240  C CD  . LYS A 1 30  ? 11.511  3.539   3.489   1.00 58.28  ? 378 LYS A CD  1 
ATOM   241  C CE  . LYS A 1 30  ? 11.870  5.006   3.448   1.00 70.82  ? 378 LYS A CE  1 
ATOM   242  N NZ  . LYS A 1 30  ? 13.205  5.239   2.828   1.00 79.53  ? 378 LYS A NZ  1 
ATOM   243  N N   . PRO A 1 31  ? 9.289   -0.869  2.460   1.00 30.20  ? 379 PRO A N   1 
ATOM   244  C CA  . PRO A 1 31  ? 9.177   -2.336  2.475   1.00 30.00  ? 379 PRO A CA  1 
ATOM   245  C C   . PRO A 1 31  ? 9.234   -2.913  3.882   1.00 31.06  ? 379 PRO A C   1 
ATOM   246  O O   . PRO A 1 31  ? 9.890   -2.335  4.749   1.00 30.38  ? 379 PRO A O   1 
ATOM   247  C CB  . PRO A 1 31  ? 10.383  -2.796  1.650   1.00 32.67  ? 379 PRO A CB  1 
ATOM   248  C CG  . PRO A 1 31  ? 10.697  -1.654  0.774   1.00 38.05  ? 379 PRO A CG  1 
ATOM   249  C CD  . PRO A 1 31  ? 10.390  -0.428  1.569   1.00 33.14  ? 379 PRO A CD  1 
ATOM   250  N N   . VAL A 1 32  ? 8.522   -4.031  4.112   1.00 27.32  ? 380 VAL A N   1 
ATOM   251  C CA  . VAL A 1 32  ? 8.527   -4.742  5.393   1.00 27.60  ? 380 VAL A CA  1 
ATOM   252  C C   . VAL A 1 32  ? 9.986   -5.189  5.662   1.00 31.72  ? 380 VAL A C   1 
ATOM   253  O O   . VAL A 1 32  ? 10.647  -5.682  4.745   1.00 28.75  ? 380 VAL A O   1 
ATOM   254  C CB  . VAL A 1 32  ? 7.517   -5.934  5.370   1.00 31.88  ? 380 VAL A CB  1 
ATOM   255  C CG1 . VAL A 1 32  ? 7.709   -6.892  6.554   1.00 30.93  ? 380 VAL A CG1 1 
ATOM   256  C CG2 . VAL A 1 32  ? 6.063   -5.423  5.335   1.00 31.32  ? 380 VAL A CG2 1 
ATOM   257  N N   . ASP A 1 33  ? 10.501  -4.916  6.877   1.00 30.50  ? 381 ASP A N   1 
ATOM   258  C CA  . ASP A 1 33  ? 11.856  -5.330  7.285   1.00 31.19  ? 381 ASP A CA  1 
ATOM   259  C C   . ASP A 1 33  ? 11.790  -6.815  7.668   1.00 33.30  ? 381 ASP A C   1 
ATOM   260  O O   . ASP A 1 33  ? 11.520  -7.140  8.818   1.00 33.62  ? 381 ASP A O   1 
ATOM   261  C CB  . ASP A 1 33  ? 12.356  -4.477  8.478   1.00 33.48  ? 381 ASP A CB  1 
ATOM   262  C CG  . ASP A 1 33  ? 13.835  -4.646  8.845   1.00 47.99  ? 381 ASP A CG  1 
ATOM   263  O OD1 . ASP A 1 33  ? 14.542  -5.461  8.173   1.00 44.83  ? 381 ASP A OD1 1 
ATOM   264  O OD2 . ASP A 1 33  ? 14.291  -3.956  9.789   1.00 56.67  ? 381 ASP A OD2 1 
ATOM   265  N N   . VAL A 1 34  ? 12.044  -7.709  6.716   1.00 32.04  ? 382 VAL A N   1 
ATOM   266  C CA  . VAL A 1 34  ? 11.967  -9.151  6.955   1.00 34.65  ? 382 VAL A CA  1 
ATOM   267  C C   . VAL A 1 34  ? 13.066  -9.667  7.928   1.00 41.93  ? 382 VAL A C   1 
ATOM   268  O O   . VAL A 1 34  ? 13.027  -10.835 8.303   1.00 42.53  ? 382 VAL A O   1 
ATOM   269  C CB  . VAL A 1 34  ? 11.903  -9.988  5.660   1.00 39.76  ? 382 VAL A CB  1 
ATOM   270  C CG1 . VAL A 1 34  ? 10.651  -9.649  4.864   1.00 39.68  ? 382 VAL A CG1 1 
ATOM   271  C CG2 . VAL A 1 34  ? 13.163  -9.833  4.804   1.00 39.97  ? 382 VAL A CG2 1 
ATOM   272  N N   . GLU A 1 35  ? 13.986  -8.788  8.363   1.00 38.90  ? 383 GLU A N   1 
ATOM   273  C CA  . GLU A 1 35  ? 15.048  -9.122  9.310   1.00 39.73  ? 383 GLU A CA  1 
ATOM   274  C C   . GLU A 1 35  ? 14.671  -8.701  10.736  1.00 45.31  ? 383 GLU A C   1 
ATOM   275  O O   . GLU A 1 35  ? 15.488  -8.826  11.652  1.00 47.19  ? 383 GLU A O   1 
ATOM   276  C CB  . GLU A 1 35  ? 16.382  -8.497  8.864   1.00 41.11  ? 383 GLU A CB  1 
ATOM   277  C CG  . GLU A 1 35  ? 16.865  -9.008  7.515   1.00 53.88  ? 383 GLU A CG  1 
ATOM   278  C CD  . GLU A 1 35  ? 17.719  -10.261 7.563   1.00 87.20  ? 383 GLU A CD  1 
ATOM   279  O OE1 . GLU A 1 35  ? 18.877  -10.173 8.031   1.00 96.50  ? 383 GLU A OE1 1 
ATOM   280  O OE2 . GLU A 1 35  ? 17.243  -11.324 7.100   1.00 78.74  ? 383 GLU A OE2 1 
ATOM   281  N N   . ALA A 1 36  ? 13.435  -8.196  10.930  1.00 39.91  ? 384 ALA A N   1 
ATOM   282  C CA  . ALA A 1 36  ? 12.954  -7.786  12.250  1.00 39.20  ? 384 ALA A CA  1 
ATOM   283  C C   . ALA A 1 36  ? 12.487  -9.034  12.994  1.00 42.39  ? 384 ALA A C   1 
ATOM   284  O O   . ALA A 1 36  ? 12.078  -10.025 12.358  1.00 40.68  ? 384 ALA A O   1 
ATOM   285  C CB  . ALA A 1 36  ? 11.798  -6.799  12.120  1.00 39.73  ? 384 ALA A CB  1 
ATOM   286  N N   . LEU A 1 37  ? 12.530  -8.985  14.335  1.00 39.51  ? 385 LEU A N   1 
ATOM   287  C CA  . LEU A 1 37  ? 12.089  -10.112 15.163  1.00 39.16  ? 385 LEU A CA  1 
ATOM   288  C C   . LEU A 1 37  ? 10.613  -10.400 14.889  1.00 43.97  ? 385 LEU A C   1 
ATOM   289  O O   . LEU A 1 37  ? 9.795   -9.478  14.809  1.00 43.85  ? 385 LEU A O   1 
ATOM   290  C CB  . LEU A 1 37  ? 12.356  -9.874  16.672  1.00 39.12  ? 385 LEU A CB  1 
ATOM   291  C CG  . LEU A 1 37  ? 11.975  -11.019 17.643  1.00 43.13  ? 385 LEU A CG  1 
ATOM   292  C CD1 . LEU A 1 37  ? 12.900  -12.227 17.504  1.00 41.43  ? 385 LEU A CD1 1 
ATOM   293  C CD2 . LEU A 1 37  ? 11.923  -10.531 19.072  1.00 48.01  ? 385 LEU A CD2 1 
ATOM   294  N N   . GLY A 1 38  ? 10.326  -11.683 14.686  1.00 39.26  ? 386 GLY A N   1 
ATOM   295  C CA  . GLY A 1 38  ? 9.003   -12.190 14.394  1.00 38.36  ? 386 GLY A CA  1 
ATOM   296  C C   . GLY A 1 38  ? 8.709   -12.281 12.915  1.00 40.51  ? 386 GLY A C   1 
ATOM   297  O O   . GLY A 1 38  ? 7.720   -12.919 12.552  1.00 39.59  ? 386 GLY A O   1 
ATOM   298  N N   . LEU A 1 39  ? 9.556   -11.677 12.036  1.00 34.71  ? 387 LEU A N   1 
ATOM   299  C CA  . LEU A 1 39  ? 9.266   -11.691 10.596  1.00 34.33  ? 387 LEU A CA  1 
ATOM   300  C C   . LEU A 1 39  ? 10.158  -12.644 9.777   1.00 39.77  ? 387 LEU A C   1 
ATOM   301  O O   . LEU A 1 39  ? 10.243  -12.492 8.558   1.00 39.04  ? 387 LEU A O   1 
ATOM   302  C CB  . LEU A 1 39  ? 9.277   -10.254 10.011  1.00 34.01  ? 387 LEU A CB  1 
ATOM   303  C CG  . LEU A 1 39  ? 8.472   -9.204  10.803  1.00 38.77  ? 387 LEU A CG  1 
ATOM   304  C CD1 . LEU A 1 39  ? 8.589   -7.836  10.197  1.00 38.65  ? 387 LEU A CD1 1 
ATOM   305  C CD2 . LEU A 1 39  ? 7.020   -9.569  10.905  1.00 42.12  ? 387 LEU A CD2 1 
ATOM   306  N N   . HIS A 1 40  ? 10.749  -13.680 10.439  1.00 35.47  ? 388 HIS A N   1 
ATOM   307  C CA  . HIS A 1 40  ? 11.596  -14.719 9.816   1.00 34.05  ? 388 HIS A CA  1 
ATOM   308  C C   . HIS A 1 40  ? 10.842  -15.504 8.747   1.00 37.65  ? 388 HIS A C   1 
ATOM   309  O O   . HIS A 1 40  ? 11.449  -15.988 7.801   1.00 38.56  ? 388 HIS A O   1 
ATOM   310  C CB  . HIS A 1 40  ? 12.139  -15.710 10.886  1.00 33.74  ? 388 HIS A CB  1 
ATOM   311  C CG  . HIS A 1 40  ? 11.079  -16.390 11.702  1.00 35.52  ? 388 HIS A CG  1 
ATOM   312  N ND1 . HIS A 1 40  ? 10.650  -15.866 12.915  1.00 36.91  ? 388 HIS A ND1 1 
ATOM   313  C CD2 . HIS A 1 40  ? 10.396  -17.532 11.458  1.00 36.02  ? 388 HIS A CD2 1 
ATOM   314  C CE1 . HIS A 1 40  ? 9.725   -16.696 13.363  1.00 35.75  ? 388 HIS A CE1 1 
ATOM   315  N NE2 . HIS A 1 40  ? 9.528   -17.706 12.516  1.00 36.24  ? 388 HIS A NE2 1 
ATOM   316  N N   . ASP A 1 41  ? 9.529   -15.640 8.919   1.00 32.24  ? 389 ASP A N   1 
ATOM   317  C CA  . ASP A 1 41  ? 8.628   -16.356 8.022   1.00 31.46  ? 389 ASP A CA  1 
ATOM   318  C C   . ASP A 1 41  ? 7.873   -15.451 7.013   1.00 34.19  ? 389 ASP A C   1 
ATOM   319  O O   . ASP A 1 41  ? 7.073   -15.968 6.223   1.00 33.66  ? 389 ASP A O   1 
ATOM   320  C CB  . ASP A 1 41  ? 7.622   -17.175 8.856   1.00 33.61  ? 389 ASP A CB  1 
ATOM   321  C CG  . ASP A 1 41  ? 6.712   -16.364 9.755   1.00 39.61  ? 389 ASP A CG  1 
ATOM   322  O OD1 . ASP A 1 41  ? 6.928   -15.130 9.877   1.00 39.61  ? 389 ASP A OD1 1 
ATOM   323  O OD2 . ASP A 1 41  ? 5.792   -16.958 10.349  1.00 44.60  ? 389 ASP A OD2 1 
ATOM   324  N N   . TYR A 1 42  ? 8.131   -14.134 7.020   1.00 29.64  ? 390 TYR A N   1 
ATOM   325  C CA  . TYR A 1 42  ? 7.427   -13.204 6.130   1.00 29.93  ? 390 TYR A CA  1 
ATOM   326  C C   . TYR A 1 42  ? 7.554   -13.593 4.652   1.00 38.05  ? 390 TYR A C   1 
ATOM   327  O O   . TYR A 1 42  ? 6.531   -13.797 3.987   1.00 36.89  ? 390 TYR A O   1 
ATOM   328  C CB  . TYR A 1 42  ? 7.836   -11.742 6.395   1.00 30.20  ? 390 TYR A CB  1 
ATOM   329  C CG  . TYR A 1 42  ? 6.897   -10.755 5.729   1.00 29.20  ? 390 TYR A CG  1 
ATOM   330  C CD1 . TYR A 1 42  ? 5.673   -10.422 6.311   1.00 30.31  ? 390 TYR A CD1 1 
ATOM   331  C CD2 . TYR A 1 42  ? 7.165   -10.263 4.461   1.00 29.98  ? 390 TYR A CD2 1 
ATOM   332  C CE1 . TYR A 1 42  ? 4.779   -9.555  5.669   1.00 32.23  ? 390 TYR A CE1 1 
ATOM   333  C CE2 . TYR A 1 42  ? 6.310   -9.356  3.834   1.00 30.94  ? 390 TYR A CE2 1 
ATOM   334  C CZ  . TYR A 1 42  ? 5.108   -9.028  4.424   1.00 35.72  ? 390 TYR A CZ  1 
ATOM   335  O OH  . TYR A 1 42  ? 4.294   -8.175  3.726   1.00 33.42  ? 390 TYR A OH  1 
ATOM   336  N N   . CYS A 1 43  ? 8.788   -13.784 4.163   1.00 38.16  ? 391 CYS A N   1 
ATOM   337  C CA  . CYS A 1 43  ? 9.052   -14.181 2.776   1.00 40.21  ? 391 CYS A CA  1 
ATOM   338  C C   . CYS A 1 43  ? 8.516   -15.577 2.401   1.00 43.19  ? 391 CYS A C   1 
ATOM   339  O O   . CYS A 1 43  ? 8.410   -15.871 1.209   1.00 41.80  ? 391 CYS A O   1 
ATOM   340  C CB  . CYS A 1 43  ? 10.534  -14.054 2.453   1.00 42.95  ? 391 CYS A CB  1 
ATOM   341  S SG  . CYS A 1 43  ? 11.214  -12.399 2.733   1.00 48.28  ? 391 CYS A SG  1 
ATOM   342  N N   . ASP A 1 44  ? 8.210   -16.434 3.395   1.00 40.68  ? 392 ASP A N   1 
ATOM   343  C CA  . ASP A 1 44  ? 7.666   -17.774 3.150   1.00 41.23  ? 392 ASP A CA  1 
ATOM   344  C C   . ASP A 1 44  ? 6.165   -17.713 2.891   1.00 44.61  ? 392 ASP A C   1 
ATOM   345  O O   . ASP A 1 44  ? 5.621   -18.618 2.259   1.00 44.44  ? 392 ASP A O   1 
ATOM   346  C CB  . ASP A 1 44  ? 7.893   -18.680 4.368   1.00 43.68  ? 392 ASP A CB  1 
ATOM   347  C CG  . ASP A 1 44  ? 9.299   -19.202 4.565   1.00 57.31  ? 392 ASP A CG  1 
ATOM   348  O OD1 . ASP A 1 44  ? 10.214  -18.759 3.823   1.00 58.21  ? 392 ASP A OD1 1 
ATOM   349  O OD2 . ASP A 1 44  ? 9.493   -20.042 5.467   1.00 66.41  ? 392 ASP A OD2 1 
ATOM   350  N N   . ILE A 1 45  ? 5.486   -16.704 3.481   1.00 37.32  ? 393 ILE A N   1 
ATOM   351  C CA  . ILE A 1 45  ? 4.041   -16.519 3.387   1.00 34.87  ? 393 ILE A CA  1 
ATOM   352  C C   . ILE A 1 45  ? 3.683   -15.492 2.293   1.00 36.51  ? 393 ILE A C   1 
ATOM   353  O O   . ILE A 1 45  ? 2.706   -15.681 1.552   1.00 37.58  ? 393 ILE A O   1 
ATOM   354  C CB  . ILE A 1 45  ? 3.500   -16.135 4.794   1.00 37.51  ? 393 ILE A CB  1 
ATOM   355  C CG1 . ILE A 1 45  ? 3.798   -17.270 5.823   1.00 37.46  ? 393 ILE A CG1 1 
ATOM   356  C CG2 . ILE A 1 45  ? 1.993   -15.768 4.761   1.00 36.40  ? 393 ILE A CG2 1 
ATOM   357  C CD1 . ILE A 1 45  ? 3.628   -16.883 7.327   1.00 45.83  ? 393 ILE A CD1 1 
ATOM   358  N N   . ILE A 1 46  ? 4.484   -14.432 2.181   1.00 29.73  ? 394 ILE A N   1 
ATOM   359  C CA  . ILE A 1 46  ? 4.264   -13.330 1.240   1.00 27.97  ? 394 ILE A CA  1 
ATOM   360  C C   . ILE A 1 46  ? 5.183   -13.447 0.021   1.00 34.98  ? 394 ILE A C   1 
ATOM   361  O O   . ILE A 1 46  ? 6.354   -13.082 0.075   1.00 36.22  ? 394 ILE A O   1 
ATOM   362  C CB  . ILE A 1 46  ? 4.325   -11.948 1.954   1.00 29.14  ? 394 ILE A CB  1 
ATOM   363  C CG1 . ILE A 1 46  ? 3.335   -11.906 3.173   1.00 28.02  ? 394 ILE A CG1 1 
ATOM   364  C CG2 . ILE A 1 46  ? 4.050   -10.786 0.968   1.00 30.23  ? 394 ILE A CG2 1 
ATOM   365  C CD1 . ILE A 1 46  ? 1.769   -12.089 2.839   1.00 29.64  ? 394 ILE A CD1 1 
ATOM   366  N N   . LYS A 1 47  ? 4.609   -13.921 -1.083  1.00 34.80  ? 395 LYS A N   1 
ATOM   367  C CA  . LYS A 1 47  ? 5.304   -14.140 -2.356  1.00 36.75  ? 395 LYS A CA  1 
ATOM   368  C C   . LYS A 1 47  ? 5.649   -12.832 -3.085  1.00 41.29  ? 395 LYS A C   1 
ATOM   369  O O   . LYS A 1 47  ? 6.696   -12.754 -3.746  1.00 40.85  ? 395 LYS A O   1 
ATOM   370  C CB  . LYS A 1 47  ? 4.473   -15.083 -3.264  1.00 40.37  ? 395 LYS A CB  1 
ATOM   371  C CG  . LYS A 1 47  ? 4.040   -16.400 -2.585  1.00 61.00  ? 395 LYS A CG  1 
ATOM   372  C CD  . LYS A 1 47  ? 5.230   -17.274 -2.138  1.00 71.08  ? 395 LYS A CD  1 
ATOM   373  C CE  . LYS A 1 47  ? 4.881   -18.221 -1.020  1.00 77.26  ? 395 LYS A CE  1 
ATOM   374  N NZ  . LYS A 1 47  ? 6.096   -18.888 -0.483  1.00 84.34  ? 395 LYS A NZ  1 
ATOM   375  N N   . HIS A 1 48  ? 4.759   -11.821 -2.988  1.00 37.00  ? 396 HIS A N   1 
ATOM   376  C CA  . HIS A 1 48  ? 4.943   -10.530 -3.654  1.00 36.19  ? 396 HIS A CA  1 
ATOM   377  C C   . HIS A 1 48  ? 4.784   -9.355  -2.672  1.00 38.93  ? 396 HIS A C   1 
ATOM   378  O O   . HIS A 1 48  ? 3.689   -8.792  -2.590  1.00 39.15  ? 396 HIS A O   1 
ATOM   379  C CB  . HIS A 1 48  ? 3.971   -10.374 -4.845  1.00 37.41  ? 396 HIS A CB  1 
ATOM   380  C CG  . HIS A 1 48  ? 4.076   -11.468 -5.856  1.00 41.49  ? 396 HIS A CG  1 
ATOM   381  N ND1 . HIS A 1 48  ? 5.126   -11.520 -6.751  1.00 43.87  ? 396 HIS A ND1 1 
ATOM   382  C CD2 . HIS A 1 48  ? 3.262   -12.527 -6.072  1.00 44.18  ? 396 HIS A CD2 1 
ATOM   383  C CE1 . HIS A 1 48  ? 4.921   -12.607 -7.483  1.00 43.84  ? 396 HIS A CE1 1 
ATOM   384  N NE2 . HIS A 1 48  ? 3.821   -13.254 -7.103  1.00 44.13  ? 396 HIS A NE2 1 
ATOM   385  N N   . PRO A 1 49  ? 5.854   -8.959  -1.946  1.00 33.22  ? 397 PRO A N   1 
ATOM   386  C CA  . PRO A 1 49  ? 5.742   -7.801  -1.037  1.00 32.58  ? 397 PRO A CA  1 
ATOM   387  C C   . PRO A 1 49  ? 5.558   -6.498  -1.816  1.00 32.42  ? 397 PRO A C   1 
ATOM   388  O O   . PRO A 1 49  ? 5.933   -6.390  -2.997  1.00 30.64  ? 397 PRO A O   1 
ATOM   389  C CB  . PRO A 1 49  ? 7.064   -7.809  -0.261  1.00 34.78  ? 397 PRO A CB  1 
ATOM   390  C CG  . PRO A 1 49  ? 7.998   -8.571  -1.118  1.00 39.79  ? 397 PRO A CG  1 
ATOM   391  C CD  . PRO A 1 49  ? 7.210   -9.543  -1.912  1.00 35.10  ? 397 PRO A CD  1 
ATOM   392  N N   . MET A 1 50  ? 4.948   -5.520  -1.151  1.00 23.96  ? 398 MET A N   1 
ATOM   393  C CA  . MET A 1 50  ? 4.620   -4.233  -1.745  1.00 22.86  ? 398 MET A CA  1 
ATOM   394  C C   . MET A 1 50  ? 4.424   -3.228  -0.682  1.00 25.58  ? 398 MET A C   1 
ATOM   395  O O   . MET A 1 50  ? 3.838   -3.538  0.346   1.00 25.26  ? 398 MET A O   1 
ATOM   396  C CB  . MET A 1 50  ? 3.332   -4.339  -2.601  1.00 24.69  ? 398 MET A CB  1 
ATOM   397  C CG  . MET A 1 50  ? 3.062   -3.098  -3.479  1.00 27.80  ? 398 MET A CG  1 
ATOM   398  S SD  . MET A 1 50  ? 4.506   -2.523  -4.458  1.00 31.38  ? 398 MET A SD  1 
ATOM   399  C CE  . MET A 1 50  ? 4.801   -3.941  -5.517  1.00 28.77  ? 398 MET A CE  1 
ATOM   400  N N   . ASP A 1 51  ? 4.873   -2.009  -0.932  1.00 22.47  ? 399 ASP A N   1 
ATOM   401  C CA  . ASP A 1 51  ? 4.729   -0.918  0.025   1.00 23.13  ? 399 ASP A CA  1 
ATOM   402  C C   . ASP A 1 51  ? 4.544   0.366   -0.763  1.00 29.19  ? 399 ASP A C   1 
ATOM   403  O O   . ASP A 1 51  ? 4.740   0.357   -1.984  1.00 29.31  ? 399 ASP A O   1 
ATOM   404  C CB  . ASP A 1 51  ? 5.985   -0.821  0.884   1.00 25.30  ? 399 ASP A CB  1 
ATOM   405  C CG  . ASP A 1 51  ? 7.156   -0.443  0.021   1.00 32.00  ? 399 ASP A CG  1 
ATOM   406  O OD1 . ASP A 1 51  ? 7.660   -1.318  -0.705  1.00 33.28  ? 399 ASP A OD1 1 
ATOM   407  O OD2 . ASP A 1 51  ? 7.514   0.736   0.011   1.00 36.52  ? 399 ASP A OD2 1 
ATOM   408  N N   . MET A 1 52  ? 4.255   1.474   -0.062  1.00 25.23  ? 400 MET A N   1 
ATOM   409  C CA  . MET A 1 52  ? 3.976   2.767   -0.690  1.00 24.55  ? 400 MET A CA  1 
ATOM   410  C C   . MET A 1 52  ? 5.179   3.393   -1.436  1.00 30.52  ? 400 MET A C   1 
ATOM   411  O O   . MET A 1 52  ? 4.988   3.962   -2.518  1.00 27.83  ? 400 MET A O   1 
ATOM   412  C CB  . MET A 1 52  ? 3.386   3.732   0.333   1.00 25.67  ? 400 MET A CB  1 
ATOM   413  C CG  . MET A 1 52  ? 1.938   3.385   0.719   1.00 27.49  ? 400 MET A CG  1 
ATOM   414  S SD  . MET A 1 52  ? 1.480   4.251   2.228   1.00 29.90  ? 400 MET A SD  1 
ATOM   415  C CE  . MET A 1 52  ? 1.734   5.970   1.697   1.00 27.36  ? 400 MET A CE  1 
ATOM   416  N N   . SER A 1 53  ? 6.408   3.251   -0.897  1.00 29.01  ? 401 SER A N   1 
ATOM   417  C CA  . SER A 1 53  ? 7.619   3.784   -1.553  1.00 29.61  ? 401 SER A CA  1 
ATOM   418  C C   . SER A 1 53  ? 7.917   3.104   -2.889  1.00 32.91  ? 401 SER A C   1 
ATOM   419  O O   . SER A 1 53  ? 8.272   3.811   -3.822  1.00 32.80  ? 401 SER A O   1 
ATOM   420  C CB  . SER A 1 53  ? 8.829   3.748   -0.623  1.00 31.75  ? 401 SER A CB  1 
ATOM   421  O OG  . SER A 1 53  ? 8.650   4.707   0.407   1.00 36.89  ? 401 SER A OG  1 
ATOM   422  N N   . THR A 1 54  ? 7.689   1.768   -2.999  1.00 28.36  ? 402 THR A N   1 
ATOM   423  C CA  . THR A 1 54  ? 7.844   0.960   -4.214  1.00 27.70  ? 402 THR A CA  1 
ATOM   424  C C   . THR A 1 54  ? 6.786   1.367   -5.250  1.00 32.63  ? 402 THR A C   1 
ATOM   425  O O   . THR A 1 54  ? 7.118   1.555   -6.430  1.00 30.91  ? 402 THR A O   1 
ATOM   426  C CB  . THR A 1 54  ? 7.755   -0.543  -3.889  1.00 35.62  ? 402 THR A CB  1 
ATOM   427  O OG1 . THR A 1 54  ? 8.809   -0.909  -2.998  1.00 36.21  ? 402 THR A OG1 1 
ATOM   428  C CG2 . THR A 1 54  ? 7.786   -1.426  -5.147  1.00 33.10  ? 402 THR A CG2 1 
ATOM   429  N N   . ILE A 1 55  ? 5.508   1.496   -4.808  1.00 28.07  ? 403 ILE A N   1 
ATOM   430  C CA  . ILE A 1 55  ? 4.406   1.966   -5.671  1.00 27.27  ? 403 ILE A CA  1 
ATOM   431  C C   . ILE A 1 55  ? 4.770   3.348   -6.239  1.00 30.51  ? 403 ILE A C   1 
ATOM   432  O O   . ILE A 1 55  ? 4.648   3.557   -7.450  1.00 30.65  ? 403 ILE A O   1 
ATOM   433  C CB  . ILE A 1 55  ? 3.049   1.975   -4.923  1.00 30.07  ? 403 ILE A CB  1 
ATOM   434  C CG1 . ILE A 1 55  ? 2.625   0.533   -4.554  1.00 29.94  ? 403 ILE A CG1 1 
ATOM   435  C CG2 . ILE A 1 55  ? 1.949   2.669   -5.757  1.00 30.88  ? 403 ILE A CG2 1 
ATOM   436  C CD1 . ILE A 1 55  ? 1.409   0.443   -3.619  1.00 27.62  ? 403 ILE A CD1 1 
ATOM   437  N N   . LYS A 1 56  ? 5.290   4.248   -5.385  1.00 26.50  ? 404 LYS A N   1 
ATOM   438  C CA  . LYS A 1 56  ? 5.709   5.580   -5.796  1.00 27.27  ? 404 LYS A CA  1 
ATOM   439  C C   . LYS A 1 56  ? 6.841   5.518   -6.856  1.00 34.74  ? 404 LYS A C   1 
ATOM   440  O O   . LYS A 1 56  ? 6.828   6.302   -7.796  1.00 35.29  ? 404 LYS A O   1 
ATOM   441  C CB  . LYS A 1 56  ? 6.179   6.405   -4.591  1.00 27.74  ? 404 LYS A CB  1 
ATOM   442  C CG  . LYS A 1 56  ? 6.347   7.896   -4.944  1.00 35.72  ? 404 LYS A CG  1 
ATOM   443  C CD  . LYS A 1 56  ? 6.899   8.706   -3.785  1.00 39.98  ? 404 LYS A CD  1 
ATOM   444  C CE  . LYS A 1 56  ? 7.047   10.168  -4.159  1.00 57.48  ? 404 LYS A CE  1 
ATOM   445  N NZ  . LYS A 1 56  ? 7.789   10.918  -3.116  1.00 65.90  ? 404 LYS A NZ  1 
ATOM   446  N N   . SER A 1 57  ? 7.811   4.609   -6.676  1.00 31.46  ? 405 SER A N   1 
ATOM   447  C CA  . SER A 1 57  ? 8.907   4.427   -7.624  1.00 31.65  ? 405 SER A CA  1 
ATOM   448  C C   . SER A 1 57  ? 8.373   3.821   -8.931  1.00 36.68  ? 405 SER A C   1 
ATOM   449  O O   . SER A 1 57  ? 8.798   4.251   -9.996  1.00 37.61  ? 405 SER A O   1 
ATOM   450  C CB  . SER A 1 57  ? 10.013  3.561   -7.023  1.00 34.32  ? 405 SER A CB  1 
ATOM   451  O OG  . SER A 1 57  ? 10.507  4.169   -5.836  1.00 39.42  ? 405 SER A OG  1 
ATOM   452  N N   . LYS A 1 58  ? 7.402   2.882   -8.853  1.00 32.65  ? 406 LYS A N   1 
ATOM   453  C CA  . LYS A 1 58  ? 6.798   2.249   -10.028 1.00 31.92  ? 406 LYS A CA  1 
ATOM   454  C C   . LYS A 1 58  ? 6.034   3.254   -10.847 1.00 38.85  ? 406 LYS A C   1 
ATOM   455  O O   . LYS A 1 58  ? 6.143   3.236   -12.076 1.00 40.19  ? 406 LYS A O   1 
ATOM   456  C CB  . LYS A 1 58  ? 5.955   1.032   -9.663  1.00 32.08  ? 406 LYS A CB  1 
ATOM   457  C CG  . LYS A 1 58  ? 6.820   -0.155  -9.280  1.00 33.19  ? 406 LYS A CG  1 
ATOM   458  C CD  . LYS A 1 58  ? 5.998   -1.386  -8.897  1.00 35.72  ? 406 LYS A CD  1 
ATOM   459  C CE  . LYS A 1 58  ? 5.357   -2.035  -10.085 1.00 34.26  ? 406 LYS A CE  1 
ATOM   460  N NZ  . LYS A 1 58  ? 4.767   -3.351  -9.740  1.00 39.68  ? 406 LYS A NZ  1 
ATOM   461  N N   . LEU A 1 59  ? 5.326   4.176   -10.175 1.00 35.09  ? 407 LEU A N   1 
ATOM   462  C CA  . LEU A 1 59  ? 4.616   5.284   -10.824 1.00 35.33  ? 407 LEU A CA  1 
ATOM   463  C C   . LEU A 1 59  ? 5.638   6.173   -11.558 1.00 43.32  ? 407 LEU A C   1 
ATOM   464  O O   . LEU A 1 59  ? 5.495   6.397   -12.756 1.00 44.75  ? 407 LEU A O   1 
ATOM   465  C CB  . LEU A 1 59  ? 3.913   6.158   -9.779  1.00 34.97  ? 407 LEU A CB  1 
ATOM   466  C CG  . LEU A 1 59  ? 2.487   5.810   -9.383  1.00 38.89  ? 407 LEU A CG  1 
ATOM   467  C CD1 . LEU A 1 59  ? 2.011   6.770   -8.313  1.00 37.42  ? 407 LEU A CD1 1 
ATOM   468  C CD2 . LEU A 1 59  ? 1.539   5.877   -10.590 1.00 40.98  ? 407 LEU A CD2 1 
ATOM   469  N N   . GLU A 1 60  ? 6.663   6.679   -10.829 1.00 40.83  ? 408 GLU A N   1 
ATOM   470  C CA  . GLU A 1 60  ? 7.690   7.568   -11.388 1.00 41.88  ? 408 GLU A CA  1 
ATOM   471  C C   . GLU A 1 60  ? 8.405   6.956   -12.601 1.00 46.51  ? 408 GLU A C   1 
ATOM   472  O O   . GLU A 1 60  ? 8.708   7.683   -13.540 1.00 46.27  ? 408 GLU A O   1 
ATOM   473  C CB  . GLU A 1 60  ? 8.677   8.054   -10.318 1.00 43.17  ? 408 GLU A CB  1 
ATOM   474  C CG  . GLU A 1 60  ? 8.035   9.022   -9.331  1.00 50.44  ? 408 GLU A CG  1 
ATOM   475  C CD  . GLU A 1 60  ? 8.796   9.390   -8.067  1.00 71.93  ? 408 GLU A CD  1 
ATOM   476  O OE1 . GLU A 1 60  ? 9.872   8.803   -7.802  1.00 74.25  ? 408 GLU A OE1 1 
ATOM   477  O OE2 . GLU A 1 60  ? 8.294   10.265  -7.326  1.00 54.96  ? 408 GLU A OE2 1 
ATOM   478  N N   . ALA A 1 61  ? 8.591   5.629   -12.599 1.00 43.82  ? 409 ALA A N   1 
ATOM   479  C CA  . ALA A 1 61  ? 9.218   4.843   -13.668 1.00 44.30  ? 409 ALA A CA  1 
ATOM   480  C C   . ALA A 1 61  ? 8.210   4.344   -14.722 1.00 46.91  ? 409 ALA A C   1 
ATOM   481  O O   . ALA A 1 61  ? 8.584   3.554   -15.598 1.00 45.39  ? 409 ALA A O   1 
ATOM   482  C CB  . ALA A 1 61  ? 9.976   3.659   -13.070 1.00 45.08  ? 409 ALA A CB  1 
ATOM   483  N N   . ARG A 1 62  ? 6.939   4.793   -14.635 1.00 42.89  ? 410 ARG A N   1 
ATOM   484  C CA  . ARG A 1 62  ? 5.866   4.433   -15.579 1.00 42.46  ? 410 ARG A CA  1 
ATOM   485  C C   . ARG A 1 62  ? 5.669   2.913   -15.733 1.00 46.50  ? 410 ARG A C   1 
ATOM   486  O O   . ARG A 1 62  ? 5.432   2.406   -16.845 1.00 47.53  ? 410 ARG A O   1 
ATOM   487  C CB  . ARG A 1 62  ? 6.059   5.115   -16.950 1.00 44.69  ? 410 ARG A CB  1 
ATOM   488  C CG  . ARG A 1 62  ? 6.125   6.647   -16.905 1.00 59.73  ? 410 ARG A CG  1 
ATOM   489  C CD  . ARG A 1 62  ? 6.574   7.226   -18.244 1.00 75.78  ? 410 ARG A CD  1 
ATOM   490  N NE  . ARG A 1 62  ? 5.555   7.091   -19.292 1.00 85.40  ? 410 ARG A NE  1 
ATOM   491  C CZ  . ARG A 1 62  ? 5.762   7.341   -20.584 1.00 96.95  ? 410 ARG A CZ  1 
ATOM   492  N NH1 . ARG A 1 62  ? 6.957   7.734   -21.010 1.00 84.09  ? 410 ARG A NH1 1 
ATOM   493  N NH2 . ARG A 1 62  ? 4.777   7.193   -21.460 1.00 79.72  ? 410 ARG A NH2 1 
ATOM   494  N N   . GLU A 1 63  ? 5.737   2.184   -14.608 1.00 39.44  ? 411 GLU A N   1 
ATOM   495  C CA  . GLU A 1 63  ? 5.558   0.737   -14.622 1.00 38.91  ? 411 GLU A CA  1 
ATOM   496  C C   . GLU A 1 63  ? 4.087   0.300   -14.622 1.00 40.86  ? 411 GLU A C   1 
ATOM   497  O O   . GLU A 1 63  ? 3.815   -0.905  -14.693 1.00 41.56  ? 411 GLU A O   1 
ATOM   498  C CB  . GLU A 1 63  ? 6.346   0.076   -13.480 1.00 40.29  ? 411 GLU A CB  1 
ATOM   499  C CG  . GLU A 1 63  ? 7.820   -0.107  -13.812 1.00 52.06  ? 411 GLU A CG  1 
ATOM   500  C CD  . GLU A 1 63  ? 8.648   -0.734  -12.710 1.00 74.75  ? 411 GLU A CD  1 
ATOM   501  O OE1 . GLU A 1 63  ? 8.433   -1.931  -12.403 1.00 69.41  ? 411 GLU A OE1 1 
ATOM   502  O OE2 . GLU A 1 63  ? 9.530   -0.029  -12.167 1.00 70.06  ? 411 GLU A OE2 1 
ATOM   503  N N   . TYR A 1 64  ? 3.140   1.267   -14.532 1.00 34.38  ? 412 TYR A N   1 
ATOM   504  C CA  . TYR A 1 64  ? 1.688   0.977   -14.538 1.00 31.60  ? 412 TYR A CA  1 
ATOM   505  C C   . TYR A 1 64  ? 1.137   1.480   -15.835 1.00 33.34  ? 412 TYR A C   1 
ATOM   506  O O   . TYR A 1 64  ? 1.339   2.650   -16.172 1.00 28.88  ? 412 TYR A O   1 
ATOM   507  C CB  . TYR A 1 64  ? 0.938   1.684   -13.369 1.00 30.80  ? 412 TYR A CB  1 
ATOM   508  C CG  . TYR A 1 64  ? 1.440   1.293   -11.992 1.00 29.12  ? 412 TYR A CG  1 
ATOM   509  C CD1 . TYR A 1 64  ? 1.391   -0.029  -11.560 1.00 31.41  ? 412 TYR A CD1 1 
ATOM   510  C CD2 . TYR A 1 64  ? 1.931   2.249   -11.110 1.00 27.66  ? 412 TYR A CD2 1 
ATOM   511  C CE1 . TYR A 1 64  ? 1.890   -0.400  -10.316 1.00 31.73  ? 412 TYR A CE1 1 
ATOM   512  C CE2 . TYR A 1 64  ? 2.406   1.892   -9.849  1.00 28.05  ? 412 TYR A CE2 1 
ATOM   513  C CZ  . TYR A 1 64  ? 2.363   0.570   -9.450  1.00 34.12  ? 412 TYR A CZ  1 
ATOM   514  O OH  . TYR A 1 64  ? 2.842   0.204   -8.214  1.00 36.72  ? 412 TYR A OH  1 
ATOM   515  N N   . ARG A 1 65  ? 0.424   0.605   -16.554 1.00 31.72  ? 413 ARG A N   1 
ATOM   516  C CA  . ARG A 1 65  ? -0.206  0.957   -17.830 1.00 32.01  ? 413 ARG A CA  1 
ATOM   517  C C   . ARG A 1 65  ? -1.400  1.875   -17.575 1.00 38.44  ? 413 ARG A C   1 
ATOM   518  O O   . ARG A 1 65  ? -1.644  2.804   -18.342 1.00 37.80  ? 413 ARG A O   1 
ATOM   519  C CB  . ARG A 1 65  ? -0.681  -0.304  -18.552 1.00 34.39  ? 413 ARG A CB  1 
ATOM   520  C CG  . ARG A 1 65  ? 0.412   -1.057  -19.285 1.00 46.20  ? 413 ARG A CG  1 
ATOM   521  C CD  . ARG A 1 65  ? 0.042   -2.512  -19.446 1.00 53.99  ? 413 ARG A CD  1 
ATOM   522  N NE  . ARG A 1 65  ? -0.719  -2.781  -20.666 1.00 67.97  ? 413 ARG A NE  1 
ATOM   523  C CZ  . ARG A 1 65  ? -1.692  -3.682  -20.758 1.00 83.21  ? 413 ARG A CZ  1 
ATOM   524  N NH1 . ARG A 1 65  ? -2.074  -4.374  -19.691 1.00 67.73  ? 413 ARG A NH1 1 
ATOM   525  N NH2 . ARG A 1 65  ? -2.313  -3.877  -21.915 1.00 76.47  ? 413 ARG A NH2 1 
ATOM   526  N N   . ASP A 1 66  ? -2.134  1.628   -16.458 1.00 35.03  ? 414 ASP A N   1 
ATOM   527  C CA  . ASP A 1 66  ? -3.344  2.361   -16.129 1.00 34.04  ? 414 ASP A CA  1 
ATOM   528  C C   . ASP A 1 66  ? -3.602  2.410   -14.596 1.00 37.93  ? 414 ASP A C   1 
ATOM   529  O O   . ASP A 1 66  ? -2.833  1.841   -13.805 1.00 34.05  ? 414 ASP A O   1 
ATOM   530  C CB  . ASP A 1 66  ? -4.527  1.702   -16.879 1.00 34.71  ? 414 ASP A CB  1 
ATOM   531  C CG  . ASP A 1 66  ? -4.690  0.198   -16.676 1.00 45.13  ? 414 ASP A CG  1 
ATOM   532  O OD1 . ASP A 1 66  ? -4.283  -0.312  -15.607 1.00 45.00  ? 414 ASP A OD1 1 
ATOM   533  O OD2 . ASP A 1 66  ? -5.270  -0.467  -17.569 1.00 51.45  ? 414 ASP A OD2 1 
ATOM   534  N N   . ALA A 1 67  ? -4.705  3.081   -14.193 1.00 34.73  ? 415 ALA A N   1 
ATOM   535  C CA  . ALA A 1 67  ? -5.126  3.178   -12.796 1.00 33.03  ? 415 ALA A CA  1 
ATOM   536  C C   . ALA A 1 67  ? -5.422  1.781   -12.240 1.00 33.76  ? 415 ALA A C   1 
ATOM   537  O O   . ALA A 1 67  ? -5.092  1.528   -11.086 1.00 33.10  ? 415 ALA A O   1 
ATOM   538  C CB  . ALA A 1 67  ? -6.343  4.075   -12.681 1.00 33.96  ? 415 ALA A CB  1 
ATOM   539  N N   . GLN A 1 68  ? -5.957  0.845   -13.068 1.00 30.86  ? 416 GLN A N   1 
ATOM   540  C CA  . GLN A 1 68  ? -6.221  -0.537  -12.626 1.00 30.99  ? 416 GLN A CA  1 
ATOM   541  C C   . GLN A 1 68  ? -4.953  -1.229  -12.094 1.00 36.55  ? 416 GLN A C   1 
ATOM   542  O O   . GLN A 1 68  ? -4.989  -1.799  -11.006 1.00 35.42  ? 416 GLN A O   1 
ATOM   543  C CB  . GLN A 1 68  ? -6.913  -1.389  -13.710 1.00 32.53  ? 416 GLN A CB  1 
ATOM   544  C CG  . GLN A 1 68  ? -8.369  -1.746  -13.397 1.00 52.69  ? 416 GLN A CG  1 
ATOM   545  C CD  . GLN A 1 68  ? -9.215  -0.596  -12.854 1.00 74.41  ? 416 GLN A CD  1 
ATOM   546  O OE1 . GLN A 1 68  ? -9.628  -0.589  -11.681 1.00 66.06  ? 416 GLN A OE1 1 
ATOM   547  N NE2 . GLN A 1 68  ? -9.487  0.402   -13.689 1.00 68.35  ? 416 GLN A NE2 1 
ATOM   548  N N   . GLU A 1 69  ? -3.823  -1.103  -12.822 1.00 32.10  ? 417 GLU A N   1 
ATOM   549  C CA  . GLU A 1 69  ? -2.537  -1.663  -12.406 1.00 31.25  ? 417 GLU A CA  1 
ATOM   550  C C   . GLU A 1 69  ? -1.996  -0.975  -11.145 1.00 32.20  ? 417 GLU A C   1 
ATOM   551  O O   . GLU A 1 69  ? -1.496  -1.670  -10.261 1.00 31.17  ? 417 GLU A O   1 
ATOM   552  C CB  . GLU A 1 69  ? -1.519  -1.620  -13.556 1.00 33.05  ? 417 GLU A CB  1 
ATOM   553  C CG  . GLU A 1 69  ? -1.952  -2.554  -14.678 1.00 30.66  ? 417 GLU A CG  1 
ATOM   554  C CD  . GLU A 1 69  ? -1.000  -2.764  -15.838 1.00 49.60  ? 417 GLU A CD  1 
ATOM   555  O OE1 . GLU A 1 69  ? 0.108   -2.184  -15.826 1.00 31.49  ? 417 GLU A OE1 1 
ATOM   556  O OE2 . GLU A 1 69  ? -1.378  -3.508  -16.771 1.00 39.18  ? 417 GLU A OE2 1 
ATOM   557  N N   . PHE A 1 70  ? -2.105  0.358   -11.041 1.00 28.23  ? 418 PHE A N   1 
ATOM   558  C CA  . PHE A 1 70  ? -1.691  1.035   -9.800  1.00 27.12  ? 418 PHE A CA  1 
ATOM   559  C C   . PHE A 1 70  ? -2.573  0.521   -8.614  1.00 32.22  ? 418 PHE A C   1 
ATOM   560  O O   . PHE A 1 70  ? -2.041  0.182   -7.566  1.00 33.91  ? 418 PHE A O   1 
ATOM   561  C CB  . PHE A 1 70  ? -1.732  2.563   -9.930  1.00 27.21  ? 418 PHE A CB  1 
ATOM   562  C CG  . PHE A 1 70  ? -1.892  3.338   -8.629  1.00 26.88  ? 418 PHE A CG  1 
ATOM   563  C CD1 . PHE A 1 70  ? -3.158  3.624   -8.118  1.00 28.87  ? 418 PHE A CD1 1 
ATOM   564  C CD2 . PHE A 1 70  ? -0.782  3.831   -7.950  1.00 27.00  ? 418 PHE A CD2 1 
ATOM   565  C CE1 . PHE A 1 70  ? -3.304  4.384   -6.946  1.00 28.48  ? 418 PHE A CE1 1 
ATOM   566  C CE2 . PHE A 1 70  ? -0.930  4.571   -6.767  1.00 28.03  ? 418 PHE A CE2 1 
ATOM   567  C CZ  . PHE A 1 70  ? -2.189  4.852   -6.280  1.00 26.05  ? 418 PHE A CZ  1 
ATOM   568  N N   . GLY A 1 71  ? -3.885  0.442   -8.828  1.00 28.54  ? 419 GLY A N   1 
ATOM   569  C CA  . GLY A 1 71  ? -4.845  -0.064  -7.857  1.00 28.11  ? 419 GLY A CA  1 
ATOM   570  C C   . GLY A 1 71  ? -4.527  -1.465  -7.382  1.00 30.97  ? 419 GLY A C   1 
ATOM   571  O O   . GLY A 1 71  ? -4.673  -1.762  -6.191  1.00 27.67  ? 419 GLY A O   1 
ATOM   572  N N   . ALA A 1 72  ? -4.079  -2.340  -8.310  1.00 27.03  ? 420 ALA A N   1 
ATOM   573  C CA  . ALA A 1 72  ? -3.733  -3.730  -7.993  1.00 27.14  ? 420 ALA A CA  1 
ATOM   574  C C   . ALA A 1 72  ? -2.596  -3.781  -6.960  1.00 28.51  ? 420 ALA A C   1 
ATOM   575  O O   . ALA A 1 72  ? -2.666  -4.580  -6.042  1.00 27.95  ? 420 ALA A O   1 
ATOM   576  C CB  . ALA A 1 72  ? -3.308  -4.485  -9.270  1.00 28.44  ? 420 ALA A CB  1 
ATOM   577  N N   . ASP A 1 73  ? -1.576  -2.940  -7.113  1.00 25.75  ? 421 ASP A N   1 
ATOM   578  C CA  . ASP A 1 73  ? -0.420  -2.904  -6.213  1.00 26.19  ? 421 ASP A CA  1 
ATOM   579  C C   . ASP A 1 73  ? -0.782  -2.317  -4.868  1.00 25.73  ? 421 ASP A C   1 
ATOM   580  O O   . ASP A 1 73  ? -0.287  -2.811  -3.865  1.00 23.00  ? 421 ASP A O   1 
ATOM   581  C CB  . ASP A 1 73  ? 0.737   -2.111  -6.838  1.00 28.95  ? 421 ASP A CB  1 
ATOM   582  C CG  . ASP A 1 73  ? 1.780   -2.970  -7.534  1.00 36.90  ? 421 ASP A CG  1 
ATOM   583  O OD1 . ASP A 1 73  ? 1.593   -4.213  -7.593  1.00 36.31  ? 421 ASP A OD1 1 
ATOM   584  O OD2 . ASP A 1 73  ? 2.773   -2.404  -8.021  1.00 39.73  ? 421 ASP A OD2 1 
ATOM   585  N N   . VAL A 1 74  ? -1.693  -1.309  -4.825  1.00 24.21  ? 422 VAL A N   1 
ATOM   586  C CA  . VAL A 1 74  ? -2.144  -0.759  -3.524  1.00 22.53  ? 422 VAL A CA  1 
ATOM   587  C C   . VAL A 1 74  ? -2.864  -1.870  -2.789  1.00 23.95  ? 422 VAL A C   1 
ATOM   588  O O   . VAL A 1 74  ? -2.578  -2.098  -1.620  1.00 23.76  ? 422 VAL A O   1 
ATOM   589  C CB  . VAL A 1 74  ? -3.051  0.497   -3.645  1.00 25.40  ? 422 VAL A CB  1 
ATOM   590  C CG1 . VAL A 1 74  ? -3.570  0.894   -2.263  1.00 24.25  ? 422 VAL A CG1 1 
ATOM   591  C CG2 . VAL A 1 74  ? -2.293  1.655   -4.283  1.00 25.10  ? 422 VAL A CG2 1 
ATOM   592  N N   . ARG A 1 75  ? -3.775  -2.580  -3.473  1.00 21.25  ? 423 ARG A N   1 
ATOM   593  C CA  . ARG A 1 75  ? -4.531  -3.651  -2.844  1.00 21.20  ? 423 ARG A CA  1 
ATOM   594  C C   . ARG A 1 75  ? -3.685  -4.830  -2.501  1.00 24.17  ? 423 ARG A C   1 
ATOM   595  O O   . ARG A 1 75  ? -3.989  -5.487  -1.526  1.00 23.33  ? 423 ARG A O   1 
ATOM   596  C CB  . ARG A 1 75  ? -5.764  -4.063  -3.638  1.00 20.29  ? 423 ARG A CB  1 
ATOM   597  C CG  . ARG A 1 75  ? -6.715  -2.874  -3.800  1.00 20.33  ? 423 ARG A CG  1 
ATOM   598  C CD  . ARG A 1 75  ? -7.957  -3.342  -4.412  1.00 30.46  ? 423 ARG A CD  1 
ATOM   599  N NE  . ARG A 1 75  ? -8.973  -2.291  -4.481  1.00 34.15  ? 423 ARG A NE  1 
ATOM   600  C CZ  . ARG A 1 75  ? -9.517  -1.876  -5.615  1.00 41.94  ? 423 ARG A CZ  1 
ATOM   601  N NH1 . ARG A 1 75  ? -9.154  -2.418  -6.767  1.00 29.28  ? 423 ARG A NH1 1 
ATOM   602  N NH2 . ARG A 1 75  ? -10.461 -0.944  -5.602  1.00 26.87  ? 423 ARG A NH2 1 
ATOM   603  N N   . LEU A 1 76  ? -2.606  -5.075  -3.256  1.00 22.91  ? 424 LEU A N   1 
ATOM   604  C CA  . LEU A 1 76  ? -1.652  -6.153  -2.936  1.00 22.75  ? 424 LEU A CA  1 
ATOM   605  C C   . LEU A 1 76  ? -1.005  -5.852  -1.597  1.00 24.24  ? 424 LEU A C   1 
ATOM   606  O O   . LEU A 1 76  ? -0.889  -6.737  -0.736  1.00 24.98  ? 424 LEU A O   1 
ATOM   607  C CB  . LEU A 1 76  ? -0.555  -6.253  -4.040  1.00 22.74  ? 424 LEU A CB  1 
ATOM   608  C CG  . LEU A 1 76  ? 0.618   -7.213  -3.771  1.00 27.74  ? 424 LEU A CG  1 
ATOM   609  C CD1 . LEU A 1 76  ? 0.132   -8.680  -3.616  1.00 28.03  ? 424 LEU A CD1 1 
ATOM   610  C CD2 . LEU A 1 76  ? 1.677   -7.085  -4.849  1.00 28.73  ? 424 LEU A CD2 1 
ATOM   611  N N   . MET A 1 77  ? -0.573  -4.603  -1.421  1.00 20.16  ? 425 MET A N   1 
ATOM   612  C CA  . MET A 1 77  ? 0.038   -4.163  -0.193  1.00 19.87  ? 425 MET A CA  1 
ATOM   613  C C   . MET A 1 77  ? -0.890  -4.406  0.982   1.00 24.89  ? 425 MET A C   1 
ATOM   614  O O   . MET A 1 77  ? -0.444  -4.912  2.013   1.00 24.43  ? 425 MET A O   1 
ATOM   615  C CB  . MET A 1 77  ? 0.478   -2.687  -0.328  1.00 21.86  ? 425 MET A CB  1 
ATOM   616  C CG  . MET A 1 77  ? 0.813   -2.022  0.997   1.00 24.12  ? 425 MET A CG  1 
ATOM   617  S SD  . MET A 1 77  ? 1.169   -0.302  0.730   1.00 27.07  ? 425 MET A SD  1 
ATOM   618  C CE  . MET A 1 77  ? -0.565  0.408   0.669   1.00 23.65  ? 425 MET A CE  1 
ATOM   619  N N   . PHE A 1 78  ? -2.209  -4.147  0.808   1.00 20.78  ? 426 PHE A N   1 
ATOM   620  C CA  . PHE A 1 78  ? -3.148  -4.395  1.899   1.00 20.19  ? 426 PHE A CA  1 
ATOM   621  C C   . PHE A 1 78  ? -3.420  -5.872  2.121   1.00 23.56  ? 426 PHE A C   1 
ATOM   622  O O   . PHE A 1 78  ? -3.474  -6.313  3.267   1.00 21.71  ? 426 PHE A O   1 
ATOM   623  C CB  . PHE A 1 78  ? -4.463  -3.594  1.719   1.00 20.61  ? 426 PHE A CB  1 
ATOM   624  C CG  . PHE A 1 78  ? -4.268  -2.103  1.855   1.00 20.98  ? 426 PHE A CG  1 
ATOM   625  C CD1 . PHE A 1 78  ? -3.641  -1.568  2.970   1.00 24.36  ? 426 PHE A CD1 1 
ATOM   626  C CD2 . PHE A 1 78  ? -4.714  -1.236  0.871   1.00 22.65  ? 426 PHE A CD2 1 
ATOM   627  C CE1 . PHE A 1 78  ? -3.483  -0.188  3.105   1.00 24.19  ? 426 PHE A CE1 1 
ATOM   628  C CE2 . PHE A 1 78  ? -4.556  0.134   1.009   1.00 24.07  ? 426 PHE A CE2 1 
ATOM   629  C CZ  . PHE A 1 78  ? -3.919  0.642   2.112   1.00 22.40  ? 426 PHE A CZ  1 
ATOM   630  N N   . SER A 1 79  ? -3.615  -6.628  1.038   1.00 20.54  ? 427 SER A N   1 
ATOM   631  C CA  . SER A 1 79  ? -3.867  -8.051  1.116   1.00 20.75  ? 427 SER A CA  1 
ATOM   632  C C   . SER A 1 79  ? -2.693  -8.777  1.777   1.00 25.59  ? 427 SER A C   1 
ATOM   633  O O   . SER A 1 79  ? -2.948  -9.710  2.537   1.00 25.78  ? 427 SER A O   1 
ATOM   634  C CB  . SER A 1 79  ? -4.115  -8.630  -0.274  1.00 24.60  ? 427 SER A CB  1 
ATOM   635  O OG  . SER A 1 79  ? -5.350  -8.159  -0.783  1.00 30.87  ? 427 SER A OG  1 
ATOM   636  N N   . ASN A 1 80  ? -1.432  -8.337  1.532   1.00 22.92  ? 428 ASN A N   1 
ATOM   637  C CA  . ASN A 1 80  ? -0.237  -8.960  2.177   1.00 22.48  ? 428 ASN A CA  1 
ATOM   638  C C   . ASN A 1 80  ? -0.332  -8.809  3.684   1.00 26.41  ? 428 ASN A C   1 
ATOM   639  O O   . ASN A 1 80  ? -0.102  -9.769  4.424   1.00 25.80  ? 428 ASN A O   1 
ATOM   640  C CB  . ASN A 1 80  ? 1.049   -8.319  1.687   1.00 20.49  ? 428 ASN A CB  1 
ATOM   641  C CG  . ASN A 1 80  ? 1.426   -8.728  0.299   1.00 27.89  ? 428 ASN A CG  1 
ATOM   642  O OD1 . ASN A 1 80  ? 0.989   -9.747  -0.206  1.00 26.66  ? 428 ASN A OD1 1 
ATOM   643  N ND2 . ASN A 1 80  ? 2.280   -7.958  -0.345  1.00 23.32  ? 428 ASN A ND2 1 
ATOM   644  N N   . CYS A 1 81  ? -0.744  -7.616  4.131   1.00 22.43  ? 429 CYS A N   1 
ATOM   645  C CA  . CYS A 1 81  ? -0.913  -7.335  5.536   1.00 22.56  ? 429 CYS A CA  1 
ATOM   646  C C   . CYS A 1 81  ? -2.021  -8.204  6.125   1.00 26.78  ? 429 CYS A C   1 
ATOM   647  O O   . CYS A 1 81  ? -1.798  -8.850  7.145   1.00 27.34  ? 429 CYS A O   1 
ATOM   648  C CB  . CYS A 1 81  ? -1.171  -5.850  5.757   1.00 22.11  ? 429 CYS A CB  1 
ATOM   649  S SG  . CYS A 1 81  ? -1.315  -5.389  7.493   1.00 26.49  ? 429 CYS A SG  1 
ATOM   650  N N   . TYR A 1 82  ? -3.176  -8.288  5.441   1.00 22.45  ? 430 TYR A N   1 
ATOM   651  C CA  . TYR A 1 82  ? -4.277  -9.115  5.926   1.00 22.29  ? 430 TYR A CA  1 
ATOM   652  C C   . TYR A 1 82  ? -3.928  -10.616 5.938   1.00 27.13  ? 430 TYR A C   1 
ATOM   653  O O   . TYR A 1 82  ? -4.398  -11.326 6.822   1.00 26.40  ? 430 TYR A O   1 
ATOM   654  C CB  . TYR A 1 82  ? -5.536  -8.898  5.104   1.00 22.85  ? 430 TYR A CB  1 
ATOM   655  C CG  . TYR A 1 82  ? -5.986  -7.455  5.001   1.00 22.01  ? 430 TYR A CG  1 
ATOM   656  C CD1 . TYR A 1 82  ? -6.033  -6.632  6.128   1.00 23.82  ? 430 TYR A CD1 1 
ATOM   657  C CD2 . TYR A 1 82  ? -6.449  -6.935  3.794   1.00 23.63  ? 430 TYR A CD2 1 
ATOM   658  C CE1 . TYR A 1 82  ? -6.462  -5.302  6.040   1.00 23.98  ? 430 TYR A CE1 1 
ATOM   659  C CE2 . TYR A 1 82  ? -6.910  -5.618  3.701   1.00 23.02  ? 430 TYR A CE2 1 
ATOM   660  C CZ  . TYR A 1 82  ? -6.890  -4.802  4.825   1.00 26.23  ? 430 TYR A CZ  1 
ATOM   661  O OH  . TYR A 1 82  ? -7.296  -3.495  4.756   1.00 25.71  ? 430 TYR A OH  1 
ATOM   662  N N   . LYS A 1 83  ? -3.176  -11.105 4.940   1.00 24.06  ? 431 LYS A N   1 
ATOM   663  C CA  . LYS A 1 83  ? -2.820  -12.528 4.860   1.00 25.33  ? 431 LYS A CA  1 
ATOM   664  C C   . LYS A 1 83  ? -1.812  -12.906 5.945   1.00 31.45  ? 431 LYS A C   1 
ATOM   665  O O   . LYS A 1 83  ? -1.940  -13.959 6.570   1.00 32.19  ? 431 LYS A O   1 
ATOM   666  C CB  . LYS A 1 83  ? -2.170  -12.829 3.515   1.00 27.05  ? 431 LYS A CB  1 
ATOM   667  C CG  . LYS A 1 83  ? -1.947  -14.308 3.251   1.00 27.75  ? 431 LYS A CG  1 
ATOM   668  C CD  . LYS A 1 83  ? -1.181  -14.464 1.970   1.00 31.93  ? 431 LYS A CD  1 
ATOM   669  C CE  . LYS A 1 83  ? -0.970  -15.915 1.621   1.00 49.40  ? 431 LYS A CE  1 
ATOM   670  N NZ  . LYS A 1 83  ? 0.005   -16.056 0.511   1.00 61.96  ? 431 LYS A NZ  1 
ATOM   671  N N   . TYR A 1 84  ? -0.787  -12.079 6.122   1.00 28.25  ? 432 TYR A N   1 
ATOM   672  C CA  . TYR A 1 84  ? 0.305   -12.420 7.029   1.00 28.17  ? 432 TYR A CA  1 
ATOM   673  C C   . TYR A 1 84  ? -0.036  -12.310 8.504   1.00 32.16  ? 432 TYR A C   1 
ATOM   674  O O   . TYR A 1 84  ? 0.311   -13.205 9.265   1.00 32.53  ? 432 TYR A O   1 
ATOM   675  C CB  . TYR A 1 84  ? 1.578   -11.613 6.696   1.00 28.30  ? 432 TYR A CB  1 
ATOM   676  C CG  . TYR A 1 84  ? 2.712   -11.892 7.662   1.00 29.34  ? 432 TYR A CG  1 
ATOM   677  C CD1 . TYR A 1 84  ? 3.438   -13.075 7.592   1.00 29.78  ? 432 TYR A CD1 1 
ATOM   678  C CD2 . TYR A 1 84  ? 3.010   -11.004 8.690   1.00 30.16  ? 432 TYR A CD2 1 
ATOM   679  C CE1 . TYR A 1 84  ? 4.451   -13.358 8.507   1.00 29.40  ? 432 TYR A CE1 1 
ATOM   680  C CE2 . TYR A 1 84  ? 4.018   -11.280 9.614   1.00 31.16  ? 432 TYR A CE2 1 
ATOM   681  C CZ  . TYR A 1 84  ? 4.734   -12.460 9.518   1.00 36.59  ? 432 TYR A CZ  1 
ATOM   682  O OH  . TYR A 1 84  ? 5.707   -12.758 10.449  1.00 37.17  ? 432 TYR A OH  1 
ATOM   683  N N   . ASN A 1 85  ? -0.666  -11.225 8.925   1.00 29.53  ? 433 ASN A N   1 
ATOM   684  C CA  . ASN A 1 85  ? -0.920  -10.952 10.348  1.00 29.89  ? 433 ASN A CA  1 
ATOM   685  C C   . ASN A 1 85  ? -2.153  -11.593 10.991  1.00 36.26  ? 433 ASN A C   1 
ATOM   686  O O   . ASN A 1 85  ? -3.096  -11.903 10.284  1.00 35.27  ? 433 ASN A O   1 
ATOM   687  C CB  . ASN A 1 85  ? -0.993  -9.462  10.541  1.00 23.06  ? 433 ASN A CB  1 
ATOM   688  C CG  . ASN A 1 85  ? 0.294   -8.821  10.191  1.00 33.89  ? 433 ASN A CG  1 
ATOM   689  O OD1 . ASN A 1 85  ? 1.232   -8.833  10.973  1.00 28.15  ? 433 ASN A OD1 1 
ATOM   690  N ND2 . ASN A 1 85  ? 0.407   -8.341  8.962   1.00 22.30  ? 433 ASN A ND2 1 
ATOM   691  N N   . PRO A 1 86  ? -2.213  -11.688 12.346  1.00 36.82  ? 434 PRO A N   1 
ATOM   692  C CA  . PRO A 1 86  ? -3.457  -12.158 12.997  1.00 37.18  ? 434 PRO A CA  1 
ATOM   693  C C   . PRO A 1 86  ? -4.591  -11.140 12.778  1.00 39.14  ? 434 PRO A C   1 
ATOM   694  O O   . PRO A 1 86  ? -4.324  -9.941  12.785  1.00 38.21  ? 434 PRO A O   1 
ATOM   695  C CB  . PRO A 1 86  ? -3.083  -12.236 14.489  1.00 38.96  ? 434 PRO A CB  1 
ATOM   696  C CG  . PRO A 1 86  ? -1.614  -12.114 14.550  1.00 44.20  ? 434 PRO A CG  1 
ATOM   697  C CD  . PRO A 1 86  ? -1.199  -11.320 13.353  1.00 39.48  ? 434 PRO A CD  1 
ATOM   698  N N   . PRO A 1 87  ? -5.855  -11.567 12.602  1.00 36.98  ? 435 PRO A N   1 
ATOM   699  C CA  . PRO A 1 87  ? -6.934  -10.598 12.337  1.00 36.83  ? 435 PRO A CA  1 
ATOM   700  C C   . PRO A 1 87  ? -7.156  -9.533  13.404  1.00 41.51  ? 435 PRO A C   1 
ATOM   701  O O   . PRO A 1 87  ? -7.715  -8.484  13.090  1.00 41.05  ? 435 PRO A O   1 
ATOM   702  C CB  . PRO A 1 87  ? -8.173  -11.490 12.167  1.00 38.84  ? 435 PRO A CB  1 
ATOM   703  C CG  . PRO A 1 87  ? -7.829  -12.758 12.861  1.00 44.07  ? 435 PRO A CG  1 
ATOM   704  C CD  . PRO A 1 87  ? -6.373  -12.948 12.564  1.00 40.15  ? 435 PRO A CD  1 
ATOM   705  N N   . ASP A 1 88  ? -6.697  -9.792  14.644  1.00 38.95  ? 436 ASP A N   1 
ATOM   706  C CA  . ASP A 1 88  ? -6.825  -8.874  15.779  1.00 39.81  ? 436 ASP A CA  1 
ATOM   707  C C   . ASP A 1 88  ? -5.591  -7.985  15.966  1.00 41.78  ? 436 ASP A C   1 
ATOM   708  O O   . ASP A 1 88  ? -5.564  -7.157  16.876  1.00 40.77  ? 436 ASP A O   1 
ATOM   709  C CB  . ASP A 1 88  ? -7.151  -9.664  17.074  1.00 43.01  ? 436 ASP A CB  1 
ATOM   710  C CG  . ASP A 1 88  ? -6.160  -10.770 17.432  1.00 59.57  ? 436 ASP A CG  1 
ATOM   711  O OD1 . ASP A 1 88  ? -5.903  -11.657 16.566  1.00 60.20  ? 436 ASP A OD1 1 
ATOM   712  O OD2 . ASP A 1 88  ? -5.691  -10.793 18.593  1.00 68.63  ? 436 ASP A OD2 1 
ATOM   713  N N   . HIS A 1 89  ? -4.586  -8.115  15.090  1.00 36.93  ? 437 HIS A N   1 
ATOM   714  C CA  . HIS A 1 89  ? -3.371  -7.321  15.228  1.00 35.46  ? 437 HIS A CA  1 
ATOM   715  C C   . HIS A 1 89  ? -3.607  -5.851  14.886  1.00 38.04  ? 437 HIS A C   1 
ATOM   716  O O   . HIS A 1 89  ? -4.373  -5.543  13.972  1.00 37.39  ? 437 HIS A O   1 
ATOM   717  C CB  . HIS A 1 89  ? -2.244  -7.919  14.365  1.00 35.75  ? 437 HIS A CB  1 
ATOM   718  C CG  . HIS A 1 89  ? -0.873  -7.446  14.728  1.00 38.83  ? 437 HIS A CG  1 
ATOM   719  N ND1 . HIS A 1 89  ? -0.498  -6.127  14.571  1.00 40.96  ? 437 HIS A ND1 1 
ATOM   720  C CD2 . HIS A 1 89  ? 0.177   -8.144  15.218  1.00 40.61  ? 437 HIS A CD2 1 
ATOM   721  C CE1 . HIS A 1 89  ? 0.763   -6.058  14.971  1.00 40.57  ? 437 HIS A CE1 1 
ATOM   722  N NE2 . HIS A 1 89  ? 1.211   -7.251  15.368  1.00 40.78  ? 437 HIS A NE2 1 
ATOM   723  N N   . GLU A 1 90  ? -2.921  -4.951  15.612  1.00 33.65  ? 438 GLU A N   1 
ATOM   724  C CA  . GLU A 1 90  ? -2.938  -3.498  15.458  1.00 34.08  ? 438 GLU A CA  1 
ATOM   725  C C   . GLU A 1 90  ? -2.718  -3.083  13.977  1.00 35.75  ? 438 GLU A C   1 
ATOM   726  O O   . GLU A 1 90  ? -3.394  -2.176  13.503  1.00 36.00  ? 438 GLU A O   1 
ATOM   727  C CB  . GLU A 1 90  ? -1.802  -2.905  16.322  1.00 36.44  ? 438 GLU A CB  1 
ATOM   728  C CG  . GLU A 1 90  ? -1.798  -1.391  16.493  1.00 52.62  ? 438 GLU A CG  1 
ATOM   729  C CD  . GLU A 1 90  ? -0.876  -0.826  17.566  1.00 75.65  ? 438 GLU A CD  1 
ATOM   730  O OE1 . GLU A 1 90  ? -0.232  -1.620  18.292  1.00 70.36  ? 438 GLU A OE1 1 
ATOM   731  O OE2 . GLU A 1 90  ? -0.817  0.420   17.694  1.00 68.41  ? 438 GLU A OE2 1 
ATOM   732  N N   . VAL A 1 91  ? -1.775  -3.746  13.263  1.00 30.11  ? 439 VAL A N   1 
ATOM   733  C CA  . VAL A 1 91  ? -1.398  -3.389  11.889  1.00 27.73  ? 439 VAL A CA  1 
ATOM   734  C C   . VAL A 1 91  ? -2.536  -3.656  10.898  1.00 29.57  ? 439 VAL A C   1 
ATOM   735  O O   . VAL A 1 91  ? -2.659  -2.942  9.899   1.00 28.98  ? 439 VAL A O   1 
ATOM   736  C CB  . VAL A 1 91  ? -0.064  -4.043  11.453  1.00 29.91  ? 439 VAL A CB  1 
ATOM   737  C CG1 . VAL A 1 91  ? -0.284  -5.497  11.041  1.00 29.22  ? 439 VAL A CG1 1 
ATOM   738  C CG2 . VAL A 1 91  ? 0.588   -3.241  10.321  1.00 29.07  ? 439 VAL A CG2 1 
ATOM   739  N N   . VAL A 1 92  ? -3.371  -4.656  11.200  1.00 22.99  ? 440 VAL A N   1 
ATOM   740  C CA  . VAL A 1 92  ? -4.541  -4.981  10.407  1.00 23.66  ? 440 VAL A CA  1 
ATOM   741  C C   . VAL A 1 92  ? -5.558  -3.835  10.510  1.00 27.78  ? 440 VAL A C   1 
ATOM   742  O O   . VAL A 1 92  ? -6.092  -3.426  9.483   1.00 26.76  ? 440 VAL A O   1 
ATOM   743  C CB  . VAL A 1 92  ? -5.120  -6.387  10.755  1.00 28.27  ? 440 VAL A CB  1 
ATOM   744  C CG1 . VAL A 1 92  ? -6.525  -6.577  10.197  1.00 28.57  ? 440 VAL A CG1 1 
ATOM   745  C CG2 . VAL A 1 92  ? -4.204  -7.496  10.245  1.00 28.33  ? 440 VAL A CG2 1 
ATOM   746  N N   . ALA A 1 93  ? -5.813  -3.300  11.733  1.00 25.66  ? 441 ALA A N   1 
ATOM   747  C CA  . ALA A 1 93  ? -6.733  -2.155  11.891  1.00 26.41  ? 441 ALA A CA  1 
ATOM   748  C C   . ALA A 1 93  ? -6.188  -0.942  11.161  1.00 27.18  ? 441 ALA A C   1 
ATOM   749  O O   . ALA A 1 93  ? -6.946  -0.228  10.515  1.00 26.52  ? 441 ALA A O   1 
ATOM   750  C CB  . ALA A 1 93  ? -6.928  -1.820  13.367  1.00 27.80  ? 441 ALA A CB  1 
ATOM   751  N N   . MET A 1 94  ? -4.864  -0.711  11.253  1.00 22.88  ? 442 MET A N   1 
ATOM   752  C CA  . MET A 1 94  ? -4.218  0.413   10.575  1.00 23.91  ? 442 MET A CA  1 
ATOM   753  C C   . MET A 1 94  ? -4.377  0.262   9.052   1.00 25.22  ? 442 MET A C   1 
ATOM   754  O O   . MET A 1 94  ? -4.724  1.242   8.396   1.00 25.95  ? 442 MET A O   1 
ATOM   755  C CB  . MET A 1 94  ? -2.756  0.519   10.963  1.00 26.39  ? 442 MET A CB  1 
ATOM   756  C CG  . MET A 1 94  ? -2.569  0.876   12.414  1.00 31.69  ? 442 MET A CG  1 
ATOM   757  S SD  . MET A 1 94  ? -0.902  0.508   12.959  1.00 38.34  ? 442 MET A SD  1 
ATOM   758  C CE  . MET A 1 94  ? -0.197  2.031   12.788  1.00 34.80  ? 442 MET A CE  1 
ATOM   759  N N   . ALA A 1 95  ? -4.186  -0.958  8.517   1.00 22.92  ? 443 ALA A N   1 
ATOM   760  C CA  . ALA A 1 95  ? -4.344  -1.228  7.073   1.00 22.33  ? 443 ALA A CA  1 
ATOM   761  C C   . ALA A 1 95  ? -5.769  -0.888  6.675   1.00 27.06  ? 443 ALA A C   1 
ATOM   762  O O   . ALA A 1 95  ? -5.966  -0.220  5.671   1.00 24.59  ? 443 ALA A O   1 
ATOM   763  C CB  . ALA A 1 95  ? -4.024  -2.683  6.760   1.00 23.10  ? 443 ALA A CB  1 
ATOM   764  N N   . ARG A 1 96  ? -6.760  -1.260  7.515   1.00 25.37  ? 444 ARG A N   1 
ATOM   765  C CA  . ARG A 1 96  ? -8.162  -0.961  7.228   1.00 24.77  ? 444 ARG A CA  1 
ATOM   766  C C   . ARG A 1 96  ? -8.466  0.516   7.155   1.00 24.86  ? 444 ARG A C   1 
ATOM   767  O O   . ARG A 1 96  ? -9.170  0.933   6.249   1.00 24.13  ? 444 ARG A O   1 
ATOM   768  C CB  . ARG A 1 96  ? -9.092  -1.665  8.217   1.00 25.10  ? 444 ARG A CB  1 
ATOM   769  C CG  . ARG A 1 96  ? -9.087  -3.151  8.051   1.00 27.48  ? 444 ARG A CG  1 
ATOM   770  C CD  . ARG A 1 96  ? -10.138 -3.745  8.951   1.00 33.72  ? 444 ARG A CD  1 
ATOM   771  N NE  . ARG A 1 96  ? -10.187 -5.196  8.845   1.00 48.47  ? 444 ARG A NE  1 
ATOM   772  C CZ  . ARG A 1 96  ? -10.136 -6.013  9.888   1.00 63.52  ? 444 ARG A CZ  1 
ATOM   773  N NH1 . ARG A 1 96  ? -9.997  -5.526  11.119  1.00 51.49  ? 444 ARG A NH1 1 
ATOM   774  N NH2 . ARG A 1 96  ? -10.217 -7.321  9.712   1.00 48.31  ? 444 ARG A NH2 1 
ATOM   775  N N   . LYS A 1 97  ? -7.891  1.318   8.055   1.00 22.36  ? 445 LYS A N   1 
ATOM   776  C CA  . LYS A 1 97  ? -8.065  2.767   8.056   1.00 22.24  ? 445 LYS A CA  1 
ATOM   777  C C   . LYS A 1 97  ? -7.433  3.393   6.796   1.00 24.95  ? 445 LYS A C   1 
ATOM   778  O O   . LYS A 1 97  ? -7.995  4.319   6.218   1.00 24.93  ? 445 LYS A O   1 
ATOM   779  C CB  . LYS A 1 97  ? -7.390  3.378   9.307   1.00 25.31  ? 445 LYS A CB  1 
ATOM   780  C CG  . LYS A 1 97  ? -8.249  3.340   10.576  1.00 31.47  ? 445 LYS A CG  1 
ATOM   781  C CD  . LYS A 1 97  ? -7.393  3.755   11.756  1.00 32.60  ? 445 LYS A CD  1 
ATOM   782  C CE  . LYS A 1 97  ? -8.052  3.568   13.100  1.00 41.13  ? 445 LYS A CE  1 
ATOM   783  N NZ  . LYS A 1 97  ? -7.087  3.829   14.201  1.00 53.68  ? 445 LYS A NZ  1 
ATOM   784  N N   . LEU A 1 98  ? -6.243  2.936   6.416   1.00 21.16  ? 446 LEU A N   1 
ATOM   785  C CA  . LEU A 1 98  ? -5.580  3.459   5.220   1.00 20.65  ? 446 LEU A CA  1 
ATOM   786  C C   . LEU A 1 98  ? -6.320  3.035   3.971   1.00 22.25  ? 446 LEU A C   1 
ATOM   787  O O   . LEU A 1 98  ? -6.461  3.825   3.041   1.00 23.81  ? 446 LEU A O   1 
ATOM   788  C CB  . LEU A 1 98  ? -4.104  3.024   5.124   1.00 19.52  ? 446 LEU A CB  1 
ATOM   789  C CG  . LEU A 1 98  ? -3.293  3.857   4.115   1.00 24.36  ? 446 LEU A CG  1 
ATOM   790  C CD1 . LEU A 1 98  ? -3.396  5.354   4.418   1.00 25.33  ? 446 LEU A CD1 1 
ATOM   791  C CD2 . LEU A 1 98  ? -1.826  3.410   4.039   1.00 24.74  ? 446 LEU A CD2 1 
ATOM   792  N N   . GLN A 1 99  ? -6.782  1.796   3.936   1.00 17.91  ? 447 GLN A N   1 
ATOM   793  C CA  . GLN A 1 99  ? -7.511  1.303   2.761   1.00 16.14  ? 447 GLN A CA  1 
ATOM   794  C C   . GLN A 1 99  ? -8.822  2.078   2.581   1.00 23.16  ? 447 GLN A C   1 
ATOM   795  O O   . GLN A 1 99  ? -9.266  2.230   1.455   1.00 20.48  ? 447 GLN A O   1 
ATOM   796  C CB  . GLN A 1 99  ? -7.773  -0.205  2.841   1.00 15.80  ? 447 GLN A CB  1 
ATOM   797  C CG  . GLN A 1 99  ? -8.474  -0.707  1.559   1.00 17.64  ? 447 GLN A CG  1 
ATOM   798  C CD  . GLN A 1 99  ? -8.388  -2.205  1.346   1.00 40.30  ? 447 GLN A CD  1 
ATOM   799  O OE1 . GLN A 1 99  ? -8.220  -3.005  2.269   1.00 34.72  ? 447 GLN A OE1 1 
ATOM   800  N NE2 . GLN A 1 99  ? -8.475  -2.615  0.108   1.00 32.01  ? 447 GLN A NE2 1 
ATOM   801  N N   . ASP A 1 100 ? -9.449  2.550   3.688   1.00 23.50  ? 448 ASP A N   1 
ATOM   802  C CA  . ASP A 1 100 ? -10.681 3.341   3.596   1.00 25.75  ? 448 ASP A CA  1 
ATOM   803  C C   . ASP A 1 100 ? -10.353 4.616   2.852   1.00 28.71  ? 448 ASP A C   1 
ATOM   804  O O   . ASP A 1 100 ? -11.117 5.009   1.985   1.00 28.85  ? 448 ASP A O   1 
ATOM   805  C CB  . ASP A 1 100 ? -11.270 3.724   4.995   1.00 28.43  ? 448 ASP A CB  1 
ATOM   806  C CG  . ASP A 1 100 ? -11.822 2.587   5.823   1.00 44.42  ? 448 ASP A CG  1 
ATOM   807  O OD1 . ASP A 1 100 ? -12.221 1.558   5.230   1.00 46.80  ? 448 ASP A OD1 1 
ATOM   808  O OD2 . ASP A 1 100 ? -11.898 2.741   7.077   1.00 56.18  ? 448 ASP A OD2 1 
ATOM   809  N N   . VAL A 1 101 ? -9.202  5.230   3.144   1.00 25.90  ? 449 VAL A N   1 
ATOM   810  C CA  . VAL A 1 101 ? -8.773  6.459   2.478   1.00 25.79  ? 449 VAL A CA  1 
ATOM   811  C C   . VAL A 1 101 ? -8.583  6.141   0.988   1.00 24.94  ? 449 VAL A C   1 
ATOM   812  O O   . VAL A 1 101 ? -9.119  6.833   0.116   1.00 23.48  ? 449 VAL A O   1 
ATOM   813  C CB  . VAL A 1 101 ? -7.459  7.018   3.104   1.00 31.15  ? 449 VAL A CB  1 
ATOM   814  C CG1 . VAL A 1 101 ? -6.901  8.182   2.284   1.00 30.75  ? 449 VAL A CG1 1 
ATOM   815  C CG2 . VAL A 1 101 ? -7.667  7.431   4.566   1.00 31.63  ? 449 VAL A CG2 1 
ATOM   816  N N   . PHE A 1 102 ? -7.840  5.082   0.709   1.00 20.56  ? 450 PHE A N   1 
ATOM   817  C CA  . PHE A 1 102 ? -7.605  4.668   -0.666  1.00 19.87  ? 450 PHE A CA  1 
ATOM   818  C C   . PHE A 1 102 ? -8.860  4.381   -1.432  1.00 24.46  ? 450 PHE A C   1 
ATOM   819  O O   . PHE A 1 102 ? -8.989  4.925   -2.513  1.00 24.62  ? 450 PHE A O   1 
ATOM   820  C CB  . PHE A 1 102 ? -6.649  3.471   -0.764  1.00 20.00  ? 450 PHE A CB  1 
ATOM   821  C CG  . PHE A 1 102 ? -6.582  2.879   -2.160  1.00 19.61  ? 450 PHE A CG  1 
ATOM   822  C CD1 . PHE A 1 102 ? -5.905  3.539   -3.184  1.00 22.56  ? 450 PHE A CD1 1 
ATOM   823  C CD2 . PHE A 1 102 ? -7.279  1.713   -2.475  1.00 20.59  ? 450 PHE A CD2 1 
ATOM   824  C CE1 . PHE A 1 102 ? -5.836  2.985   -4.468  1.00 23.09  ? 450 PHE A CE1 1 
ATOM   825  C CE2 . PHE A 1 102 ? -7.178  1.143   -3.753  1.00 23.67  ? 450 PHE A CE2 1 
ATOM   826  C CZ  . PHE A 1 102 ? -6.478  1.785   -4.732  1.00 22.13  ? 450 PHE A CZ  1 
ATOM   827  N N   . GLU A 1 103 ? -9.775  3.503   -0.917  1.00 21.41  ? 451 GLU A N   1 
ATOM   828  C CA  . GLU A 1 103 ? -10.950 3.077   -1.691  1.00 20.58  ? 451 GLU A CA  1 
ATOM   829  C C   . GLU A 1 103 ? -11.902 4.219   -1.999  1.00 22.99  ? 451 GLU A C   1 
ATOM   830  O O   . GLU A 1 103 ? -12.432 4.279   -3.090  1.00 24.35  ? 451 GLU A O   1 
ATOM   831  C CB  . GLU A 1 103 ? -11.701 1.880   -1.066  1.00 22.45  ? 451 GLU A CB  1 
ATOM   832  C CG  . GLU A 1 103 ? -10.847 0.622   -0.884  1.00 27.35  ? 451 GLU A CG  1 
ATOM   833  C CD  . GLU A 1 103 ? -10.512 -0.177  -2.122  1.00 40.42  ? 451 GLU A CD  1 
ATOM   834  O OE1 . GLU A 1 103 ? -11.207 0.013   -3.144  1.00 34.25  ? 451 GLU A OE1 1 
ATOM   835  O OE2 . GLU A 1 103 ? -9.575  -1.012  -2.068  1.00 26.04  ? 451 GLU A OE2 1 
ATOM   836  N N   . MET A 1 104 ? -12.021 5.158   -1.100  1.00 21.68  ? 452 MET A N   1 
ATOM   837  C CA  . MET A 1 104 ? -12.882 6.323   -1.289  1.00 23.51  ? 452 MET A CA  1 
ATOM   838  C C   . MET A 1 104 ? -12.343 7.227   -2.406  1.00 27.83  ? 452 MET A C   1 
ATOM   839  O O   . MET A 1 104 ? -13.110 7.665   -3.268  1.00 29.30  ? 452 MET A O   1 
ATOM   840  C CB  . MET A 1 104 ? -13.031 7.088   0.037   1.00 25.77  ? 452 MET A CB  1 
ATOM   841  C CG  A MET A 1 104 ? -14.057 8.218   0.008   0.50 30.25  ? 452 MET A CG  1 
ATOM   842  C CG  B MET A 1 104 ? -13.741 6.282   1.105   0.50 29.31  ? 452 MET A CG  1 
ATOM   843  S SD  A MET A 1 104 ? -15.729 7.732   -0.500  0.50 35.90  ? 452 MET A SD  1 
ATOM   844  S SD  B MET A 1 104 ? -15.481 5.904   0.791   0.50 32.99  ? 452 MET A SD  1 
ATOM   845  C CE  A MET A 1 104 ? -16.236 6.779   0.889   0.50 32.40  ? 452 MET A CE  1 
ATOM   846  C CE  B MET A 1 104 ? -16.168 7.479   1.055   0.50 29.30  ? 452 MET A CE  1 
ATOM   847  N N   . ARG A 1 105 ? -11.039 7.442   -2.417  1.00 24.33  ? 453 ARG A N   1 
ATOM   848  C CA  . ARG A 1 105 ? -10.370 8.271   -3.418  1.00 25.01  ? 453 ARG A CA  1 
ATOM   849  C C   . ARG A 1 105 ? -10.352 7.601   -4.763  1.00 28.95  ? 453 ARG A C   1 
ATOM   850  O O   . ARG A 1 105 ? -10.767 8.219   -5.734  1.00 27.30  ? 453 ARG A O   1 
ATOM   851  C CB  . ARG A 1 105 ? -8.938  8.610   -2.975  1.00 23.56  ? 453 ARG A CB  1 
ATOM   852  C CG  . ARG A 1 105 ? -8.863  9.544   -1.788  1.00 24.49  ? 453 ARG A CG  1 
ATOM   853  C CD  . ARG A 1 105 ? -9.640  10.811  -2.067  1.00 38.67  ? 453 ARG A CD  1 
ATOM   854  N NE  . ARG A 1 105 ? -9.354  11.848  -1.089  1.00 37.99  ? 453 ARG A NE  1 
ATOM   855  C CZ  . ARG A 1 105 ? -9.974  13.020  -1.043  1.00 47.30  ? 453 ARG A CZ  1 
ATOM   856  N NH1 . ARG A 1 105 ? -10.945 13.298  -1.903  1.00 37.77  ? 453 ARG A NH1 1 
ATOM   857  N NH2 . ARG A 1 105 ? -9.646  13.911  -0.123  1.00 39.92  ? 453 ARG A NH2 1 
ATOM   858  N N   . PHE A 1 106 ? -9.931  6.312   -4.808  1.00 22.93  ? 454 PHE A N   1 
ATOM   859  C CA  . PHE A 1 106 ? -9.828  5.507   -6.025  1.00 22.19  ? 454 PHE A CA  1 
ATOM   860  C C   . PHE A 1 106 ? -11.179 5.331   -6.711  1.00 27.65  ? 454 PHE A C   1 
ATOM   861  O O   . PHE A 1 106 ? -11.240 5.309   -7.941  1.00 27.29  ? 454 PHE A O   1 
ATOM   862  C CB  . PHE A 1 106 ? -9.240  4.140   -5.686  1.00 24.43  ? 454 PHE A CB  1 
ATOM   863  C CG  . PHE A 1 106 ? -8.863  3.279   -6.867  1.00 25.21  ? 454 PHE A CG  1 
ATOM   864  C CD1 . PHE A 1 106 ? -7.813  3.641   -7.708  1.00 27.33  ? 454 PHE A CD1 1 
ATOM   865  C CD2 . PHE A 1 106 ? -9.517  2.080   -7.107  1.00 25.12  ? 454 PHE A CD2 1 
ATOM   866  C CE1 . PHE A 1 106 ? -7.458  2.828   -8.799  1.00 27.33  ? 454 PHE A CE1 1 
ATOM   867  C CE2 . PHE A 1 106 ? -9.133  1.251   -8.166  1.00 27.63  ? 454 PHE A CE2 1 
ATOM   868  C CZ  . PHE A 1 106 ? -8.103  1.629   -9.002  1.00 26.98  ? 454 PHE A CZ  1 
ATOM   869  N N   . ALA A 1 107 ? -12.259 5.216   -5.921  1.00 23.60  ? 455 ALA A N   1 
ATOM   870  C CA  . ALA A 1 107 ? -13.596 5.051   -6.474  1.00 24.43  ? 455 ALA A CA  1 
ATOM   871  C C   . ALA A 1 107 ? -14.095 6.312   -7.188  1.00 31.88  ? 455 ALA A C   1 
ATOM   872  O O   . ALA A 1 107 ? -14.803 6.201   -8.183  1.00 32.42  ? 455 ALA A O   1 
ATOM   873  C CB  . ALA A 1 107 ? -14.566 4.696   -5.376  1.00 24.65  ? 455 ALA A CB  1 
ATOM   874  N N   . LYS A 1 108 ? -13.769 7.473   -6.653  1.00 32.38  ? 456 LYS A N   1 
ATOM   875  C CA  . LYS A 1 108 ? -14.247 8.779   -7.108  1.00 34.47  ? 456 LYS A CA  1 
ATOM   876  C C   . LYS A 1 108 ? -13.382 9.427   -8.180  1.00 45.45  ? 456 LYS A C   1 
ATOM   877  O O   . LYS A 1 108 ? -13.410 10.653  -8.328  1.00 47.62  ? 456 LYS A O   1 
ATOM   878  C CB  . LYS A 1 108 ? -14.444 9.710   -5.902  1.00 35.60  ? 456 LYS A CB  1 
ATOM   879  C CG  . LYS A 1 108 ? -15.832 9.572   -5.312  1.00 41.88  ? 456 LYS A CG  1 
ATOM   880  C CD  . LYS A 1 108 ? -15.873 9.806   -3.824  1.00 39.83  ? 456 LYS A CD  1 
ATOM   881  C CE  . LYS A 1 108 ? -17.297 9.915   -3.358  1.00 40.78  ? 456 LYS A CE  1 
ATOM   882  N NZ  . LYS A 1 108 ? -17.359 10.074  -1.882  1.00 54.76  ? 456 LYS A NZ  1 
ATOM   883  N N   . MET A 1 109 ? -12.677 8.605   -8.985  1.00 43.78  ? 457 MET A N   1 
ATOM   884  C CA  . MET A 1 109 ? -11.873 9.083   -10.105 1.00 66.97  ? 457 MET A CA  1 
ATOM   885  C C   . MET A 1 109 ? -12.410 8.550   -11.440 1.00 107.72 ? 457 MET A C   1 
ATOM   886  O O   . MET A 1 109 ? -13.129 7.549   -11.467 1.00 75.85  ? 457 MET A O   1 
ATOM   887  C CB  . MET A 1 109 ? -10.382 8.759   -9.906  1.00 69.13  ? 457 MET A CB  1 
ATOM   888  C CG  . MET A 1 109 ? -10.006 7.300   -10.142 1.00 72.39  ? 457 MET A CG  1 
ATOM   889  S SD  . MET A 1 109 ? -8.225  7.027   -10.010 1.00 75.72  ? 457 MET A SD  1 
ATOM   890  C CE  . MET A 1 109 ? -7.739  7.484   -11.586 1.00 72.09  ? 457 MET A CE  1 
HETATM 891  C C4  . 88Y B 2 .   ? 8.201   -0.772  9.598   1.00 49.55  ? 501 88Y A C4  1 
HETATM 892  C C5  . 88Y B 2 .   ? 5.336   -4.765  9.343   1.00 33.34  ? 501 88Y A C5  1 
HETATM 893  C C6  . 88Y B 2 .   ? 6.652   -2.585  9.676   1.00 44.77  ? 501 88Y A C6  1 
HETATM 894  C C7  . 88Y B 2 .   ? 4.210   -5.119  8.554   1.00 30.06  ? 501 88Y A C7  1 
HETATM 895  C C8  . 88Y B 2 .   ? 7.360   -1.651  8.931   1.00 49.21  ? 501 88Y A C8  1 
HETATM 896  C C10 . 88Y B 2 .   ? 3.865   -3.990  7.836   1.00 27.77  ? 501 88Y A C10 1 
HETATM 897  C C13 . 88Y B 2 .   ? 4.236   -7.541  9.209   1.00 27.86  ? 501 88Y A C13 1 
HETATM 898  C C1  . 88Y B 2 .   ? 7.651   -1.764  11.711  1.00 47.51  ? 501 88Y A C1  1 
HETATM 899  C C2  . 88Y B 2 .   ? 8.350   -0.824  10.974  1.00 49.18  ? 501 88Y A C2  1 
HETATM 900  C C3  . 88Y B 2 .   ? 6.792   -2.626  11.057  1.00 46.13  ? 501 88Y A C3  1 
HETATM 901  C C9  . 88Y B 2 .   ? 5.673   -3.457  9.073   1.00 37.58  ? 501 88Y A C9  1 
HETATM 902  C C11 . 88Y B 2 .   ? 3.520   -6.387  8.565   1.00 28.27  ? 501 88Y A C11 1 
HETATM 903  C C12 . 88Y B 2 .   ? 2.800   -3.707  6.857   1.00 24.05  ? 501 88Y A C12 1 
HETATM 904  N N14 . 88Y B 2 .   ? 4.771   -3.018  8.146   1.00 29.69  ? 501 88Y A N14 1 
HETATM 905  N N15 . 88Y B 2 .   ? 7.249   -1.577  7.527   1.00 49.48  ? 501 88Y A N15 1 
HETATM 906  O O16 . 88Y B 2 .   ? 2.420   -6.546  8.067   1.00 29.23  ? 501 88Y A O16 1 
HETATM 907  O O   . HOH C 3 .   ? -6.134  11.586  10.989  1.00 51.87  ? 601 HOH A O   1 
HETATM 908  O O   . HOH C 3 .   ? -5.840  14.574  -0.980  1.00 46.08  ? 602 HOH A O   1 
HETATM 909  O O   . HOH C 3 .   ? -5.316  -10.929 9.307   1.00 43.36  ? 603 HOH A O   1 
HETATM 910  O O   . HOH C 3 .   ? 0.426   9.131   6.009   1.00 31.46  ? 604 HOH A O   1 
HETATM 911  O O   . HOH C 3 .   ? -4.002  -6.863  -6.056  1.00 46.54  ? 605 HOH A O   1 
HETATM 912  O O   . HOH C 3 .   ? -3.036  14.461  -2.978  1.00 35.43  ? 606 HOH A O   1 
HETATM 913  O O   . HOH C 3 .   ? 2.299   -7.118  5.121   1.00 32.37  ? 607 HOH A O   1 
HETATM 914  O O   . HOH C 3 .   ? -7.603  10.592  8.977   1.00 37.97  ? 608 HOH A O   1 
HETATM 915  O O   . HOH C 3 .   ? -5.875  -8.376  -3.403  1.00 41.26  ? 609 HOH A O   1 
HETATM 916  O O   . HOH C 3 .   ? 9.821   5.970   -3.362  1.00 45.34  ? 610 HOH A O   1 
HETATM 917  O O   . HOH C 3 .   ? -7.694  -8.946  0.298   1.00 28.03  ? 611 HOH A O   1 
HETATM 918  O O   . HOH C 3 .   ? 2.702   10.460  -5.181  1.00 43.57  ? 612 HOH A O   1 
HETATM 919  O O   . HOH C 3 .   ? 13.317  -11.881 10.780  1.00 47.89  ? 613 HOH A O   1 
HETATM 920  O O   . HOH C 3 .   ? -9.657  7.088   -14.601 1.00 46.07  ? 614 HOH A O   1 
HETATM 921  O O   . HOH C 3 .   ? 2.158   13.658  1.399   1.00 40.28  ? 615 HOH A O   1 
HETATM 922  O O   . HOH C 3 .   ? -11.979 3.648   -9.958  1.00 52.18  ? 616 HOH A O   1 
HETATM 923  O O   . HOH C 3 .   ? 5.351   -2.006  4.642   1.00 23.98  ? 617 HOH A O   1 
HETATM 924  O O   . HOH C 3 .   ? 1.775   -13.953 11.431  1.00 61.96  ? 618 HOH A O   1 
HETATM 925  O O   . HOH C 3 .   ? -7.170  -3.244  -10.252 1.00 43.09  ? 619 HOH A O   1 
HETATM 926  O O   . HOH C 3 .   ? 1.983   -11.702 -1.823  1.00 33.15  ? 620 HOH A O   1 
HETATM 927  O O   . HOH C 3 .   ? 10.568  0.150   -9.652  1.00 49.39  ? 621 HOH A O   1 
HETATM 928  O O   . HOH C 3 .   ? 1.830   -4.981  3.518   1.00 32.13  ? 622 HOH A O   1 
HETATM 929  O O   . HOH C 3 .   ? 11.157  5.599   -10.257 1.00 48.04  ? 623 HOH A O   1 
HETATM 930  O O   . HOH C 3 .   ? 6.934   1.392   6.902   1.00 34.62  ? 624 HOH A O   1 
HETATM 931  O O   . HOH C 3 .   ? 6.403   -7.621  -5.399  1.00 44.79  ? 625 HOH A O   1 
HETATM 932  O O   . HOH C 3 .   ? -2.764  4.431   14.570  1.00 61.29  ? 626 HOH A O   1 
HETATM 933  O O   . HOH C 3 .   ? 3.379   -2.178  -17.090 1.00 53.74  ? 627 HOH A O   1 
HETATM 934  O O   . HOH C 3 .   ? 3.035   6.736   -13.939 1.00 50.36  ? 628 HOH A O   1 
HETATM 935  O O   . HOH C 3 .   ? -7.569  1.499   -15.329 1.00 39.22  ? 629 HOH A O   1 
HETATM 936  O O   . HOH C 3 .   ? 4.270   -6.244  1.760   1.00 25.75  ? 630 HOH A O   1 
HETATM 937  O O   . HOH C 3 .   ? -12.346 -0.424  3.309   1.00 50.93  ? 631 HOH A O   1 
HETATM 938  O O   . HOH C 3 .   ? 2.929   4.055   -14.399 1.00 39.72  ? 632 HOH A O   1 
HETATM 939  O O   . HOH C 3 .   ? -0.233  -6.099  -8.485  1.00 38.11  ? 633 HOH A O   1 
HETATM 940  O O   . HOH C 3 .   ? -1.348  -10.983 -1.052  1.00 42.42  ? 634 HOH A O   1 
HETATM 941  O O   . HOH C 3 .   ? 3.939   0.331   -17.952 1.00 52.88  ? 635 HOH A O   1 
HETATM 942  O O   . HOH C 3 .   ? 6.237   -15.059 13.562  1.00 56.67  ? 636 HOH A O   1 
HETATM 943  O O   . HOH C 3 .   ? 6.686   -5.169  -8.832  1.00 51.05  ? 637 HOH A O   1 
HETATM 944  O O   . HOH C 3 .   ? 3.529   -3.004  3.087   1.00 34.18  ? 638 HOH A O   1 
HETATM 945  O O   . HOH C 3 .   ? -13.354 -1.779  -3.431  1.00 27.75  ? 639 HOH A O   1 
HETATM 946  O O   . HOH C 3 .   ? 0.254   -3.065  -23.289 1.00 55.18  ? 640 HOH A O   1 
HETATM 947  O O   . HOH C 3 .   ? -3.747  3.727   -20.804 1.00 59.57  ? 641 HOH A O   1 
HETATM 948  O O   . HOH C 3 .   ? -10.082 -2.823  -9.401  1.00 58.88  ? 642 HOH A O   1 
HETATM 949  O O   . HOH C 3 .   ? 9.528   -6.743  2.372   1.00 31.34  ? 643 HOH A O   1 
HETATM 950  O O   . HOH C 3 .   ? -9.546  -0.251  11.643  1.00 35.08  ? 644 HOH A O   1 
HETATM 951  O O   . HOH C 3 .   ? 3.707   -5.969  -8.328  1.00 37.89  ? 645 HOH A O   1 
HETATM 952  O O   . HOH C 3 .   ? 1.139   4.463   15.563  1.00 53.97  ? 646 HOH A O   1 
HETATM 953  O O   . HOH C 3 .   ? -7.230  -5.477  13.974  1.00 49.69  ? 647 HOH A O   1 
HETATM 954  O O   . HOH C 3 .   ? 7.800   -4.172  -0.559  1.00 32.22  ? 648 HOH A O   1 
HETATM 955  O O   . HOH C 3 .   ? 7.002   -4.997  1.878   1.00 29.23  ? 649 HOH A O   1 
HETATM 956  O O   . HOH C 3 .   ? 16.142  -5.795  11.027  1.00 62.62  ? 650 HOH A O   1 
HETATM 957  O O   . HOH C 3 .   ? 1.593   -14.367 -1.211  1.00 41.52  ? 651 HOH A O   1 
HETATM 958  O O   . HOH C 3 .   ? 11.205  -13.754 5.763   1.00 40.88  ? 652 HOH A O   1 
HETATM 959  O O   . HOH C 3 .   ? -9.800  -6.309  6.195   1.00 40.38  ? 653 HOH A O   1 
HETATM 960  O O   . HOH C 3 .   ? 12.522  -1.124  5.010   1.00 45.13  ? 654 HOH A O   1 
HETATM 961  O O   . HOH C 3 .   ? 9.299   -14.052 -0.891  1.00 58.42  ? 655 HOH A O   1 
HETATM 962  O O   . HOH C 3 .   ? -1.539  -5.868  18.015  1.00 41.09  ? 656 HOH A O   1 
HETATM 963  O O   . HOH C 3 .   ? -2.483  10.873  11.648  1.00 39.02  ? 657 HOH A O   1 
HETATM 964  O O   . HOH C 3 .   ? 4.736   -11.851 13.076  1.00 49.23  ? 658 HOH A O   1 
HETATM 965  O O   . HOH C 3 .   ? -10.572 11.156  -5.493  1.00 36.56  ? 659 HOH A O   1 
HETATM 966  O O   . HOH C 3 .   ? 4.208   11.421  6.966   1.00 53.56  ? 660 HOH A O   1 
HETATM 967  O O   . HOH C 3 .   ? 15.565  -6.489  5.558   1.00 60.35  ? 661 HOH A O   1 
HETATM 968  O O   . HOH C 3 .   ? -9.945  2.895   -12.069 1.00 63.16  ? 662 HOH A O   1 
HETATM 969  O O   . HOH C 3 .   ? 11.768  2.524   -3.651  1.00 48.73  ? 663 HOH A O   1 
HETATM 970  O O   . HOH C 3 .   ? -1.809  16.144  5.707   1.00 37.50  ? 664 HOH A O   1 
HETATM 971  O O   . HOH C 3 .   ? 2.261   -10.693 13.140  1.00 43.86  ? 665 HOH A O   1 
HETATM 972  O O   . HOH C 3 .   ? -10.553 -2.699  12.141  1.00 45.83  ? 666 HOH A O   1 
HETATM 973  O O   . HOH C 3 .   ? 7.445   -19.697 13.689  1.00 48.33  ? 667 HOH A O   1 
HETATM 974  O O   . HOH C 3 .   ? 5.722   11.207  4.628   1.00 65.68  ? 668 HOH A O   1 
HETATM 975  O O   . HOH C 3 .   ? -7.183  -4.641  -7.778  1.00 26.09  ? 669 HOH A O   1 
HETATM 976  O O   . HOH C 3 .   ? 13.527  -6.594  3.736   1.00 58.66  ? 670 HOH A O   1 
HETATM 977  O O   . HOH C 3 .   ? -3.430  9.606   -22.389 1.00 69.32  ? 671 HOH A O   1 
HETATM 978  O O   . HOH C 3 .   ? -11.906 0.926   -9.887  1.00 54.77  ? 672 HOH A O   1 
HETATM 979  O O   . HOH C 3 .   ? 0.560   16.556  4.393   1.00 56.89  ? 673 HOH A O   1 
HETATM 980  O O   . HOH C 3 .   ? -1.870  -1.837  -24.486 1.00 49.32  ? 674 HOH A O   1 
HETATM 981  O O   . HOH C 3 .   ? 2.234   -3.320  -13.051 1.00 51.11  ? 675 HOH A O   1 
HETATM 982  O O   . HOH C 3 .   ? 7.298   10.595  0.157   1.00 60.64  ? 676 HOH A O   1 
HETATM 983  O O   . HOH C 3 .   ? -6.264  2.943   -20.189 1.00 57.65  ? 677 HOH A O   1 
HETATM 984  O O   . HOH C 3 .   ? 13.962  -13.483 6.102   1.00 54.60  ? 678 HOH A O   1 
HETATM 985  O O   . HOH C 3 .   ? -12.217 8.061   3.535   1.00 46.63  ? 679 HOH A O   1 
HETATM 986  O O   . HOH C 3 .   ? -11.617 1.478   10.476  1.00 55.17  ? 680 HOH A O   1 
HETATM 987  O O   . HOH C 3 .   ? 4.516   8.648   11.830  1.00 63.31  ? 681 HOH A O   1 
HETATM 988  O O   . HOH C 3 .   ? -2.662  0.085   -21.884 1.00 54.45  ? 682 HOH A O   1 
HETATM 989  O O   . HOH C 3 .   ? -6.382  -3.489  17.039  1.00 51.76  ? 683 HOH A O   1 
HETATM 990  O O   . HOH C 3 .   ? 10.506  13.441  -3.810  1.00 67.15  ? 684 HOH A O   1 
HETATM 991  O O   . HOH C 3 .   ? 4.207   11.817  -2.201  1.00 59.58  ? 685 HOH A O   1 
HETATM 992  O O   . HOH C 3 .   ? -3.411  12.739  -22.609 1.00 60.92  ? 686 HOH A O   1 
HETATM 993  O O   . HOH C 3 .   ? 8.823   2.886   8.047   1.00 42.17  ? 687 HOH A O   1 
HETATM 994  O O   . HOH C 3 .   ? 8.283   -10.785 18.307  1.00 52.61  ? 688 HOH A O   1 
HETATM 995  O O   . HOH C 3 .   ? 1.646   -9.845  -7.994  1.00 56.15  ? 689 HOH A O   1 
HETATM 996  O O   . HOH C 3 .   ? 2.254   10.106  14.006  1.00 56.17  ? 690 HOH A O   1 
HETATM 997  O O   . HOH C 3 .   ? -13.659 -1.265  -10.306 1.00 56.17  ? 691 HOH A O   1 
HETATM 998  O O   . HOH C 3 .   ? 9.950   -4.933  -1.887  1.00 50.46  ? 692 HOH A O   1 
HETATM 999  O O   . HOH C 3 .   ? -2.310  16.064  -5.181  1.00 44.88  ? 693 HOH A O   1 
HETATM 1000 O O   . HOH C 3 .   ? 2.115   -1.936  14.454  1.00 62.75  ? 694 HOH A O   1 
HETATM 1001 O O   . HOH C 3 .   ? -1.930  -5.742  -12.361 1.00 46.98  ? 695 HOH A O   1 
HETATM 1002 O O   . HOH C 3 .   ? 6.266   6.032   14.790  1.00 63.80  ? 696 HOH A O   1 
HETATM 1003 O O   . HOH C 3 .   ? 7.755   5.938   10.083  1.00 54.94  ? 697 HOH A O   1 
HETATM 1004 O O   . HOH C 3 .   ? -2.811  -11.238 -3.292  1.00 64.03  ? 698 HOH A O   1 
HETATM 1005 O O   . HOH C 3 .   ? 7.709   9.476   4.015   1.00 49.05  ? 699 HOH A O   1 
HETATM 1006 O O   . HOH C 3 .   ? 13.513  -4.949  0.187   1.00 47.73  ? 700 HOH A O   1 
HETATM 1007 O O   . HOH C 3 .   ? 3.286   -22.453 -4.422  1.00 58.96  ? 701 HOH A O   1 
HETATM 1008 O O   . HOH C 3 .   ? 6.905   -1.398  15.325  1.00 49.02  ? 702 HOH A O   1 
HETATM 1009 O O   . HOH C 3 .   ? 7.377   18.730  11.083  1.00 57.12  ? 703 HOH A O   1 
# 
